data_7PWX
#
_entry.id   7PWX
#
_cell.length_a   79.407
_cell.length_b   150.429
_cell.length_c   107.370
_cell.angle_alpha   90.000
_cell.angle_beta   98.850
_cell.angle_gamma   90.000
#
_symmetry.space_group_name_H-M   'P 1 21 1'
#
loop_
_entity.id
_entity.type
_entity.pdbx_description
1 polymer "Deoxyuridine 5'-triphosphate nucleotidohydrolase"
2 polymer Orf20
3 non-polymer 2-AMINO-2-HYDROXYMETHYL-PROPANE-1,3-DIOL
4 non-polymer 1,2-ETHANEDIOL
5 non-polymer DI(HYDROXYETHYL)ETHER
6 water water
#
loop_
_entity_poly.entity_id
_entity_poly.type
_entity_poly.pdbx_seq_one_letter_code
_entity_poly.pdbx_strand_id
1 'polypeptide(L)'
;MSTTLAIVRLDPGLPLPSRAHDGDAGVDLYSAEDVELAPGRRALVRTGVAVAVPFGMVGLVHPRSGLATRVGLSIVNSPG
TIDAGYRGEIKVALINLDPAAPIVVHRGDRIAQLLVQRVELVELVEVSSFDEAGLA
;
HHH,III,JJJ,KKK,LLL,MMM
2 'polypeptide(L)'
;AELPTHYGTIIKTLRKYMKLTQSKLSERTGFSQNTISNHENGNRNIGVNEIEIYGKGLGIPSYILHRISDEFKEKGYSPT
LNDFGKFDKMYSYVNKAYYNDGDIYYSSYDLYDETIKLLELLKESKINVNDIDYDYVLKLYKQILST
;
CCC,DDD,EEE,FFF,GGG,AAA
#
# COMPACT_ATOMS: atom_id res chain seq x y z
N SER A 2 1.93 34.79 34.85
CA SER A 2 2.80 35.19 36.01
C SER A 2 3.91 34.15 36.26
N THR A 3 4.54 33.62 35.20
CA THR A 3 5.88 32.98 35.29
C THR A 3 6.92 34.03 34.87
N THR A 4 8.12 33.97 35.43
CA THR A 4 9.12 35.07 35.36
C THR A 4 10.29 34.62 34.49
N LEU A 5 10.73 35.49 33.58
CA LEU A 5 11.93 35.26 32.72
C LEU A 5 12.96 36.34 33.00
N ALA A 6 13.97 36.02 33.82
CA ALA A 6 15.14 36.87 34.08
C ALA A 6 15.87 37.10 32.76
N ILE A 7 16.24 38.35 32.48
CA ILE A 7 16.93 38.76 31.22
C ILE A 7 17.97 39.84 31.55
N VAL A 8 19.18 39.71 30.97
CA VAL A 8 20.31 40.65 31.18
C VAL A 8 20.47 41.45 29.89
N ARG A 9 20.49 42.78 29.98
CA ARG A 9 20.87 43.66 28.85
C ARG A 9 22.40 43.63 28.78
N LEU A 10 22.97 42.65 28.06
CA LEU A 10 24.43 42.54 27.80
C LEU A 10 24.91 43.76 27.01
N ASP A 11 23.98 44.43 26.30
CA ASP A 11 24.19 45.66 25.49
C ASP A 11 23.17 46.71 25.92
N PRO A 12 23.57 47.71 26.75
CA PRO A 12 22.62 48.60 27.40
C PRO A 12 22.00 49.66 26.48
N GLY A 13 22.64 49.91 25.33
CA GLY A 13 22.17 50.88 24.32
C GLY A 13 20.86 50.48 23.67
N LEU A 14 20.45 49.21 23.77
CA LEU A 14 19.21 48.69 23.12
C LEU A 14 18.05 48.67 24.12
N PRO A 15 16.80 48.72 23.63
CA PRO A 15 15.64 48.62 24.51
C PRO A 15 15.53 47.22 25.13
N LEU A 16 14.84 47.11 26.27
CA LEU A 16 14.46 45.81 26.90
C LEU A 16 13.35 45.19 26.05
N PRO A 17 13.49 43.93 25.60
CA PRO A 17 12.38 43.21 24.96
C PRO A 17 11.09 43.38 25.76
N SER A 18 9.94 43.45 25.08
CA SER A 18 8.64 43.75 25.73
C SER A 18 7.47 43.06 25.02
N ARG A 19 6.44 42.69 25.80
CA ARG A 19 5.16 42.15 25.29
C ARG A 19 4.23 43.31 24.92
N ALA A 20 3.99 43.51 23.61
CA ALA A 20 3.17 44.62 23.06
C ALA A 20 1.76 44.58 23.66
N HIS A 21 1.02 43.48 23.48
CA HIS A 21 -0.34 43.28 24.06
C HIS A 21 -0.32 42.09 25.03
N ASP A 22 -1.42 41.85 25.76
CA ASP A 22 -1.45 40.87 26.89
C ASP A 22 -1.45 39.44 26.35
N GLY A 23 -2.16 39.18 25.24
CA GLY A 23 -2.33 37.83 24.68
C GLY A 23 -1.21 37.42 23.73
N ASP A 24 -0.26 38.33 23.44
CA ASP A 24 0.78 38.19 22.39
C ASP A 24 1.86 37.17 22.82
N ALA A 25 2.07 36.14 22.01
CA ALA A 25 2.94 34.98 22.32
C ALA A 25 4.41 35.42 22.47
N GLY A 26 4.82 36.43 21.69
CA GLY A 26 6.23 36.77 21.48
C GLY A 26 6.65 38.07 22.12
N VAL A 27 7.96 38.21 22.35
CA VAL A 27 8.59 39.54 22.60
C VAL A 27 9.67 39.73 21.52
N ASP A 28 9.67 40.87 20.84
CA ASP A 28 10.60 41.18 19.73
C ASP A 28 11.99 41.25 20.32
N LEU A 29 12.97 40.59 19.68
CA LEU A 29 14.42 40.83 19.89
C LEU A 29 14.91 41.84 18.86
N TYR A 30 16.05 42.50 19.13
CA TYR A 30 16.67 43.55 18.27
C TYR A 30 18.10 43.14 17.87
N SER A 31 18.56 43.52 16.67
CA SER A 31 20.00 43.43 16.30
C SER A 31 20.82 44.42 17.14
N ALA A 32 21.99 43.97 17.59
CA ALA A 32 23.03 44.78 18.25
C ALA A 32 23.98 45.33 17.20
N GLU A 33 24.00 44.72 16.00
CA GLU A 33 24.95 45.05 14.92
C GLU A 33 24.19 45.30 13.61
N ASP A 34 24.76 46.14 12.75
CA ASP A 34 24.43 46.26 11.32
C ASP A 34 25.00 45.05 10.57
N VAL A 35 24.17 44.36 9.78
CA VAL A 35 24.60 43.29 8.84
C VAL A 35 24.00 43.62 7.47
N GLU A 36 24.80 43.54 6.41
CA GLU A 36 24.30 43.43 5.02
C GLU A 36 24.38 41.94 4.64
N LEU A 37 23.25 41.32 4.32
CA LEU A 37 23.17 39.97 3.70
C LEU A 37 22.88 40.09 2.21
N ALA A 38 23.83 39.71 1.37
CA ALA A 38 23.57 39.47 -0.08
C ALA A 38 22.56 38.34 -0.26
N PRO A 39 21.89 38.24 -1.42
CA PRO A 39 20.99 37.11 -1.70
C PRO A 39 21.61 35.73 -1.44
N GLY A 40 20.97 34.94 -0.56
CA GLY A 40 21.36 33.55 -0.24
C GLY A 40 22.24 33.44 1.00
N ARG A 41 22.91 34.53 1.39
CA ARG A 41 23.95 34.50 2.46
C ARG A 41 23.26 34.60 3.81
N ARG A 42 23.94 34.10 4.84
CA ARG A 42 23.45 34.09 6.24
C ARG A 42 24.49 34.78 7.12
N ALA A 43 24.10 35.09 8.35
CA ALA A 43 24.96 35.74 9.36
C ALA A 43 24.36 35.51 10.75
N LEU A 44 25.25 35.24 11.70
CA LEU A 44 24.88 35.01 13.12
C LEU A 44 24.95 36.35 13.81
N VAL A 45 23.81 36.96 14.13
CA VAL A 45 23.80 38.36 14.65
C VAL A 45 23.36 38.33 16.11
N ARG A 46 24.12 39.03 16.95
CA ARG A 46 23.88 39.20 18.41
C ARG A 46 22.59 40.00 18.61
N THR A 47 21.87 39.77 19.70
CA THR A 47 20.66 40.54 20.10
C THR A 47 20.94 41.35 21.38
N GLY A 48 22.11 41.14 21.99
CA GLY A 48 22.54 41.83 23.22
C GLY A 48 21.65 41.53 24.41
N VAL A 49 21.16 40.29 24.52
CA VAL A 49 20.44 39.80 25.74
C VAL A 49 20.83 38.35 26.05
N ALA A 50 20.83 38.01 27.32
CA ALA A 50 20.75 36.61 27.81
C ALA A 50 19.45 36.48 28.63
N VAL A 51 18.89 35.27 28.67
CA VAL A 51 17.61 34.97 29.37
C VAL A 51 17.80 33.72 30.23
N ALA A 52 16.94 33.52 31.24
CA ALA A 52 16.95 32.30 32.09
C ALA A 52 15.65 31.56 31.88
N VAL A 53 15.61 30.73 30.84
CA VAL A 53 14.44 29.85 30.58
C VAL A 53 14.35 28.89 31.76
N PRO A 54 13.22 28.98 32.52
CA PRO A 54 12.95 28.09 33.64
C PRO A 54 13.12 26.61 33.27
N PHE A 55 13.58 25.80 34.22
CA PHE A 55 13.65 24.33 34.05
C PHE A 55 12.23 23.84 33.71
N GLY A 56 12.13 22.88 32.79
CA GLY A 56 10.87 22.31 32.28
C GLY A 56 10.33 23.11 31.11
N MET A 57 11.12 24.06 30.59
CA MET A 57 10.67 24.95 29.50
C MET A 57 11.76 25.04 28.43
N VAL A 58 11.40 25.67 27.32
CA VAL A 58 12.28 25.96 26.16
C VAL A 58 11.95 27.37 25.67
N GLY A 59 13.00 28.10 25.29
CA GLY A 59 12.89 29.38 24.56
C GLY A 59 12.93 29.14 23.07
N LEU A 60 12.06 29.82 22.33
CA LEU A 60 11.94 29.63 20.87
C LEU A 60 12.07 30.98 20.15
N VAL A 61 13.07 31.07 19.27
CA VAL A 61 13.32 32.25 18.39
C VAL A 61 12.68 32.02 17.01
N HIS A 62 11.65 32.81 16.70
CA HIS A 62 10.84 32.78 15.45
C HIS A 62 11.24 33.94 14.54
N PRO A 63 11.12 33.80 13.21
CA PRO A 63 11.23 34.95 12.32
C PRO A 63 9.92 35.75 12.38
N ARG A 64 9.95 37.04 12.04
CA ARG A 64 8.77 37.95 12.07
C ARG A 64 8.20 38.08 10.65
N SER A 65 6.87 38.04 10.53
CA SER A 65 6.13 37.98 9.24
C SER A 65 6.56 39.14 8.31
N GLY A 66 6.57 40.36 8.84
CA GLY A 66 6.86 41.59 8.08
C GLY A 66 8.06 41.45 7.17
N LEU A 67 9.26 41.28 7.74
CA LEU A 67 10.52 41.18 6.96
C LEU A 67 10.45 39.95 6.04
N ALA A 68 9.76 38.90 6.47
CA ALA A 68 9.70 37.61 5.76
C ALA A 68 8.95 37.80 4.44
N THR A 69 7.73 38.30 4.53
CA THR A 69 6.85 38.54 3.36
C THR A 69 7.51 39.56 2.43
N ARG A 70 8.03 40.66 2.97
CA ARG A 70 8.34 41.91 2.22
C ARG A 70 9.77 41.90 1.65
N VAL A 71 10.76 41.29 2.29
CA VAL A 71 12.16 41.31 1.76
C VAL A 71 12.84 39.93 1.81
N GLY A 72 12.17 38.90 2.32
CA GLY A 72 12.60 37.48 2.30
C GLY A 72 13.51 37.11 3.47
N LEU A 73 13.40 37.82 4.59
CA LEU A 73 14.32 37.63 5.75
C LEU A 73 13.80 36.46 6.58
N SER A 74 14.67 35.47 6.81
CA SER A 74 14.33 34.21 7.51
C SER A 74 15.43 33.84 8.50
N ILE A 75 15.20 32.78 9.27
CA ILE A 75 16.18 32.18 10.22
C ILE A 75 16.47 30.76 9.72
N VAL A 76 17.76 30.47 9.44
CA VAL A 76 18.27 29.17 8.92
C VAL A 76 17.77 28.02 9.80
N ASN A 77 18.02 28.09 11.12
CA ASN A 77 17.64 27.03 12.08
C ASN A 77 16.28 27.31 12.70
N SER A 78 15.33 27.88 11.96
CA SER A 78 14.03 28.27 12.56
C SER A 78 13.26 27.03 12.99
N PRO A 79 12.59 27.04 14.16
CA PRO A 79 12.80 28.06 15.18
C PRO A 79 14.05 27.79 16.04
N GLY A 80 14.77 28.86 16.40
CA GLY A 80 15.91 28.78 17.34
C GLY A 80 15.47 28.20 18.68
N THR A 81 16.17 27.17 19.15
CA THR A 81 15.93 26.46 20.44
C THR A 81 16.86 27.07 21.49
N ILE A 82 16.29 27.66 22.54
CA ILE A 82 17.10 28.14 23.69
C ILE A 82 16.83 27.20 24.88
N ASP A 83 17.81 26.37 25.19
CA ASP A 83 17.85 25.47 26.36
C ASP A 83 17.73 26.30 27.66
N ALA A 84 17.25 25.65 28.72
CA ALA A 84 17.00 26.22 30.06
C ALA A 84 18.32 26.39 30.82
N GLY A 85 19.35 25.67 30.39
CA GLY A 85 20.70 25.79 30.94
C GLY A 85 21.52 26.88 30.28
N TYR A 86 21.09 27.42 29.13
CA TYR A 86 21.86 28.44 28.35
C TYR A 86 21.76 29.80 29.03
N ARG A 87 22.91 30.40 29.34
CA ARG A 87 22.99 31.70 30.08
C ARG A 87 23.80 32.74 29.30
N GLY A 88 24.32 32.37 28.13
CA GLY A 88 25.00 33.27 27.18
C GLY A 88 24.04 34.12 26.36
N GLU A 89 24.60 34.93 25.46
CA GLU A 89 23.86 35.88 24.59
C GLU A 89 22.99 35.08 23.60
N ILE A 90 21.73 35.46 23.49
CA ILE A 90 20.83 35.01 22.39
C ILE A 90 21.39 35.55 21.06
N LYS A 91 21.67 34.63 20.12
CA LYS A 91 22.07 34.96 18.74
C LYS A 91 21.03 34.38 17.76
N VAL A 92 20.92 34.99 16.59
CA VAL A 92 19.88 34.73 15.56
C VAL A 92 20.60 34.49 14.22
N ALA A 93 20.40 33.30 13.64
CA ALA A 93 21.03 32.90 12.37
C ALA A 93 20.14 33.38 11.23
N LEU A 94 20.37 34.62 10.75
CA LEU A 94 19.55 35.27 9.69
C LEU A 94 20.07 34.80 8.32
N ILE A 95 19.16 34.45 7.42
CA ILE A 95 19.44 34.19 5.99
C ILE A 95 18.52 35.05 5.12
N ASN A 96 19.07 35.59 4.04
CA ASN A 96 18.31 36.34 3.00
C ASN A 96 17.84 35.36 1.93
N LEU A 97 16.53 35.14 1.82
CA LEU A 97 15.92 34.13 0.91
C LEU A 97 15.30 34.80 -0.32
N ASP A 98 15.52 36.11 -0.50
CA ASP A 98 15.17 36.82 -1.77
C ASP A 98 16.24 36.48 -2.79
N PRO A 99 15.91 36.32 -4.10
CA PRO A 99 16.90 35.91 -5.09
C PRO A 99 17.80 37.06 -5.62
N ALA A 100 17.44 38.33 -5.39
CA ALA A 100 18.08 39.49 -6.06
C ALA A 100 18.43 40.64 -5.10
N ALA A 101 17.44 41.17 -4.36
CA ALA A 101 17.62 42.29 -3.41
C ALA A 101 18.52 41.88 -2.24
N PRO A 102 19.58 42.65 -1.89
CA PRO A 102 20.23 42.49 -0.59
C PRO A 102 19.31 42.99 0.55
N ILE A 103 19.51 42.45 1.75
CA ILE A 103 18.83 42.90 2.99
C ILE A 103 19.89 43.56 3.88
N VAL A 104 19.57 44.71 4.45
CA VAL A 104 20.47 45.42 5.40
C VAL A 104 19.72 45.60 6.72
N VAL A 105 20.10 44.79 7.72
CA VAL A 105 19.66 44.92 9.15
C VAL A 105 20.56 45.97 9.81
N HIS A 106 19.95 46.95 10.49
CA HIS A 106 20.62 47.98 11.30
C HIS A 106 20.47 47.65 12.79
N ARG A 107 21.47 48.03 13.59
CA ARG A 107 21.36 48.13 15.06
C ARG A 107 19.99 48.72 15.45
N GLY A 108 19.21 47.99 16.24
CA GLY A 108 17.93 48.46 16.78
C GLY A 108 16.72 47.95 16.03
N ASP A 109 16.88 47.33 14.86
CA ASP A 109 15.74 46.73 14.12
C ASP A 109 15.23 45.48 14.84
N ARG A 110 13.92 45.23 14.82
CA ARG A 110 13.29 43.96 15.26
C ARG A 110 13.67 42.84 14.29
N ILE A 111 14.38 41.79 14.75
CA ILE A 111 14.83 40.68 13.85
C ILE A 111 14.21 39.32 14.19
N ALA A 112 13.45 39.19 15.29
CA ALA A 112 12.86 37.89 15.70
C ALA A 112 11.84 38.08 16.82
N GLN A 113 10.90 37.13 16.93
CA GLN A 113 10.02 36.94 18.12
C GLN A 113 10.67 35.90 19.04
N LEU A 114 10.76 36.16 20.35
CA LEU A 114 11.11 35.14 21.37
C LEU A 114 9.82 34.61 22.00
N LEU A 115 9.56 33.32 21.85
CA LEU A 115 8.47 32.59 22.55
C LEU A 115 9.06 31.78 23.69
N VAL A 116 8.34 31.65 24.80
CA VAL A 116 8.65 30.68 25.90
C VAL A 116 7.51 29.66 26.00
N GLN A 117 7.83 28.38 25.85
CA GLN A 117 6.84 27.28 25.97
C GLN A 117 7.35 26.19 26.91
N ARG A 118 6.41 25.47 27.54
CA ARG A 118 6.68 24.19 28.24
C ARG A 118 7.16 23.16 27.21
N VAL A 119 8.07 22.27 27.64
CA VAL A 119 8.57 21.11 26.85
C VAL A 119 8.50 19.86 27.76
N GLU A 120 8.07 18.71 27.21
CA GLU A 120 8.12 17.41 27.91
C GLU A 120 9.56 16.91 27.90
N LEU A 121 10.17 16.86 29.09
CA LEU A 121 11.51 16.30 29.30
C LEU A 121 11.40 14.79 29.47
N VAL A 122 10.95 14.12 28.40
CA VAL A 122 10.64 12.65 28.33
C VAL A 122 11.96 11.88 28.35
N GLU A 123 11.94 10.65 28.88
CA GLU A 123 13.11 9.71 28.89
C GLU A 123 12.85 8.64 27.83
N LEU A 124 13.82 8.38 26.96
CA LEU A 124 13.63 7.52 25.75
C LEU A 124 13.93 6.07 26.11
N VAL A 125 12.91 5.21 26.08
CA VAL A 125 13.01 3.75 26.37
C VAL A 125 12.80 2.94 25.09
N GLU A 126 13.81 2.20 24.66
CA GLU A 126 13.69 1.22 23.55
C GLU A 126 12.68 0.13 23.92
N VAL A 127 11.79 -0.23 22.99
CA VAL A 127 10.82 -1.34 23.11
C VAL A 127 11.02 -2.28 21.93
N SER A 128 10.77 -3.58 22.12
CA SER A 128 10.95 -4.67 21.11
C SER A 128 10.25 -4.28 19.82
N SER A 129 9.00 -3.83 19.95
CA SER A 129 8.06 -3.40 18.89
C SER A 129 6.90 -2.68 19.56
N PHE A 130 6.22 -1.78 18.87
CA PHE A 130 5.12 -0.97 19.45
C PHE A 130 3.93 -1.89 19.70
N ASP A 131 3.79 -2.93 18.87
CA ASP A 131 2.67 -3.90 18.94
C ASP A 131 2.63 -4.46 20.37
N GLU A 132 3.77 -5.00 20.86
CA GLU A 132 3.93 -5.55 22.23
C GLU A 132 3.62 -4.46 23.25
N ALA A 133 4.29 -3.31 23.17
CA ALA A 133 4.07 -2.21 24.13
C ALA A 133 3.07 -1.19 23.57
N GLY A 134 1.80 -1.56 23.41
CA GLY A 134 0.76 -0.61 22.95
C GLY A 134 0.55 -0.66 21.45
N LEU A 135 0.14 0.45 20.85
CA LEU A 135 -0.16 0.48 19.39
C LEU A 135 1.12 0.26 18.60
N SER B 2 9.68 12.21 33.62
CA SER B 2 8.80 11.16 34.18
C SER B 2 8.04 10.50 33.05
N THR B 3 7.70 11.27 32.01
CA THR B 3 7.00 10.71 30.84
C THR B 3 8.00 9.85 30.07
N THR B 4 7.56 8.72 29.55
CA THR B 4 8.48 7.81 28.81
C THR B 4 8.06 7.79 27.35
N LEU B 5 8.96 8.18 26.46
CA LEU B 5 8.65 8.08 25.02
C LEU B 5 9.14 6.72 24.56
N ALA B 6 8.21 5.81 24.28
CA ALA B 6 8.62 4.49 23.73
C ALA B 6 9.21 4.67 22.33
N ILE B 7 10.34 4.03 22.06
CA ILE B 7 11.06 4.16 20.75
C ILE B 7 11.51 2.78 20.28
N VAL B 8 11.43 2.56 18.97
CA VAL B 8 11.90 1.31 18.30
C VAL B 8 13.12 1.66 17.46
N ARG B 9 14.22 0.93 17.62
CA ARG B 9 15.47 1.17 16.85
C ARG B 9 15.43 0.29 15.61
N LEU B 10 14.89 0.80 14.50
CA LEU B 10 14.85 0.12 13.19
C LEU B 10 16.29 -0.22 12.77
N ASP B 11 17.22 0.68 13.08
CA ASP B 11 18.66 0.51 12.76
C ASP B 11 19.42 0.23 14.05
N PRO B 12 19.79 -1.05 14.29
CA PRO B 12 20.45 -1.42 15.55
C PRO B 12 21.90 -0.95 15.63
N GLY B 13 22.45 -0.38 14.54
CA GLY B 13 23.85 0.07 14.43
C GLY B 13 24.10 1.45 15.04
N LEU B 14 23.03 2.19 15.35
CA LEU B 14 23.09 3.53 16.00
C LEU B 14 22.63 3.42 17.44
N PRO B 15 23.15 4.24 18.37
CA PRO B 15 22.69 4.22 19.75
C PRO B 15 21.30 4.83 19.89
N LEU B 16 20.51 4.31 20.82
CA LEU B 16 19.34 5.03 21.39
C LEU B 16 19.72 6.50 21.50
N PRO B 17 18.92 7.45 20.96
CA PRO B 17 19.13 8.87 21.23
C PRO B 17 18.96 9.11 22.74
N SER B 18 19.46 10.23 23.26
CA SER B 18 19.46 10.48 24.72
C SER B 18 19.69 11.95 25.04
N ARG B 19 18.83 12.51 25.89
CA ARG B 19 18.89 13.90 26.42
C ARG B 19 20.23 14.09 27.13
N ALA B 20 21.11 14.92 26.58
CA ALA B 20 22.54 15.04 26.94
C ALA B 20 22.69 15.76 28.29
N HIS B 21 21.79 16.70 28.58
CA HIS B 21 21.85 17.57 29.78
C HIS B 21 20.44 17.72 30.35
N ASP B 22 20.32 17.96 31.65
CA ASP B 22 19.10 17.65 32.44
C ASP B 22 17.87 18.34 31.85
N GLY B 23 17.97 19.64 31.54
CA GLY B 23 16.82 20.49 31.18
C GLY B 23 16.71 20.75 29.69
N ASP B 24 17.66 20.24 28.90
CA ASP B 24 17.69 20.39 27.42
C ASP B 24 16.32 20.01 26.87
N ALA B 25 15.85 20.74 25.86
CA ALA B 25 14.47 20.67 25.34
C ALA B 25 14.32 19.47 24.40
N GLY B 26 15.42 18.99 23.82
CA GLY B 26 15.36 17.99 22.74
C GLY B 26 16.46 16.96 22.84
N VAL B 27 16.39 15.92 22.02
CA VAL B 27 17.39 14.83 21.99
C VAL B 27 17.80 14.69 20.53
N ASP B 28 19.10 14.67 20.26
CA ASP B 28 19.61 14.69 18.87
C ASP B 28 19.18 13.39 18.24
N LEU B 29 18.88 13.41 16.95
CA LEU B 29 18.65 12.20 16.13
C LEU B 29 19.87 12.02 15.21
N TYR B 30 20.36 10.80 15.05
CA TYR B 30 21.58 10.51 14.25
C TYR B 30 21.12 10.35 12.81
N SER B 31 22.01 10.53 11.84
CA SER B 31 21.81 10.06 10.46
C SER B 31 22.09 8.57 10.43
N ALA B 32 21.24 7.80 9.76
CA ALA B 32 21.47 6.38 9.48
C ALA B 32 22.20 6.23 8.13
N GLU B 33 22.39 7.31 7.36
CA GLU B 33 22.99 7.21 6.01
C GLU B 33 23.97 8.34 5.71
N ASP B 34 25.02 8.01 4.96
CA ASP B 34 25.99 8.94 4.35
C ASP B 34 25.31 9.65 3.16
N VAL B 35 25.22 10.98 3.19
CA VAL B 35 24.63 11.80 2.09
C VAL B 35 25.57 12.97 1.80
N GLU B 36 25.56 13.43 0.56
CA GLU B 36 26.18 14.71 0.12
C GLU B 36 25.05 15.57 -0.46
N LEU B 37 24.85 16.78 0.08
CA LEU B 37 23.88 17.79 -0.43
C LEU B 37 24.62 18.90 -1.19
N ALA B 38 24.38 19.03 -2.49
CA ALA B 38 24.89 20.13 -3.32
C ALA B 38 24.10 21.39 -2.97
N PRO B 39 24.66 22.59 -3.22
CA PRO B 39 23.98 23.83 -2.84
C PRO B 39 22.55 23.87 -3.37
N GLY B 40 21.58 24.14 -2.49
CA GLY B 40 20.19 24.43 -2.82
C GLY B 40 19.43 23.15 -3.02
N ARG B 41 20.10 22.01 -2.91
CA ARG B 41 19.51 20.68 -3.16
C ARG B 41 19.09 20.11 -1.80
N ARG B 42 18.17 19.16 -1.78
CA ARG B 42 17.57 18.66 -0.52
C ARG B 42 17.56 17.13 -0.55
N ALA B 43 17.26 16.53 0.60
CA ALA B 43 17.41 15.07 0.83
C ALA B 43 16.54 14.69 2.03
N LEU B 44 15.75 13.63 1.89
CA LEU B 44 15.02 13.03 3.05
C LEU B 44 15.92 11.94 3.67
N VAL B 45 16.34 12.11 4.92
CA VAL B 45 17.40 11.27 5.54
C VAL B 45 16.83 10.48 6.72
N ARG B 46 16.98 9.15 6.68
CA ARG B 46 16.51 8.21 7.74
C ARG B 46 17.33 8.42 9.02
N THR B 47 16.69 8.38 10.19
CA THR B 47 17.34 8.58 11.51
C THR B 47 17.48 7.24 12.27
N GLY B 48 16.99 6.14 11.68
CA GLY B 48 17.10 4.77 12.24
C GLY B 48 16.22 4.51 13.46
N VAL B 49 15.24 5.37 13.76
CA VAL B 49 14.32 5.18 14.92
C VAL B 49 12.87 5.48 14.51
N ALA B 50 11.95 5.01 15.34
CA ALA B 50 10.49 5.26 15.27
C ALA B 50 10.02 5.48 16.71
N VAL B 51 9.04 6.35 16.94
CA VAL B 51 8.64 6.73 18.32
C VAL B 51 7.11 6.73 18.38
N ALA B 52 6.59 6.65 19.60
CA ALA B 52 5.16 6.71 19.92
C ALA B 52 4.93 7.96 20.77
N VAL B 53 4.64 9.05 20.10
CA VAL B 53 4.30 10.32 20.79
C VAL B 53 2.95 10.04 21.45
N PRO B 54 2.87 10.18 22.79
CA PRO B 54 1.60 10.10 23.51
C PRO B 54 0.49 10.92 22.87
N PHE B 55 -0.75 10.42 22.97
CA PHE B 55 -1.97 11.17 22.62
C PHE B 55 -1.98 12.45 23.46
N GLY B 56 -2.19 13.61 22.81
CA GLY B 56 -2.26 14.93 23.47
C GLY B 56 -0.92 15.64 23.45
N MET B 57 0.07 15.04 22.76
CA MET B 57 1.42 15.60 22.55
C MET B 57 1.79 15.55 21.05
N VAL B 58 2.91 16.16 20.67
CA VAL B 58 3.41 16.14 19.26
C VAL B 58 4.95 16.00 19.26
N GLY B 59 5.49 15.30 18.27
CA GLY B 59 6.93 15.23 17.98
C GLY B 59 7.28 16.39 17.08
N LEU B 60 8.39 17.07 17.35
CA LEU B 60 8.84 18.30 16.64
C LEU B 60 10.32 18.16 16.34
N VAL B 61 10.67 18.12 15.05
CA VAL B 61 12.07 17.98 14.54
C VAL B 61 12.62 19.37 14.18
N HIS B 62 13.51 19.86 15.02
CA HIS B 62 14.21 21.16 14.89
C HIS B 62 15.57 20.91 14.29
N PRO B 63 16.11 21.88 13.51
CA PRO B 63 17.46 21.78 12.98
C PRO B 63 18.44 22.22 14.08
N ARG B 64 19.70 21.78 13.96
CA ARG B 64 20.80 22.08 14.92
C ARG B 64 21.49 23.39 14.52
N SER B 65 21.68 24.31 15.47
CA SER B 65 22.17 25.69 15.23
C SER B 65 23.61 25.68 14.72
N GLY B 66 24.42 24.74 15.21
CA GLY B 66 25.80 24.50 14.72
C GLY B 66 25.82 24.33 13.22
N LEU B 67 25.16 23.30 12.69
CA LEU B 67 25.22 22.92 11.24
C LEU B 67 24.71 24.07 10.37
N ALA B 68 23.72 24.84 10.84
CA ALA B 68 22.98 25.85 10.07
C ALA B 68 23.80 27.13 9.88
N THR B 69 24.42 27.66 10.95
CA THR B 69 25.27 28.87 10.90
C THR B 69 26.56 28.50 10.18
N ARG B 70 27.28 27.52 10.71
CA ARG B 70 28.58 27.08 10.17
C ARG B 70 28.44 26.74 8.68
N VAL B 71 27.36 26.08 8.25
CA VAL B 71 27.38 25.37 6.94
C VAL B 71 26.09 25.56 6.14
N GLY B 72 25.03 26.13 6.72
CA GLY B 72 23.77 26.44 6.01
C GLY B 72 22.86 25.23 5.90
N LEU B 73 23.08 24.20 6.73
CA LEU B 73 22.24 22.98 6.75
C LEU B 73 20.97 23.28 7.54
N SER B 74 19.83 23.30 6.86
CA SER B 74 18.48 23.52 7.44
C SER B 74 17.54 22.34 7.13
N ILE B 75 16.29 22.45 7.57
CA ILE B 75 15.18 21.48 7.36
C ILE B 75 14.08 22.17 6.54
N VAL B 76 13.58 21.52 5.49
CA VAL B 76 12.65 22.16 4.52
C VAL B 76 11.32 22.41 5.23
N ASN B 77 10.85 21.44 6.00
CA ASN B 77 9.51 21.45 6.63
C ASN B 77 9.66 21.73 8.13
N SER B 78 10.57 22.61 8.50
CA SER B 78 10.86 22.90 9.92
C SER B 78 9.73 23.75 10.49
N PRO B 79 9.17 23.43 11.67
CA PRO B 79 9.58 22.28 12.46
C PRO B 79 8.77 21.08 11.99
N GLY B 80 9.43 19.95 11.72
CA GLY B 80 8.75 18.74 11.20
C GLY B 80 7.85 18.14 12.25
N THR B 81 6.57 17.96 11.93
CA THR B 81 5.51 17.44 12.83
C THR B 81 5.53 15.90 12.79
N ILE B 82 5.81 15.24 13.92
CA ILE B 82 5.49 13.81 14.17
C ILE B 82 4.15 13.73 14.90
N ASP B 83 3.10 13.27 14.23
CA ASP B 83 1.75 13.09 14.82
C ASP B 83 1.77 11.90 15.79
N ALA B 84 0.92 11.94 16.81
CA ALA B 84 0.78 10.87 17.82
C ALA B 84 0.44 9.54 17.15
N GLY B 85 -0.28 9.58 16.03
CA GLY B 85 -0.73 8.35 15.36
C GLY B 85 0.42 7.67 14.64
N TYR B 86 1.52 8.37 14.41
CA TYR B 86 2.54 7.92 13.43
C TYR B 86 3.42 6.86 14.08
N ARG B 87 3.78 5.79 13.36
CA ARG B 87 4.61 4.68 13.92
C ARG B 87 5.65 4.22 12.90
N GLY B 88 5.94 5.01 11.88
CA GLY B 88 7.00 4.76 10.91
C GLY B 88 8.34 5.34 11.35
N GLU B 89 9.40 5.00 10.61
CA GLU B 89 10.75 5.56 10.79
C GLU B 89 10.67 7.08 10.77
N ILE B 90 11.29 7.76 11.72
CA ILE B 90 11.41 9.25 11.72
C ILE B 90 12.49 9.61 10.69
N LYS B 91 12.17 10.44 9.70
CA LYS B 91 13.13 10.97 8.70
C LYS B 91 13.21 12.51 8.77
N VAL B 92 14.32 13.08 8.28
CA VAL B 92 14.60 14.55 8.34
C VAL B 92 14.86 15.07 6.92
N ALA B 93 14.06 16.06 6.49
CA ALA B 93 14.12 16.72 5.16
C ALA B 93 15.22 17.80 5.16
N LEU B 94 16.48 17.39 5.00
CA LEU B 94 17.62 18.33 5.05
C LEU B 94 17.63 19.15 3.76
N ILE B 95 18.23 20.34 3.80
CA ILE B 95 18.45 21.20 2.60
C ILE B 95 19.71 22.04 2.82
N ASN B 96 20.51 22.19 1.78
CA ASN B 96 21.76 22.97 1.81
C ASN B 96 21.40 24.40 1.40
N LEU B 97 21.27 25.29 2.37
CA LEU B 97 20.87 26.69 2.10
C LEU B 97 22.08 27.60 1.90
N ASP B 98 23.28 27.02 1.80
CA ASP B 98 24.52 27.73 1.38
C ASP B 98 24.57 27.76 -0.15
N PRO B 99 25.00 28.90 -0.75
CA PRO B 99 25.02 29.03 -2.21
C PRO B 99 26.15 28.35 -3.01
N ALA B 100 27.17 27.73 -2.38
CA ALA B 100 28.35 27.23 -3.12
C ALA B 100 28.93 25.94 -2.54
N ALA B 101 29.00 25.77 -1.22
CA ALA B 101 29.68 24.62 -0.54
C ALA B 101 28.73 23.44 -0.36
N PRO B 102 29.04 22.23 -0.91
CA PRO B 102 28.26 21.03 -0.63
C PRO B 102 28.44 20.60 0.84
N ILE B 103 27.40 20.01 1.43
CA ILE B 103 27.45 19.46 2.82
C ILE B 103 27.57 17.94 2.72
N VAL B 104 28.42 17.35 3.53
CA VAL B 104 28.51 15.87 3.62
C VAL B 104 27.99 15.46 5.00
N VAL B 105 26.99 14.58 5.02
CA VAL B 105 26.45 13.96 6.26
C VAL B 105 27.02 12.54 6.32
N HIS B 106 27.46 12.11 7.50
CA HIS B 106 28.07 10.78 7.78
C HIS B 106 27.14 9.94 8.66
N ARG B 107 26.86 8.69 8.30
CA ARG B 107 26.05 7.83 9.20
C ARG B 107 26.73 7.95 10.56
N GLY B 108 25.97 8.31 11.59
CA GLY B 108 26.50 8.57 12.93
C GLY B 108 26.32 10.02 13.35
N ASP B 109 26.46 10.97 12.43
CA ASP B 109 26.32 12.44 12.68
C ASP B 109 24.96 12.74 13.33
N ARG B 110 24.95 13.61 14.33
CA ARG B 110 23.71 14.20 14.87
C ARG B 110 23.25 15.25 13.86
N ILE B 111 22.01 15.18 13.37
CA ILE B 111 21.56 16.02 12.23
C ILE B 111 20.19 16.65 12.46
N ALA B 112 19.66 16.59 13.68
CA ALA B 112 18.40 17.26 14.08
C ALA B 112 18.19 16.96 15.55
N GLN B 113 17.25 17.65 16.21
CA GLN B 113 16.89 17.34 17.62
C GLN B 113 15.36 17.19 17.71
N LEU B 114 14.91 16.17 18.45
CA LEU B 114 13.46 15.86 18.63
C LEU B 114 12.99 16.51 19.93
N LEU B 115 12.01 17.42 19.83
CA LEU B 115 11.30 17.94 21.01
C LEU B 115 9.99 17.20 21.08
N VAL B 116 9.35 17.22 22.25
CA VAL B 116 7.99 16.67 22.45
C VAL B 116 7.23 17.68 23.27
N GLN B 117 6.04 18.06 22.82
CA GLN B 117 5.21 19.04 23.54
C GLN B 117 3.76 18.60 23.55
N ARG B 118 3.06 18.93 24.63
CA ARG B 118 1.58 18.99 24.64
C ARG B 118 1.16 19.87 23.46
N VAL B 119 -0.05 19.62 22.95
CA VAL B 119 -0.69 20.31 21.80
C VAL B 119 -2.19 20.38 22.10
N GLU B 120 -2.81 21.54 22.02
CA GLU B 120 -4.28 21.66 22.20
C GLU B 120 -4.94 20.98 21.00
N LEU B 121 -5.50 19.78 21.22
CA LEU B 121 -6.33 19.06 20.23
C LEU B 121 -7.69 19.75 20.20
N VAL B 122 -7.70 20.96 19.66
CA VAL B 122 -8.85 21.90 19.75
C VAL B 122 -9.98 21.31 18.90
N GLU B 123 -11.22 21.48 19.35
CA GLU B 123 -12.45 21.21 18.57
C GLU B 123 -12.71 22.46 17.72
N LEU B 124 -12.66 22.33 16.39
CA LEU B 124 -13.08 23.43 15.48
C LEU B 124 -14.61 23.49 15.56
N VAL B 125 -15.19 24.70 15.63
CA VAL B 125 -16.65 24.94 15.50
C VAL B 125 -16.82 26.15 14.59
N GLU B 126 -17.41 25.96 13.41
CA GLU B 126 -17.68 27.06 12.47
C GLU B 126 -18.69 28.02 13.12
N VAL B 127 -18.48 29.33 12.92
CA VAL B 127 -19.42 30.42 13.27
C VAL B 127 -19.56 31.30 12.03
N SER B 128 -20.60 32.15 12.01
CA SER B 128 -20.96 33.02 10.86
C SER B 128 -20.13 34.31 10.89
N SER B 129 -19.97 34.88 12.10
CA SER B 129 -19.22 36.14 12.39
C SER B 129 -18.59 36.03 13.78
N PHE B 130 -17.45 36.69 13.97
CA PHE B 130 -16.76 36.77 15.28
C PHE B 130 -17.56 37.69 16.22
N ASP B 131 -18.21 37.10 17.22
CA ASP B 131 -18.75 37.82 18.39
C ASP B 131 -17.80 37.56 19.56
N GLU B 132 -16.54 38.02 19.40
CA GLU B 132 -15.39 37.80 20.32
C GLU B 132 -14.14 38.50 19.78
N MET C 1 -13.66 19.20 29.77
CA MET C 1 -14.02 19.02 28.32
C MET C 1 -12.91 19.62 27.44
N SER C 2 -13.00 19.40 26.12
CA SER C 2 -12.04 19.89 25.10
C SER C 2 -12.10 21.42 25.00
N THR C 3 -11.08 22.03 24.38
CA THR C 3 -11.00 23.49 24.07
C THR C 3 -11.59 23.74 22.68
N THR C 4 -12.50 24.70 22.57
CA THR C 4 -13.15 25.14 21.31
C THR C 4 -12.20 26.08 20.56
N LEU C 5 -12.13 25.97 19.23
CA LEU C 5 -11.51 26.98 18.33
C LEU C 5 -12.57 27.47 17.34
N ALA C 6 -13.07 28.70 17.50
CA ALA C 6 -14.06 29.30 16.57
C ALA C 6 -13.34 29.55 15.24
N ILE C 7 -13.97 29.20 14.12
CA ILE C 7 -13.40 29.40 12.76
C ILE C 7 -14.50 29.99 11.88
N VAL C 8 -14.19 31.09 11.18
CA VAL C 8 -15.03 31.73 10.12
C VAL C 8 -14.50 31.27 8.75
N ARG C 9 -15.33 31.31 7.71
CA ARG C 9 -14.95 31.02 6.30
C ARG C 9 -15.16 32.27 5.44
N LEU C 10 -14.15 33.13 5.30
CA LEU C 10 -14.24 34.33 4.42
C LEU C 10 -14.48 33.87 2.96
N ASP C 11 -14.17 32.60 2.67
CA ASP C 11 -14.40 31.96 1.34
C ASP C 11 -15.09 30.62 1.55
N PRO C 12 -16.42 30.52 1.26
CA PRO C 12 -17.19 29.30 1.49
C PRO C 12 -17.03 28.20 0.43
N GLY C 13 -16.34 28.51 -0.69
CA GLY C 13 -16.04 27.56 -1.78
C GLY C 13 -15.10 26.45 -1.33
N LEU C 14 -14.34 26.71 -0.27
CA LEU C 14 -13.40 25.74 0.33
C LEU C 14 -14.10 24.95 1.44
N PRO C 15 -13.62 23.71 1.69
CA PRO C 15 -14.14 22.88 2.78
C PRO C 15 -13.51 23.37 4.09
N LEU C 16 -14.08 22.99 5.23
CA LEU C 16 -13.61 23.45 6.56
C LEU C 16 -12.38 22.66 6.95
N PRO C 17 -11.29 23.29 7.46
CA PRO C 17 -10.20 22.53 8.05
C PRO C 17 -10.81 21.52 9.02
N SER C 18 -10.28 20.30 9.04
CA SER C 18 -10.78 19.18 9.87
C SER C 18 -9.58 18.44 10.48
N ARG C 19 -9.77 17.83 11.65
CA ARG C 19 -8.75 17.00 12.34
C ARG C 19 -8.99 15.54 11.99
N ALA C 20 -8.25 15.01 11.01
CA ALA C 20 -8.47 13.70 10.35
C ALA C 20 -8.54 12.59 11.40
N HIS C 21 -7.52 12.47 12.26
CA HIS C 21 -7.44 11.46 13.34
C HIS C 21 -7.39 12.17 14.70
N ASP C 22 -7.84 11.48 15.76
CA ASP C 22 -8.18 12.07 17.08
C ASP C 22 -7.00 12.90 17.61
N GLY C 23 -5.76 12.41 17.47
CA GLY C 23 -4.57 13.01 18.10
C GLY C 23 -3.61 13.68 17.12
N ASP C 24 -4.08 14.05 15.93
CA ASP C 24 -3.28 14.76 14.89
C ASP C 24 -3.04 16.18 15.41
N ALA C 25 -1.78 16.61 15.48
CA ALA C 25 -1.39 17.89 16.11
C ALA C 25 -2.12 19.04 15.42
N GLY C 26 -2.20 18.99 14.09
CA GLY C 26 -2.67 20.09 13.24
C GLY C 26 -3.93 19.76 12.46
N VAL C 27 -4.55 20.78 11.90
CA VAL C 27 -5.65 20.66 10.90
C VAL C 27 -5.09 21.29 9.62
N ASP C 28 -5.31 20.68 8.45
CA ASP C 28 -4.69 21.20 7.21
C ASP C 28 -5.42 22.49 6.82
N LEU C 29 -4.67 23.48 6.34
CA LEU C 29 -5.22 24.70 5.71
C LEU C 29 -5.24 24.48 4.20
N TYR C 30 -6.31 24.88 3.52
CA TYR C 30 -6.40 24.82 2.04
C TYR C 30 -6.03 26.19 1.49
N SER C 31 -5.49 26.24 0.26
CA SER C 31 -5.19 27.50 -0.49
C SER C 31 -6.48 28.11 -1.02
N ALA C 32 -6.63 29.44 -0.94
CA ALA C 32 -7.84 30.15 -1.41
C ALA C 32 -7.63 30.67 -2.84
N GLU C 33 -6.50 30.38 -3.46
CA GLU C 33 -6.09 31.01 -4.74
C GLU C 33 -5.12 30.09 -5.49
N ASP C 34 -4.99 30.30 -6.81
CA ASP C 34 -4.00 29.64 -7.70
C ASP C 34 -2.76 30.55 -7.79
N VAL C 35 -1.55 29.97 -7.72
CA VAL C 35 -0.28 30.73 -7.70
C VAL C 35 0.83 29.89 -8.33
N GLU C 36 1.65 30.52 -9.16
CA GLU C 36 2.91 29.95 -9.69
C GLU C 36 4.08 30.63 -8.96
N LEU C 37 4.90 29.84 -8.26
CA LEU C 37 6.19 30.27 -7.69
C LEU C 37 7.31 29.65 -8.52
N ALA C 38 8.05 30.48 -9.27
CA ALA C 38 9.32 30.11 -9.91
C ALA C 38 10.36 29.81 -8.83
N PRO C 39 11.53 29.25 -9.18
CA PRO C 39 12.55 28.98 -8.17
C PRO C 39 12.98 30.23 -7.37
N GLY C 40 13.01 30.09 -6.05
CA GLY C 40 13.46 31.12 -5.09
C GLY C 40 12.44 32.22 -4.91
N ARG C 41 11.26 32.10 -5.53
CA ARG C 41 10.20 33.14 -5.45
C ARG C 41 9.25 32.77 -4.31
N ARG C 42 8.54 33.75 -3.76
CA ARG C 42 7.61 33.56 -2.62
C ARG C 42 6.29 34.30 -2.90
N ALA C 43 5.25 34.00 -2.13
CA ALA C 43 3.93 34.63 -2.29
C ALA C 43 3.20 34.59 -0.96
N LEU C 44 2.45 35.64 -0.61
CA LEU C 44 1.59 35.59 0.60
C LEU C 44 0.20 35.11 0.17
N VAL C 45 -0.22 33.94 0.63
CA VAL C 45 -1.34 33.16 0.01
C VAL C 45 -2.51 33.07 1.00
N ARG C 46 -3.65 33.65 0.63
CA ARG C 46 -4.90 33.60 1.42
C ARG C 46 -5.31 32.12 1.53
N THR C 47 -6.04 31.77 2.60
CA THR C 47 -6.54 30.41 2.94
C THR C 47 -8.07 30.38 3.11
N GLY C 48 -8.72 31.54 3.11
CA GLY C 48 -10.18 31.71 3.24
C GLY C 48 -10.70 31.35 4.62
N VAL C 49 -9.89 31.52 5.66
CA VAL C 49 -10.28 31.26 7.09
C VAL C 49 -9.70 32.34 8.01
N ALA C 50 -10.42 32.57 9.11
CA ALA C 50 -10.04 33.40 10.26
C ALA C 50 -10.24 32.52 11.49
N VAL C 51 -9.47 32.72 12.58
CA VAL C 51 -9.64 31.91 13.82
C VAL C 51 -9.63 32.82 15.04
N ALA C 52 -10.10 32.28 16.16
CA ALA C 52 -10.09 32.89 17.49
C ALA C 52 -9.28 31.98 18.42
N VAL C 53 -7.96 32.02 18.28
CA VAL C 53 -6.99 31.33 19.19
C VAL C 53 -7.36 31.79 20.59
N PRO C 54 -7.66 30.88 21.53
CA PRO C 54 -7.89 31.26 22.92
C PRO C 54 -6.69 32.04 23.49
N PHE C 55 -6.97 33.03 24.31
CA PHE C 55 -5.98 33.73 25.17
C PHE C 55 -5.26 32.69 26.02
N GLY C 56 -3.93 32.77 26.08
CA GLY C 56 -3.08 31.78 26.77
C GLY C 56 -2.39 30.88 25.77
N MET C 57 -2.88 30.90 24.51
CA MET C 57 -2.45 29.99 23.43
C MET C 57 -1.99 30.79 22.20
N VAL C 58 -1.58 30.10 21.15
CA VAL C 58 -0.99 30.67 19.92
C VAL C 58 -1.27 29.71 18.76
N GLY C 59 -1.78 30.21 17.64
CA GLY C 59 -1.81 29.47 16.37
C GLY C 59 -0.42 29.37 15.77
N LEU C 60 -0.03 28.17 15.32
CA LEU C 60 1.27 27.95 14.61
C LEU C 60 0.96 27.26 13.28
N VAL C 61 1.43 27.86 12.20
CA VAL C 61 1.32 27.38 10.79
C VAL C 61 2.63 26.67 10.43
N HIS C 62 2.59 25.35 10.30
CA HIS C 62 3.73 24.50 9.90
C HIS C 62 3.60 24.11 8.43
N PRO C 63 4.73 23.85 7.74
CA PRO C 63 4.68 23.28 6.41
C PRO C 63 4.23 21.82 6.44
N ARG C 64 3.37 21.42 5.49
CA ARG C 64 3.15 20.00 5.10
C ARG C 64 4.46 19.50 4.49
N SER C 65 5.10 18.48 5.08
CA SER C 65 6.19 17.72 4.41
C SER C 65 5.56 17.12 3.15
N GLY C 66 6.35 16.53 2.27
CA GLY C 66 5.75 15.98 1.03
C GLY C 66 5.75 17.03 -0.07
N LEU C 67 4.99 18.12 0.09
CA LEU C 67 5.21 19.31 -0.75
C LEU C 67 6.64 19.76 -0.51
N ALA C 68 7.07 19.79 0.76
CA ALA C 68 8.44 20.19 1.16
C ALA C 68 9.48 19.23 0.56
N THR C 69 9.28 17.93 0.69
CA THR C 69 10.31 16.94 0.31
C THR C 69 10.39 16.85 -1.21
N ARG C 70 9.24 16.90 -1.89
CA ARG C 70 9.10 16.48 -3.31
C ARG C 70 9.30 17.69 -4.23
N VAL C 71 8.85 18.87 -3.85
CA VAL C 71 8.97 20.08 -4.73
C VAL C 71 9.69 21.22 -4.00
N GLY C 72 10.13 21.03 -2.75
CA GLY C 72 10.87 22.04 -1.97
C GLY C 72 10.00 23.23 -1.62
N LEU C 73 8.70 23.03 -1.41
CA LEU C 73 7.74 24.10 -1.01
C LEU C 73 7.75 24.30 0.50
N SER C 74 8.19 25.47 0.94
CA SER C 74 8.43 25.81 2.37
C SER C 74 7.58 26.99 2.79
N ILE C 75 7.78 27.45 4.03
CA ILE C 75 7.21 28.72 4.56
C ILE C 75 8.38 29.58 5.04
N VAL C 76 8.42 30.83 4.58
CA VAL C 76 9.49 31.82 4.83
C VAL C 76 9.61 32.02 6.35
N ASN C 77 8.48 32.29 7.00
CA ASN C 77 8.44 32.67 8.43
C ASN C 77 8.11 31.46 9.29
N SER C 78 8.42 30.23 8.85
CA SER C 78 8.00 29.01 9.60
C SER C 78 8.71 28.99 10.95
N PRO C 79 8.00 28.72 12.06
CA PRO C 79 6.55 28.52 12.06
C PRO C 79 5.74 29.80 12.26
N GLY C 80 4.88 30.15 11.29
CA GLY C 80 4.01 31.33 11.33
C GLY C 80 3.22 31.36 12.62
N THR C 81 3.15 32.52 13.27
CA THR C 81 2.47 32.71 14.57
C THR C 81 1.15 33.46 14.34
N ILE C 82 0.04 32.88 14.80
CA ILE C 82 -1.28 33.58 14.98
C ILE C 82 -1.36 33.97 16.46
N ASP C 83 -1.47 35.27 16.74
CA ASP C 83 -1.73 35.81 18.10
C ASP C 83 -3.20 35.59 18.43
N ALA C 84 -3.53 35.51 19.73
CA ALA C 84 -4.91 35.33 20.27
C ALA C 84 -5.84 36.48 19.87
N GLY C 85 -5.33 37.68 19.64
CA GLY C 85 -6.15 38.86 19.29
C GLY C 85 -6.46 38.97 17.81
N TYR C 86 -5.67 38.31 16.95
CA TYR C 86 -5.83 38.38 15.48
C TYR C 86 -7.14 37.71 15.07
N ARG C 87 -7.86 38.35 14.17
CA ARG C 87 -9.23 37.96 13.72
C ARG C 87 -9.33 38.05 12.20
N GLY C 88 -8.27 38.52 11.53
CA GLY C 88 -8.17 38.61 10.07
C GLY C 88 -7.86 37.26 9.45
N GLU C 89 -7.75 37.22 8.12
CA GLU C 89 -7.56 35.96 7.34
C GLU C 89 -6.20 35.35 7.69
N ILE C 90 -6.14 34.04 7.91
CA ILE C 90 -4.83 33.34 7.91
C ILE C 90 -4.31 33.41 6.47
N LYS C 91 -3.15 34.04 6.28
CA LYS C 91 -2.37 34.02 5.02
C LYS C 91 -1.06 33.27 5.31
N VAL C 92 -0.58 32.46 4.35
CA VAL C 92 0.64 31.60 4.47
C VAL C 92 1.72 32.13 3.51
N ALA C 93 2.84 32.58 4.03
CA ALA C 93 3.99 33.06 3.24
C ALA C 93 4.72 31.87 2.60
N LEU C 94 4.24 31.33 1.49
CA LEU C 94 4.88 30.18 0.79
C LEU C 94 6.10 30.67 0.00
N ILE C 95 7.09 29.79 -0.19
CA ILE C 95 8.32 30.07 -0.99
C ILE C 95 8.78 28.81 -1.73
N ASN C 96 9.40 28.96 -2.88
CA ASN C 96 9.92 27.82 -3.68
C ASN C 96 11.43 27.68 -3.41
N LEU C 97 11.86 26.68 -2.64
CA LEU C 97 13.29 26.48 -2.26
C LEU C 97 13.98 25.56 -3.27
N ASP C 98 13.27 25.06 -4.28
CA ASP C 98 13.86 24.32 -5.42
C ASP C 98 14.53 25.33 -6.32
N PRO C 99 15.71 25.05 -6.89
CA PRO C 99 16.36 25.97 -7.82
C PRO C 99 15.98 25.95 -9.32
N ALA C 100 15.26 24.94 -9.81
CA ALA C 100 14.96 24.73 -11.25
C ALA C 100 13.46 24.82 -11.55
N ALA C 101 12.63 24.13 -10.76
CA ALA C 101 11.26 23.73 -11.13
C ALA C 101 10.21 24.66 -10.52
N PRO C 102 9.44 25.39 -11.35
CA PRO C 102 8.34 26.22 -10.84
C PRO C 102 7.40 25.31 -10.05
N ILE C 103 6.69 25.86 -9.07
CA ILE C 103 5.65 25.13 -8.28
C ILE C 103 4.30 25.80 -8.56
N VAL C 104 3.29 24.99 -8.86
CA VAL C 104 1.90 25.47 -9.14
C VAL C 104 1.02 25.01 -7.99
N VAL C 105 0.32 25.96 -7.37
CA VAL C 105 -0.54 25.69 -6.20
C VAL C 105 -1.96 26.00 -6.67
N HIS C 106 -2.80 24.96 -6.66
CA HIS C 106 -4.23 25.04 -7.08
C HIS C 106 -5.07 25.41 -5.86
N ARG C 107 -6.00 26.33 -6.05
CA ARG C 107 -7.12 26.59 -5.12
C ARG C 107 -7.62 25.23 -4.61
N GLY C 108 -7.91 25.12 -3.32
CA GLY C 108 -8.45 23.89 -2.71
C GLY C 108 -7.37 22.92 -2.26
N ASP C 109 -6.09 23.10 -2.65
CA ASP C 109 -4.95 22.23 -2.25
C ASP C 109 -4.57 22.48 -0.78
N ARG C 110 -4.12 21.43 -0.07
CA ARG C 110 -3.63 21.49 1.34
C ARG C 110 -2.19 22.03 1.38
N ILE C 111 -2.00 23.29 1.81
CA ILE C 111 -0.71 24.04 1.70
C ILE C 111 -0.03 24.24 3.05
N ALA C 112 -0.65 23.90 4.18
CA ALA C 112 -0.05 24.07 5.53
C ALA C 112 -0.98 23.45 6.56
N GLN C 113 -0.47 23.10 7.74
CA GLN C 113 -1.35 22.70 8.87
C GLN C 113 -1.22 23.75 10.00
N LEU C 114 -2.33 23.94 10.70
CA LEU C 114 -2.49 24.84 11.88
C LEU C 114 -2.47 23.97 13.15
N LEU C 115 -1.43 24.11 13.99
CA LEU C 115 -1.41 23.62 15.39
C LEU C 115 -1.85 24.77 16.28
N VAL C 116 -2.54 24.45 17.38
CA VAL C 116 -2.75 25.38 18.51
C VAL C 116 -1.97 24.81 19.70
N GLN C 117 -1.28 25.67 20.46
CA GLN C 117 -0.45 25.24 21.61
C GLN C 117 -0.54 26.27 22.72
N ARG C 118 -0.43 25.83 23.97
CA ARG C 118 -0.33 26.74 25.13
C ARG C 118 1.01 27.47 25.02
N VAL C 119 1.03 28.74 25.40
CA VAL C 119 2.28 29.55 25.39
C VAL C 119 2.36 30.25 26.76
N GLU C 120 3.52 30.16 27.41
CA GLU C 120 3.82 30.89 28.68
C GLU C 120 3.88 32.38 28.37
N LEU C 121 2.88 33.14 28.83
CA LEU C 121 2.88 34.63 28.74
C LEU C 121 3.75 35.21 29.85
N VAL C 122 5.07 35.00 29.76
CA VAL C 122 6.04 35.22 30.87
C VAL C 122 6.08 36.71 31.21
N GLU C 123 6.44 37.02 32.47
CA GLU C 123 6.87 38.35 32.96
C GLU C 123 8.39 38.44 32.75
N LEU C 124 8.85 39.42 31.96
CA LEU C 124 10.29 39.76 31.84
C LEU C 124 10.71 40.56 33.07
N VAL C 125 11.77 40.12 33.75
CA VAL C 125 12.37 40.84 34.92
C VAL C 125 13.85 41.06 34.62
N GLU C 126 14.22 42.28 34.25
CA GLU C 126 15.64 42.68 34.02
C GLU C 126 16.45 42.41 35.29
N VAL C 127 17.69 41.96 35.14
CA VAL C 127 18.62 41.74 36.27
C VAL C 127 20.03 42.08 35.81
N SER C 128 20.90 42.39 36.77
CA SER C 128 22.31 42.84 36.60
C SER C 128 23.13 41.69 36.00
N SER C 129 23.18 40.56 36.71
CA SER C 129 23.76 39.26 36.28
C SER C 129 22.82 38.16 36.80
N PHE C 130 23.20 36.88 36.74
CA PHE C 130 22.31 35.73 37.10
C PHE C 130 22.60 35.25 38.53
N ASP C 131 22.01 34.12 38.93
CA ASP C 131 22.09 33.53 40.30
C ASP C 131 23.27 32.57 40.39
N SER D 2 8.09 -8.34 -10.45
CA SER D 2 7.10 -7.49 -9.72
C SER D 2 6.36 -8.32 -8.65
N THR D 3 5.96 -9.55 -8.98
CA THR D 3 5.37 -10.53 -8.02
C THR D 3 6.49 -11.44 -7.51
N THR D 4 6.64 -11.52 -6.18
CA THR D 4 7.75 -12.26 -5.51
C THR D 4 7.17 -13.53 -4.88
N LEU D 5 7.58 -14.70 -5.39
CA LEU D 5 7.23 -16.00 -4.78
C LEU D 5 8.42 -16.47 -3.95
N ALA D 6 8.23 -16.52 -2.62
CA ALA D 6 9.21 -17.02 -1.63
C ALA D 6 9.12 -18.54 -1.59
N ILE D 7 10.26 -19.22 -1.57
CA ILE D 7 10.33 -20.70 -1.72
C ILE D 7 11.42 -21.25 -0.79
N VAL D 8 11.04 -22.16 0.10
CA VAL D 8 11.96 -22.97 0.95
C VAL D 8 12.35 -24.23 0.17
N ARG D 9 13.63 -24.61 0.23
CA ARG D 9 14.11 -25.91 -0.30
C ARG D 9 14.24 -26.89 0.87
N LEU D 10 13.24 -27.76 1.03
CA LEU D 10 13.13 -28.75 2.13
C LEU D 10 14.13 -29.88 1.90
N ASP D 11 14.44 -30.15 0.62
CA ASP D 11 15.47 -31.11 0.14
C ASP D 11 16.55 -30.28 -0.58
N PRO D 12 17.56 -29.74 0.14
CA PRO D 12 18.52 -28.82 -0.48
C PRO D 12 19.42 -29.49 -1.52
N GLY D 13 19.31 -30.81 -1.67
CA GLY D 13 19.99 -31.60 -2.72
C GLY D 13 19.61 -31.14 -4.12
N LEU D 14 18.29 -31.12 -4.42
CA LEU D 14 17.72 -30.74 -5.74
C LEU D 14 17.93 -29.25 -6.00
N PRO D 15 18.13 -28.84 -7.27
CA PRO D 15 18.30 -27.43 -7.62
C PRO D 15 17.01 -26.61 -7.54
N LEU D 16 17.14 -25.28 -7.37
CA LEU D 16 16.00 -24.34 -7.34
C LEU D 16 15.32 -24.35 -8.70
N PRO D 17 13.96 -24.41 -8.77
CA PRO D 17 13.25 -24.36 -10.05
C PRO D 17 13.37 -22.95 -10.62
N SER D 18 13.32 -22.78 -11.94
CA SER D 18 13.29 -21.42 -12.52
C SER D 18 12.76 -21.36 -13.96
N ARG D 19 12.73 -20.13 -14.46
CA ARG D 19 12.24 -19.76 -15.81
C ARG D 19 13.40 -19.90 -16.80
N ALA D 20 13.31 -20.84 -17.76
CA ALA D 20 14.27 -20.94 -18.88
C ALA D 20 14.23 -19.62 -19.67
N HIS D 21 13.12 -19.31 -20.34
CA HIS D 21 12.92 -18.01 -21.05
C HIS D 21 12.08 -17.06 -20.18
N ASP D 22 12.12 -15.75 -20.46
CA ASP D 22 11.52 -14.70 -19.59
C ASP D 22 9.98 -14.79 -19.62
N GLY D 23 9.39 -15.11 -20.78
CA GLY D 23 7.94 -15.15 -20.99
C GLY D 23 7.33 -16.53 -20.78
N ASP D 24 8.09 -17.47 -20.21
CA ASP D 24 7.62 -18.86 -19.94
C ASP D 24 6.55 -18.81 -18.85
N ALA D 25 5.50 -19.59 -19.02
CA ALA D 25 4.30 -19.62 -18.15
C ALA D 25 4.71 -20.02 -16.75
N GLY D 26 5.61 -20.99 -16.63
CA GLY D 26 5.86 -21.72 -15.38
C GLY D 26 7.32 -22.01 -15.12
N VAL D 27 7.60 -22.49 -13.90
CA VAL D 27 8.94 -23.00 -13.47
C VAL D 27 8.80 -24.50 -13.21
N ASP D 28 9.66 -25.31 -13.84
CA ASP D 28 9.58 -26.79 -13.81
C ASP D 28 9.93 -27.26 -12.40
N LEU D 29 9.25 -28.30 -11.90
CA LEU D 29 9.48 -28.96 -10.58
C LEU D 29 10.16 -30.32 -10.76
N TYR D 30 11.06 -30.66 -9.81
CA TYR D 30 11.93 -31.87 -9.83
C TYR D 30 11.32 -32.94 -8.94
N SER D 31 11.64 -34.21 -9.23
CA SER D 31 11.35 -35.38 -8.35
C SER D 31 12.48 -35.53 -7.32
N ALA D 32 12.12 -35.75 -6.06
CA ALA D 32 13.02 -35.86 -4.90
C ALA D 32 13.10 -37.32 -4.45
N GLU D 33 12.46 -38.19 -5.22
CA GLU D 33 12.45 -39.66 -5.01
C GLU D 33 12.37 -40.33 -6.39
N ASP D 34 12.96 -41.51 -6.51
CA ASP D 34 12.78 -42.41 -7.68
C ASP D 34 11.47 -43.18 -7.46
N VAL D 35 10.75 -43.51 -8.53
CA VAL D 35 9.56 -44.41 -8.51
C VAL D 35 9.40 -45.11 -9.87
N GLU D 36 8.92 -46.35 -9.83
CA GLU D 36 8.31 -47.05 -10.98
C GLU D 36 6.81 -46.77 -10.89
N LEU D 37 6.17 -46.57 -12.04
CA LEU D 37 4.70 -46.43 -12.15
C LEU D 37 4.23 -47.49 -13.14
N ALA D 38 3.60 -48.55 -12.66
CA ALA D 38 2.98 -49.57 -13.53
C ALA D 38 1.71 -48.98 -14.14
N PRO D 39 1.26 -49.46 -15.32
CA PRO D 39 0.02 -48.99 -15.93
C PRO D 39 -1.16 -48.83 -14.97
N GLY D 40 -1.70 -47.60 -14.89
CA GLY D 40 -2.89 -47.25 -14.10
C GLY D 40 -2.52 -47.06 -12.65
N ARG D 41 -1.22 -47.04 -12.34
CA ARG D 41 -0.76 -46.94 -10.93
C ARG D 41 -0.40 -45.48 -10.69
N ARG D 42 -1.04 -44.87 -9.69
CA ARG D 42 -0.79 -43.48 -9.27
C ARG D 42 0.30 -43.49 -8.20
N ALA D 43 0.96 -42.35 -7.99
CA ALA D 43 2.04 -42.17 -7.01
C ALA D 43 2.06 -40.70 -6.57
N LEU D 44 1.79 -40.42 -5.30
CA LEU D 44 2.05 -39.09 -4.72
C LEU D 44 3.56 -38.95 -4.53
N VAL D 45 4.20 -38.07 -5.30
CA VAL D 45 5.67 -37.92 -5.40
C VAL D 45 6.06 -36.57 -4.80
N ARG D 46 7.04 -36.53 -3.91
CA ARG D 46 7.54 -35.26 -3.29
C ARG D 46 8.34 -34.48 -4.35
N THR D 47 8.40 -33.15 -4.21
CA THR D 47 9.10 -32.22 -5.15
C THR D 47 10.28 -31.51 -4.47
N GLY D 48 10.36 -31.59 -3.13
CA GLY D 48 11.44 -31.03 -2.31
C GLY D 48 11.44 -29.50 -2.32
N VAL D 49 10.26 -28.87 -2.44
CA VAL D 49 10.05 -27.42 -2.18
C VAL D 49 8.72 -27.18 -1.49
N ALA D 50 8.60 -25.95 -0.97
CA ALA D 50 7.41 -25.29 -0.41
C ALA D 50 7.46 -23.84 -0.90
N VAL D 51 6.33 -23.22 -1.24
CA VAL D 51 6.28 -21.82 -1.75
C VAL D 51 5.21 -21.09 -0.96
N ALA D 52 5.28 -19.76 -0.91
CA ALA D 52 4.22 -18.87 -0.36
C ALA D 52 3.56 -18.06 -1.50
N VAL D 53 2.44 -18.56 -2.02
CA VAL D 53 1.60 -17.88 -3.05
C VAL D 53 0.98 -16.64 -2.38
N PRO D 54 1.05 -15.44 -2.97
CA PRO D 54 0.45 -14.27 -2.34
C PRO D 54 -1.08 -14.39 -2.30
N PHE D 55 -1.70 -13.76 -1.31
CA PHE D 55 -3.17 -13.63 -1.20
C PHE D 55 -3.69 -13.04 -2.53
N GLY D 56 -4.77 -13.59 -3.07
CA GLY D 56 -5.35 -13.16 -4.36
C GLY D 56 -4.76 -13.92 -5.53
N MET D 57 -3.82 -14.83 -5.27
CA MET D 57 -3.25 -15.70 -6.32
C MET D 57 -3.47 -17.16 -5.89
N VAL D 58 -3.19 -18.07 -6.82
CA VAL D 58 -3.13 -19.54 -6.61
C VAL D 58 -1.92 -20.05 -7.39
N GLY D 59 -1.29 -21.12 -6.90
CA GLY D 59 -0.29 -21.87 -7.66
C GLY D 59 -0.96 -23.05 -8.33
N LEU D 60 -0.52 -23.40 -9.53
CA LEU D 60 -1.16 -24.44 -10.35
C LEU D 60 -0.08 -25.41 -10.82
N VAL D 61 -0.30 -26.69 -10.62
CA VAL D 61 0.71 -27.72 -10.97
C VAL D 61 0.23 -28.33 -12.29
N HIS D 62 0.98 -28.12 -13.37
CA HIS D 62 0.66 -28.65 -14.72
C HIS D 62 1.56 -29.81 -15.10
N PRO D 63 1.05 -30.77 -15.88
CA PRO D 63 1.89 -31.76 -16.56
C PRO D 63 2.93 -31.15 -17.53
N ARG D 64 3.89 -31.98 -17.97
CA ARG D 64 4.83 -31.68 -19.08
C ARG D 64 4.41 -32.49 -20.31
N SER D 65 4.48 -31.88 -21.49
CA SER D 65 3.95 -32.39 -22.79
C SER D 65 4.74 -33.60 -23.29
N GLY D 66 6.09 -33.51 -23.28
CA GLY D 66 6.99 -34.64 -23.58
C GLY D 66 6.54 -35.87 -22.82
N LEU D 67 6.60 -35.81 -21.50
CA LEU D 67 6.27 -36.95 -20.60
C LEU D 67 4.84 -37.44 -20.84
N ALA D 68 3.93 -36.63 -21.39
CA ALA D 68 2.56 -37.07 -21.75
C ALA D 68 2.56 -37.70 -23.16
N THR D 69 3.07 -36.96 -24.16
CA THR D 69 3.17 -37.44 -25.57
C THR D 69 3.97 -38.75 -25.56
N ARG D 70 5.16 -38.74 -24.95
CA ARG D 70 6.17 -39.82 -25.05
C ARG D 70 5.68 -41.06 -24.31
N VAL D 71 5.38 -40.95 -23.02
CA VAL D 71 5.29 -42.12 -22.10
C VAL D 71 3.93 -42.16 -21.39
N GLY D 72 3.08 -41.14 -21.56
CA GLY D 72 1.70 -41.11 -21.00
C GLY D 72 1.66 -40.80 -19.50
N LEU D 73 2.63 -40.05 -19.00
CA LEU D 73 2.67 -39.60 -17.57
C LEU D 73 1.79 -38.35 -17.43
N SER D 74 0.69 -38.47 -16.68
CA SER D 74 -0.20 -37.33 -16.32
C SER D 74 -0.22 -37.11 -14.80
N ILE D 75 -1.08 -36.20 -14.36
CA ILE D 75 -1.33 -35.81 -12.94
C ILE D 75 -2.82 -36.07 -12.69
N VAL D 76 -3.16 -36.82 -11.64
CA VAL D 76 -4.56 -37.28 -11.40
C VAL D 76 -5.42 -36.05 -11.13
N ASN D 77 -4.87 -35.11 -10.35
CA ASN D 77 -5.60 -33.97 -9.76
C ASN D 77 -5.22 -32.69 -10.54
N SER D 78 -4.89 -32.80 -11.83
CA SER D 78 -4.47 -31.66 -12.67
C SER D 78 -5.65 -30.78 -13.05
N PRO D 79 -5.52 -29.43 -12.97
CA PRO D 79 -4.29 -28.79 -12.50
C PRO D 79 -4.33 -28.79 -10.97
N GLY D 80 -3.22 -29.13 -10.34
CA GLY D 80 -3.11 -29.22 -8.87
C GLY D 80 -3.14 -27.83 -8.30
N THR D 81 -4.04 -27.60 -7.34
CA THR D 81 -4.35 -26.28 -6.76
C THR D 81 -3.44 -26.09 -5.53
N ILE D 82 -2.59 -25.04 -5.52
CA ILE D 82 -1.78 -24.62 -4.33
C ILE D 82 -2.43 -23.36 -3.74
N ASP D 83 -2.99 -23.47 -2.54
CA ASP D 83 -3.68 -22.38 -1.83
C ASP D 83 -2.65 -21.36 -1.37
N ALA D 84 -3.10 -20.11 -1.23
CA ALA D 84 -2.38 -19.00 -0.57
C ALA D 84 -1.97 -19.39 0.86
N GLY D 85 -2.78 -20.20 1.55
CA GLY D 85 -2.57 -20.55 2.97
C GLY D 85 -1.47 -21.60 3.16
N TYR D 86 -1.26 -22.44 2.14
CA TYR D 86 -0.45 -23.68 2.23
C TYR D 86 1.06 -23.34 2.23
N ARG D 87 1.77 -23.87 3.23
CA ARG D 87 3.23 -23.69 3.38
C ARG D 87 3.94 -25.06 3.38
N GLY D 88 3.20 -26.17 3.28
CA GLY D 88 3.74 -27.55 3.27
C GLY D 88 4.47 -27.88 1.97
N GLU D 89 4.95 -29.11 1.84
CA GLU D 89 5.73 -29.55 0.65
C GLU D 89 4.78 -29.71 -0.55
N ILE D 90 5.10 -29.03 -1.65
CA ILE D 90 4.43 -29.25 -2.96
C ILE D 90 4.68 -30.71 -3.37
N LYS D 91 3.61 -31.46 -3.67
CA LYS D 91 3.65 -32.87 -4.11
C LYS D 91 2.74 -33.06 -5.32
N VAL D 92 3.06 -34.05 -6.16
CA VAL D 92 2.48 -34.23 -7.52
C VAL D 92 1.83 -35.62 -7.62
N ALA D 93 0.53 -35.66 -7.87
CA ALA D 93 -0.25 -36.90 -8.01
C ALA D 93 -0.06 -37.44 -9.43
N LEU D 94 1.08 -38.09 -9.68
CA LEU D 94 1.43 -38.69 -11.02
C LEU D 94 0.60 -39.94 -11.27
N ILE D 95 0.54 -40.38 -12.52
CA ILE D 95 -0.19 -41.61 -12.94
C ILE D 95 0.30 -42.04 -14.33
N ASN D 96 0.21 -43.33 -14.64
CA ASN D 96 0.63 -43.89 -15.95
C ASN D 96 -0.59 -44.22 -16.79
N LEU D 97 -0.89 -43.40 -17.80
CA LEU D 97 -2.02 -43.61 -18.74
C LEU D 97 -1.58 -44.46 -19.94
N ASP D 98 -0.35 -44.99 -19.92
CA ASP D 98 0.06 -46.05 -20.87
C ASP D 98 -0.53 -47.36 -20.35
N PRO D 99 -1.06 -48.26 -21.22
CA PRO D 99 -1.71 -49.48 -20.74
C PRO D 99 -0.74 -50.66 -20.53
N ALA D 100 0.53 -50.57 -20.97
CA ALA D 100 1.44 -51.75 -20.99
C ALA D 100 2.94 -51.38 -20.87
N ALA D 101 3.33 -50.13 -20.66
CA ALA D 101 4.76 -49.72 -20.66
C ALA D 101 5.08 -48.82 -19.47
N PRO D 102 5.63 -49.37 -18.37
CA PRO D 102 5.93 -48.59 -17.16
C PRO D 102 6.79 -47.33 -17.36
N ILE D 103 6.72 -46.40 -16.40
CA ILE D 103 7.57 -45.17 -16.32
C ILE D 103 8.46 -45.25 -15.08
N VAL D 104 9.75 -45.01 -15.27
CA VAL D 104 10.75 -44.83 -14.17
C VAL D 104 11.02 -43.33 -14.03
N VAL D 105 10.49 -42.69 -12.97
CA VAL D 105 10.78 -41.28 -12.60
C VAL D 105 11.97 -41.28 -11.63
N HIS D 106 13.07 -40.61 -11.98
CA HIS D 106 14.29 -40.64 -11.13
C HIS D 106 14.40 -39.35 -10.33
N ARG D 107 15.20 -39.36 -9.25
CA ARG D 107 15.43 -38.13 -8.47
C ARG D 107 16.24 -37.15 -9.32
N GLY D 108 15.68 -35.98 -9.64
CA GLY D 108 16.37 -35.00 -10.49
C GLY D 108 15.60 -34.75 -11.77
N ASP D 109 14.65 -35.64 -12.11
CA ASP D 109 13.80 -35.46 -13.31
C ASP D 109 12.83 -34.30 -13.10
N ARG D 110 12.54 -33.56 -14.18
CA ARG D 110 11.52 -32.48 -14.25
C ARG D 110 10.16 -33.14 -14.50
N ILE D 111 9.28 -33.18 -13.49
CA ILE D 111 8.03 -34.00 -13.48
C ILE D 111 6.76 -33.17 -13.74
N ALA D 112 6.78 -31.86 -13.43
CA ALA D 112 5.61 -30.97 -13.58
C ALA D 112 6.08 -29.52 -13.81
N GLN D 113 5.15 -28.59 -14.05
CA GLN D 113 5.43 -27.14 -13.92
C GLN D 113 4.41 -26.45 -13.01
N LEU D 114 4.90 -25.46 -12.26
CA LEU D 114 4.14 -24.53 -11.40
C LEU D 114 3.90 -23.24 -12.18
N LEU D 115 2.63 -22.87 -12.36
CA LEU D 115 2.16 -21.51 -12.76
C LEU D 115 1.60 -20.83 -11.52
N VAL D 116 1.76 -19.50 -11.45
CA VAL D 116 1.06 -18.60 -10.48
C VAL D 116 0.09 -17.70 -11.26
N GLN D 117 -1.19 -17.73 -10.89
CA GLN D 117 -2.24 -16.84 -11.46
C GLN D 117 -3.03 -16.18 -10.34
N ARG D 118 -3.75 -15.13 -10.71
CA ARG D 118 -4.74 -14.50 -9.82
C ARG D 118 -6.00 -15.36 -9.86
N VAL D 119 -6.73 -15.41 -8.75
CA VAL D 119 -8.11 -15.98 -8.71
C VAL D 119 -9.03 -14.88 -8.20
N GLU D 120 -10.25 -14.86 -8.74
CA GLU D 120 -11.36 -14.05 -8.20
C GLU D 120 -11.90 -14.73 -6.94
N LEU D 121 -11.65 -14.10 -5.80
CA LEU D 121 -12.19 -14.50 -4.48
C LEU D 121 -13.63 -13.98 -4.41
N VAL D 122 -14.47 -14.53 -5.30
CA VAL D 122 -15.90 -14.18 -5.45
C VAL D 122 -16.66 -14.51 -4.15
N GLU D 123 -17.65 -13.66 -3.82
CA GLU D 123 -18.63 -13.87 -2.72
C GLU D 123 -19.81 -14.62 -3.34
N LEU D 124 -19.98 -15.89 -2.99
CA LEU D 124 -21.21 -16.58 -3.41
C LEU D 124 -22.41 -15.89 -2.75
N VAL D 125 -23.43 -15.54 -3.53
CA VAL D 125 -24.70 -14.98 -3.02
C VAL D 125 -25.86 -15.75 -3.66
N GLU D 126 -26.62 -16.49 -2.86
CA GLU D 126 -27.84 -17.17 -3.32
C GLU D 126 -28.84 -16.13 -3.81
N VAL D 127 -29.55 -16.42 -4.91
CA VAL D 127 -30.68 -15.62 -5.47
C VAL D 127 -31.83 -16.56 -5.80
N SER D 128 -33.06 -16.03 -5.83
CA SER D 128 -34.32 -16.76 -6.12
C SER D 128 -34.20 -17.41 -7.50
N SER D 129 -33.97 -16.57 -8.51
CA SER D 129 -33.75 -16.97 -9.93
C SER D 129 -32.86 -15.92 -10.60
N PHE D 130 -32.21 -16.29 -11.70
CA PHE D 130 -31.35 -15.37 -12.48
C PHE D 130 -32.28 -14.29 -13.07
N ASP D 131 -33.52 -14.67 -13.40
CA ASP D 131 -34.53 -13.82 -14.11
C ASP D 131 -35.06 -12.71 -13.17
N GLU D 132 -34.90 -12.85 -11.85
CA GLU D 132 -35.35 -11.86 -10.83
C GLU D 132 -34.15 -11.03 -10.34
N ALA D 133 -32.92 -11.53 -10.52
CA ALA D 133 -31.65 -10.89 -10.08
C ALA D 133 -31.02 -10.07 -11.21
N GLY D 134 -31.64 -10.07 -12.40
CA GLY D 134 -31.21 -9.30 -13.58
C GLY D 134 -30.10 -9.99 -14.36
N LEU D 135 -30.06 -11.33 -14.34
CA LEU D 135 -29.11 -12.17 -15.11
C LEU D 135 -29.88 -12.95 -16.18
N ALA D 136 -29.20 -13.65 -17.09
CA ALA D 136 -29.81 -14.34 -18.26
C ALA D 136 -30.86 -15.34 -17.76
N MET E 1 -19.16 -5.19 -3.38
CA MET E 1 -17.75 -4.74 -3.19
C MET E 1 -16.76 -5.80 -3.74
N SER E 2 -16.54 -6.93 -3.08
CA SER E 2 -16.01 -8.17 -3.74
C SER E 2 -16.81 -8.47 -5.02
N THR E 3 -16.19 -9.02 -6.08
CA THR E 3 -16.92 -9.59 -7.24
C THR E 3 -17.95 -10.62 -6.75
N THR E 4 -19.19 -10.51 -7.22
CA THR E 4 -20.32 -11.34 -6.77
C THR E 4 -20.59 -12.50 -7.75
N LEU E 5 -20.79 -13.70 -7.20
CA LEU E 5 -21.24 -14.89 -7.97
C LEU E 5 -22.70 -15.17 -7.58
N ALA E 6 -23.66 -14.79 -8.41
CA ALA E 6 -25.07 -15.17 -8.18
C ALA E 6 -25.13 -16.69 -8.26
N ILE E 7 -25.77 -17.32 -7.28
CA ILE E 7 -25.92 -18.80 -7.24
C ILE E 7 -27.38 -19.15 -6.95
N VAL E 8 -27.98 -20.04 -7.76
CA VAL E 8 -29.32 -20.65 -7.51
C VAL E 8 -29.13 -22.07 -6.99
N ARG E 9 -29.76 -22.41 -5.86
CA ARG E 9 -29.73 -23.80 -5.34
C ARG E 9 -30.92 -24.55 -5.92
N LEU E 10 -30.67 -25.33 -6.98
CA LEU E 10 -31.68 -26.16 -7.67
C LEU E 10 -32.11 -27.28 -6.71
N ASP E 11 -31.22 -27.67 -5.78
CA ASP E 11 -31.46 -28.73 -4.75
C ASP E 11 -31.34 -28.14 -3.33
N PRO E 12 -32.48 -27.77 -2.70
CA PRO E 12 -32.47 -27.08 -1.39
C PRO E 12 -31.90 -27.85 -0.20
N GLY E 13 -31.74 -29.17 -0.33
CA GLY E 13 -31.19 -30.02 0.74
C GLY E 13 -29.67 -30.13 0.72
N LEU E 14 -28.96 -29.14 0.15
CA LEU E 14 -27.48 -29.07 0.22
C LEU E 14 -27.07 -27.67 0.66
N PRO E 15 -25.95 -27.52 1.39
CA PRO E 15 -25.53 -26.21 1.88
C PRO E 15 -25.06 -25.40 0.68
N LEU E 16 -25.22 -24.07 0.72
CA LEU E 16 -24.58 -23.17 -0.25
C LEU E 16 -23.08 -23.43 -0.19
N PRO E 17 -22.41 -23.71 -1.34
CA PRO E 17 -20.96 -23.89 -1.33
C PRO E 17 -20.37 -22.63 -0.68
N SER E 18 -19.20 -22.73 -0.04
CA SER E 18 -18.54 -21.58 0.63
C SER E 18 -17.02 -21.70 0.60
N ARG E 19 -16.34 -20.55 0.58
CA ARG E 19 -14.88 -20.47 0.73
C ARG E 19 -14.59 -20.59 2.22
N ALA E 20 -13.91 -21.66 2.61
CA ALA E 20 -13.70 -22.05 4.03
C ALA E 20 -12.70 -21.07 4.66
N HIS E 21 -11.48 -21.10 4.16
CA HIS E 21 -10.36 -20.24 4.58
C HIS E 21 -10.29 -19.05 3.61
N ASP E 22 -9.88 -17.88 4.09
CA ASP E 22 -10.17 -16.54 3.52
C ASP E 22 -9.50 -16.32 2.15
N GLY E 23 -8.35 -16.94 1.86
CA GLY E 23 -7.57 -16.69 0.62
C GLY E 23 -7.56 -17.87 -0.36
N ASP E 24 -8.42 -18.86 -0.16
CA ASP E 24 -8.40 -20.14 -0.93
C ASP E 24 -8.99 -19.91 -2.32
N ALA E 25 -8.36 -20.53 -3.31
CA ALA E 25 -8.72 -20.48 -4.75
C ALA E 25 -10.16 -20.98 -4.98
N GLY E 26 -10.58 -22.03 -4.28
CA GLY E 26 -11.81 -22.77 -4.59
C GLY E 26 -12.91 -22.64 -3.54
N VAL E 27 -14.15 -22.92 -3.97
CA VAL E 27 -15.31 -23.26 -3.10
C VAL E 27 -15.76 -24.68 -3.50
N ASP E 28 -16.02 -25.52 -2.50
CA ASP E 28 -16.21 -26.98 -2.70
C ASP E 28 -17.64 -27.19 -3.19
N LEU E 29 -17.80 -28.04 -4.21
CA LEU E 29 -19.10 -28.43 -4.78
C LEU E 29 -19.51 -29.75 -4.14
N TYR E 30 -20.76 -29.86 -3.70
CA TYR E 30 -21.33 -31.10 -3.09
C TYR E 30 -21.90 -31.98 -4.21
N SER E 31 -21.87 -33.31 -4.06
CA SER E 31 -22.65 -34.23 -4.93
C SER E 31 -24.11 -34.26 -4.50
N ALA E 32 -25.04 -34.18 -5.44
CA ALA E 32 -26.50 -34.18 -5.18
C ALA E 32 -27.02 -35.62 -4.99
N GLU E 33 -26.15 -36.60 -5.22
CA GLU E 33 -26.58 -37.98 -5.50
C GLU E 33 -25.48 -38.97 -5.11
N ASP E 34 -25.90 -40.21 -4.84
CA ASP E 34 -25.00 -41.38 -4.64
C ASP E 34 -24.56 -41.89 -6.02
N VAL E 35 -23.28 -42.21 -6.18
CA VAL E 35 -22.72 -42.73 -7.46
C VAL E 35 -21.73 -43.82 -7.09
N GLU E 36 -21.92 -45.02 -7.64
CA GLU E 36 -20.87 -46.08 -7.66
C GLU E 36 -20.16 -45.96 -9.00
N LEU E 37 -18.83 -45.92 -8.99
CA LEU E 37 -18.00 -45.90 -10.23
C LEU E 37 -17.06 -47.11 -10.23
N ALA E 38 -17.36 -48.11 -11.04
CA ALA E 38 -16.44 -49.23 -11.34
C ALA E 38 -15.14 -48.68 -11.93
N PRO E 39 -13.98 -49.36 -11.74
CA PRO E 39 -12.69 -48.89 -12.26
C PRO E 39 -12.71 -48.50 -13.74
N GLY E 40 -12.15 -47.32 -14.07
CA GLY E 40 -12.15 -46.75 -15.43
C GLY E 40 -13.54 -46.40 -15.95
N ARG E 41 -14.59 -46.38 -15.10
CA ARG E 41 -15.93 -45.89 -15.51
C ARG E 41 -16.06 -44.41 -15.11
N ARG E 42 -17.02 -43.72 -15.73
CA ARG E 42 -17.22 -42.25 -15.60
C ARG E 42 -18.72 -41.97 -15.51
N ALA E 43 -19.09 -40.93 -14.76
CA ALA E 43 -20.48 -40.46 -14.63
C ALA E 43 -20.52 -38.93 -14.59
N LEU E 44 -21.58 -38.36 -15.14
CA LEU E 44 -21.83 -36.90 -15.08
C LEU E 44 -22.66 -36.62 -13.83
N VAL E 45 -22.05 -36.08 -12.77
CA VAL E 45 -22.70 -36.01 -11.43
C VAL E 45 -23.20 -34.59 -11.18
N ARG E 46 -24.48 -34.45 -10.78
CA ARG E 46 -25.15 -33.18 -10.39
C ARG E 46 -24.52 -32.60 -9.13
N THR E 47 -24.52 -31.28 -8.99
CA THR E 47 -24.03 -30.54 -7.80
C THR E 47 -25.18 -29.76 -7.15
N GLY E 48 -26.34 -29.72 -7.80
CA GLY E 48 -27.51 -28.97 -7.32
C GLY E 48 -27.28 -27.47 -7.25
N VAL E 49 -26.29 -26.92 -7.98
CA VAL E 49 -26.10 -25.43 -8.08
C VAL E 49 -25.96 -24.98 -9.54
N ALA E 50 -26.50 -23.79 -9.84
CA ALA E 50 -26.21 -22.98 -11.04
C ALA E 50 -25.56 -21.71 -10.53
N VAL E 51 -24.63 -21.13 -11.32
CA VAL E 51 -23.82 -19.92 -11.00
C VAL E 51 -24.02 -18.92 -12.14
N ALA E 52 -23.67 -17.64 -11.95
CA ALA E 52 -23.57 -16.65 -13.05
C ALA E 52 -22.17 -16.03 -13.03
N VAL E 53 -21.22 -16.70 -13.67
CA VAL E 53 -19.82 -16.24 -13.81
C VAL E 53 -19.88 -14.91 -14.52
N PRO E 54 -19.33 -13.82 -13.95
CA PRO E 54 -19.28 -12.54 -14.66
C PRO E 54 -18.67 -12.58 -16.07
N PHE E 55 -19.19 -11.74 -16.96
CA PHE E 55 -18.58 -11.39 -18.25
C PHE E 55 -17.13 -10.95 -18.03
N GLY E 56 -16.19 -11.52 -18.78
CA GLY E 56 -14.74 -11.31 -18.60
C GLY E 56 -14.11 -12.40 -17.73
N MET E 57 -14.93 -13.27 -17.14
CA MET E 57 -14.42 -14.40 -16.31
C MET E 57 -14.91 -15.74 -16.88
N VAL E 58 -14.57 -16.81 -16.16
CA VAL E 58 -14.73 -18.23 -16.51
C VAL E 58 -14.77 -19.00 -15.19
N GLY E 59 -15.64 -19.99 -15.10
CA GLY E 59 -15.65 -20.91 -13.95
C GLY E 59 -14.80 -22.11 -14.29
N LEU E 60 -14.12 -22.67 -13.31
CA LEU E 60 -13.20 -23.80 -13.54
C LEU E 60 -13.44 -24.82 -12.44
N VAL E 61 -13.70 -26.06 -12.86
CA VAL E 61 -14.00 -27.24 -12.00
C VAL E 61 -12.72 -28.08 -11.92
N HIS E 62 -12.07 -28.06 -10.76
CA HIS E 62 -10.83 -28.83 -10.47
C HIS E 62 -11.18 -30.04 -9.64
N PRO E 63 -10.49 -31.17 -9.82
CA PRO E 63 -10.69 -32.31 -8.94
C PRO E 63 -10.05 -32.03 -7.57
N ARG E 64 -10.59 -32.63 -6.50
CA ARG E 64 -10.06 -32.55 -5.10
C ARG E 64 -8.92 -33.56 -4.91
N SER E 65 -7.79 -33.10 -4.35
CA SER E 65 -6.51 -33.86 -4.21
C SER E 65 -6.69 -35.16 -3.39
N GLY E 66 -7.30 -35.08 -2.21
CA GLY E 66 -7.46 -36.23 -1.30
C GLY E 66 -8.06 -37.41 -2.04
N LEU E 67 -9.27 -37.20 -2.57
CA LEU E 67 -9.99 -38.19 -3.40
C LEU E 67 -9.08 -38.63 -4.54
N ALA E 68 -8.34 -37.71 -5.16
CA ALA E 68 -7.44 -38.03 -6.29
C ALA E 68 -6.40 -39.05 -5.82
N THR E 69 -5.66 -38.75 -4.74
CA THR E 69 -4.49 -39.54 -4.32
C THR E 69 -4.95 -40.87 -3.72
N ARG E 70 -6.01 -40.87 -2.91
CA ARG E 70 -6.46 -42.06 -2.15
C ARG E 70 -7.19 -43.03 -3.07
N VAL E 71 -8.35 -42.65 -3.61
CA VAL E 71 -9.22 -43.62 -4.35
C VAL E 71 -8.99 -43.52 -5.86
N GLY E 72 -8.23 -42.53 -6.34
CA GLY E 72 -7.87 -42.33 -7.76
C GLY E 72 -8.96 -41.60 -8.54
N LEU E 73 -9.72 -40.74 -7.88
CA LEU E 73 -10.91 -40.05 -8.46
C LEU E 73 -10.45 -38.77 -9.16
N SER E 74 -10.84 -38.59 -10.41
CA SER E 74 -10.47 -37.42 -11.23
C SER E 74 -11.66 -36.94 -12.07
N ILE E 75 -11.43 -35.92 -12.87
CA ILE E 75 -12.47 -35.38 -13.78
C ILE E 75 -11.91 -35.50 -15.21
N VAL E 76 -12.74 -36.07 -16.10
CA VAL E 76 -12.43 -36.33 -17.54
C VAL E 76 -12.10 -35.00 -18.21
N ASN E 77 -12.93 -33.97 -17.99
CA ASN E 77 -12.77 -32.67 -18.67
C ASN E 77 -11.95 -31.70 -17.81
N SER E 78 -11.19 -32.15 -16.83
CA SER E 78 -10.47 -31.19 -15.96
C SER E 78 -9.54 -30.36 -16.84
N PRO E 79 -9.47 -29.03 -16.65
CA PRO E 79 -10.38 -28.29 -15.78
C PRO E 79 -11.70 -28.02 -16.51
N GLY E 80 -12.82 -28.37 -15.87
CA GLY E 80 -14.18 -28.20 -16.42
C GLY E 80 -14.51 -26.72 -16.54
N THR E 81 -14.86 -26.27 -17.75
CA THR E 81 -15.01 -24.84 -18.10
C THR E 81 -16.47 -24.44 -18.00
N ILE E 82 -16.79 -23.41 -17.22
CA ILE E 82 -18.16 -22.82 -17.08
C ILE E 82 -18.15 -21.44 -17.74
N ASP E 83 -18.77 -21.28 -18.91
CA ASP E 83 -18.82 -19.97 -19.58
C ASP E 83 -19.63 -18.99 -18.73
N ALA E 84 -19.43 -17.70 -18.96
CA ALA E 84 -20.20 -16.60 -18.35
C ALA E 84 -21.67 -16.70 -18.78
N GLY E 85 -21.95 -17.22 -19.96
CA GLY E 85 -23.33 -17.37 -20.46
C GLY E 85 -24.10 -18.52 -19.83
N TYR E 86 -23.42 -19.51 -19.23
CA TYR E 86 -24.09 -20.74 -18.76
C TYR E 86 -24.86 -20.45 -17.48
N ARG E 87 -26.11 -20.90 -17.42
CA ARG E 87 -27.10 -20.62 -16.35
C ARG E 87 -27.76 -21.91 -15.87
N GLY E 88 -27.28 -23.07 -16.35
CA GLY E 88 -27.78 -24.41 -16.00
C GLY E 88 -27.06 -24.98 -14.78
N GLU E 89 -27.45 -26.18 -14.36
CA GLU E 89 -26.84 -26.93 -13.22
C GLU E 89 -25.37 -27.19 -13.55
N ILE E 90 -24.51 -27.00 -12.57
CA ILE E 90 -23.09 -27.45 -12.64
C ILE E 90 -23.06 -28.95 -12.40
N LYS E 91 -22.37 -29.63 -13.30
CA LYS E 91 -22.13 -31.08 -13.28
C LYS E 91 -20.62 -31.31 -13.39
N VAL E 92 -20.17 -32.40 -12.78
CA VAL E 92 -18.76 -32.88 -12.69
C VAL E 92 -18.68 -34.22 -13.42
N ALA E 93 -17.94 -34.30 -14.52
CA ALA E 93 -17.67 -35.57 -15.23
C ALA E 93 -16.63 -36.36 -14.45
N LEU E 94 -17.07 -37.00 -13.36
CA LEU E 94 -16.21 -37.83 -12.47
C LEU E 94 -15.76 -39.07 -13.25
N ILE E 95 -14.53 -39.53 -13.00
CA ILE E 95 -13.97 -40.79 -13.58
C ILE E 95 -13.06 -41.44 -12.53
N ASN E 96 -13.31 -42.71 -12.24
CA ASN E 96 -12.45 -43.60 -11.40
C ASN E 96 -11.27 -44.08 -12.25
N LEU E 97 -10.04 -43.59 -11.99
CA LEU E 97 -8.80 -44.01 -12.71
C LEU E 97 -8.00 -45.03 -11.89
N ASP E 98 -8.57 -45.57 -10.82
CA ASP E 98 -7.99 -46.72 -10.10
C ASP E 98 -8.38 -47.98 -10.85
N PRO E 99 -7.45 -48.93 -11.12
CA PRO E 99 -7.77 -50.09 -11.95
C PRO E 99 -8.43 -51.26 -11.21
N ALA E 100 -8.68 -51.16 -9.90
CA ALA E 100 -9.14 -52.26 -9.03
C ALA E 100 -10.41 -51.90 -8.23
N ALA E 101 -10.35 -50.89 -7.35
CA ALA E 101 -11.38 -50.61 -6.33
C ALA E 101 -12.44 -49.67 -6.89
N PRO E 102 -13.73 -50.07 -6.94
CA PRO E 102 -14.80 -49.11 -7.20
C PRO E 102 -14.78 -47.92 -6.23
N ILE E 103 -15.39 -46.81 -6.64
CA ILE E 103 -15.52 -45.58 -5.81
C ILE E 103 -16.99 -45.35 -5.59
N VAL E 104 -17.33 -44.93 -4.37
CA VAL E 104 -18.73 -44.76 -3.91
C VAL E 104 -18.87 -43.34 -3.38
N VAL E 105 -19.42 -42.47 -4.21
CA VAL E 105 -19.73 -41.05 -3.90
C VAL E 105 -21.12 -41.02 -3.26
N HIS E 106 -21.25 -40.39 -2.10
CA HIS E 106 -22.57 -40.18 -1.46
C HIS E 106 -23.05 -38.74 -1.65
N ARG E 107 -24.36 -38.55 -1.76
CA ARG E 107 -25.06 -37.25 -1.63
C ARG E 107 -24.50 -36.53 -0.42
N GLY E 108 -24.03 -35.29 -0.58
CA GLY E 108 -23.49 -34.43 0.50
C GLY E 108 -21.97 -34.41 0.56
N ASP E 109 -21.30 -35.34 -0.14
CA ASP E 109 -19.81 -35.42 -0.21
C ASP E 109 -19.24 -34.26 -1.05
N ARG E 110 -18.06 -33.75 -0.69
CA ARG E 110 -17.32 -32.75 -1.51
C ARG E 110 -16.65 -33.50 -2.67
N ILE E 111 -16.99 -33.17 -3.93
CA ILE E 111 -16.54 -33.95 -5.12
C ILE E 111 -15.68 -33.09 -6.05
N ALA E 112 -15.70 -31.77 -5.96
CA ALA E 112 -14.83 -30.91 -6.79
C ALA E 112 -14.68 -29.55 -6.12
N GLN E 113 -13.80 -28.67 -6.62
CA GLN E 113 -13.74 -27.25 -6.19
C GLN E 113 -13.94 -26.32 -7.40
N LEU E 114 -14.70 -25.24 -7.19
CA LEU E 114 -15.03 -24.23 -8.22
C LEU E 114 -14.08 -23.05 -8.06
N LEU E 115 -13.20 -22.85 -9.03
CA LEU E 115 -12.36 -21.62 -9.12
C LEU E 115 -13.05 -20.63 -10.06
N VAL E 116 -12.78 -19.33 -9.88
CA VAL E 116 -13.14 -18.27 -10.86
C VAL E 116 -11.89 -17.44 -11.14
N GLN E 117 -11.57 -17.28 -12.43
CA GLN E 117 -10.44 -16.45 -12.92
C GLN E 117 -10.94 -15.60 -14.08
N ARG E 118 -10.35 -14.42 -14.26
CA ARG E 118 -10.45 -13.65 -15.53
C ARG E 118 -9.97 -14.53 -16.69
N VAL E 119 -10.49 -14.27 -17.86
CA VAL E 119 -10.02 -14.91 -19.11
C VAL E 119 -9.81 -13.76 -20.10
N GLU E 120 -8.86 -13.85 -21.03
CA GLU E 120 -8.65 -12.79 -22.05
C GLU E 120 -9.51 -13.10 -23.28
N LEU E 121 -10.59 -12.33 -23.48
CA LEU E 121 -11.55 -12.50 -24.61
C LEU E 121 -10.93 -11.97 -25.89
N VAL E 122 -9.79 -12.56 -26.29
CA VAL E 122 -8.98 -12.11 -27.45
C VAL E 122 -9.77 -12.31 -28.74
N GLU E 123 -9.72 -11.36 -29.67
CA GLU E 123 -10.17 -11.55 -31.08
C GLU E 123 -8.99 -12.12 -31.87
N LEU E 124 -9.26 -13.15 -32.67
CA LEU E 124 -8.23 -13.94 -33.40
C LEU E 124 -8.04 -13.34 -34.80
N VAL E 125 -6.88 -12.76 -35.05
CA VAL E 125 -6.52 -12.19 -36.38
C VAL E 125 -5.55 -13.15 -37.07
N GLU E 126 -5.97 -13.76 -38.18
CA GLU E 126 -5.03 -14.45 -39.12
C GLU E 126 -3.96 -13.45 -39.58
N VAL E 127 -2.69 -13.82 -39.47
CA VAL E 127 -1.53 -13.04 -40.02
C VAL E 127 -0.89 -13.90 -41.10
N SER E 128 -0.26 -13.28 -42.10
CA SER E 128 0.49 -13.94 -43.21
C SER E 128 1.64 -14.78 -42.63
N SER E 129 2.50 -14.12 -41.83
CA SER E 129 3.63 -14.75 -41.10
C SER E 129 3.81 -13.99 -39.79
N PHE E 130 4.29 -14.66 -38.75
CA PHE E 130 4.64 -13.97 -37.48
C PHE E 130 5.84 -13.06 -37.73
N ASP E 131 6.68 -13.44 -38.72
CA ASP E 131 7.90 -12.69 -39.14
C ASP E 131 7.51 -11.27 -39.57
N GLU E 132 6.36 -11.11 -40.24
CA GLU E 132 5.78 -9.80 -40.65
C GLU E 132 5.53 -8.92 -39.41
N ALA E 133 5.04 -9.50 -38.30
CA ALA E 133 4.80 -8.77 -37.02
C ALA E 133 5.96 -9.00 -36.03
N GLY E 134 5.84 -9.96 -35.10
CA GLY E 134 6.91 -10.33 -34.14
C GLY E 134 7.00 -11.83 -33.97
N LEU E 135 8.08 -12.44 -34.47
CA LEU E 135 8.36 -13.90 -34.37
C LEU E 135 9.65 -14.17 -33.58
N ALA E 136 10.36 -13.13 -33.15
CA ALA E 136 11.68 -13.21 -32.46
C ALA E 136 12.61 -14.15 -33.22
N SER F 2 -9.51 -4.94 -29.13
CA SER F 2 -8.81 -5.16 -27.82
C SER F 2 -8.33 -6.62 -27.74
N THR F 3 -7.15 -6.85 -27.15
CA THR F 3 -6.60 -8.20 -26.90
C THR F 3 -6.67 -8.96 -28.24
N THR F 4 -5.87 -8.57 -29.23
CA THR F 4 -5.85 -9.27 -30.55
C THR F 4 -4.88 -10.45 -30.38
N LEU F 5 -5.24 -11.63 -30.89
CA LEU F 5 -4.33 -12.80 -30.95
C LEU F 5 -3.98 -13.07 -32.42
N ALA F 6 -2.72 -12.87 -32.77
CA ALA F 6 -2.18 -13.13 -34.14
C ALA F 6 -2.17 -14.63 -34.36
N ILE F 7 -2.56 -15.09 -35.54
CA ILE F 7 -2.56 -16.55 -35.78
C ILE F 7 -2.20 -16.81 -37.24
N VAL F 8 -1.41 -17.86 -37.48
CA VAL F 8 -1.09 -18.41 -38.81
C VAL F 8 -1.84 -19.74 -39.00
N ARG F 9 -2.54 -19.90 -40.11
CA ARG F 9 -3.13 -21.20 -40.49
C ARG F 9 -2.09 -21.96 -41.32
N LEU F 10 -1.56 -23.05 -40.76
CA LEU F 10 -0.57 -23.90 -41.45
C LEU F 10 -1.32 -24.80 -42.43
N ASP F 11 -2.59 -25.10 -42.10
CA ASP F 11 -3.56 -25.82 -42.95
C ASP F 11 -4.64 -24.83 -43.39
N PRO F 12 -4.61 -24.37 -44.66
CA PRO F 12 -5.64 -23.47 -45.17
C PRO F 12 -7.01 -24.14 -45.40
N GLY F 13 -7.08 -25.46 -45.34
CA GLY F 13 -8.34 -26.22 -45.52
C GLY F 13 -9.27 -26.15 -44.33
N LEU F 14 -8.82 -25.60 -43.19
CA LEU F 14 -9.65 -25.39 -41.97
C LEU F 14 -9.88 -23.89 -41.81
N PRO F 15 -11.08 -23.45 -41.34
CA PRO F 15 -11.35 -22.02 -41.18
C PRO F 15 -10.60 -21.49 -39.96
N LEU F 16 -10.31 -20.18 -39.95
CA LEU F 16 -9.74 -19.45 -38.79
C LEU F 16 -10.67 -19.68 -37.60
N PRO F 17 -10.18 -20.22 -36.45
CA PRO F 17 -11.06 -20.48 -35.30
C PRO F 17 -11.65 -19.16 -34.77
N SER F 18 -12.73 -19.22 -33.99
CA SER F 18 -13.53 -18.02 -33.61
C SER F 18 -14.36 -18.25 -32.35
N ARG F 19 -14.42 -17.22 -31.49
CA ARG F 19 -15.26 -17.19 -30.26
C ARG F 19 -16.72 -17.15 -30.71
N ALA F 20 -17.51 -18.13 -30.29
CA ALA F 20 -18.84 -18.48 -30.85
C ALA F 20 -19.95 -17.66 -30.21
N HIS F 21 -19.83 -17.33 -28.91
CA HIS F 21 -20.78 -16.47 -28.15
C HIS F 21 -19.94 -15.41 -27.43
N ASP F 22 -20.56 -14.32 -26.95
CA ASP F 22 -19.84 -13.06 -26.61
C ASP F 22 -18.78 -13.33 -25.53
N GLY F 23 -19.16 -14.05 -24.46
CA GLY F 23 -18.34 -14.16 -23.22
C GLY F 23 -17.69 -15.52 -23.04
N ASP F 24 -17.68 -16.36 -24.08
CA ASP F 24 -17.13 -17.74 -24.03
C ASP F 24 -15.63 -17.66 -23.74
N ALA F 25 -15.16 -18.35 -22.69
CA ALA F 25 -13.76 -18.36 -22.24
C ALA F 25 -12.84 -18.77 -23.40
N GLY F 26 -13.28 -19.67 -24.26
CA GLY F 26 -12.42 -20.41 -25.21
C GLY F 26 -12.86 -20.27 -26.65
N VAL F 27 -11.97 -20.57 -27.60
CA VAL F 27 -12.31 -20.73 -29.03
C VAL F 27 -11.97 -22.18 -29.36
N ASP F 28 -12.87 -22.91 -30.01
CA ASP F 28 -12.65 -24.34 -30.37
C ASP F 28 -11.50 -24.45 -31.36
N LEU F 29 -10.69 -25.48 -31.22
CA LEU F 29 -9.65 -25.86 -32.23
C LEU F 29 -10.16 -27.05 -33.07
N TYR F 30 -9.84 -27.06 -34.36
CA TYR F 30 -10.21 -28.16 -35.29
C TYR F 30 -9.13 -29.25 -35.27
N SER F 31 -9.51 -30.50 -35.54
CA SER F 31 -8.54 -31.54 -35.96
C SER F 31 -8.19 -31.29 -37.42
N ALA F 32 -6.90 -31.24 -37.73
CA ALA F 32 -6.40 -31.24 -39.12
C ALA F 32 -6.45 -32.68 -39.65
N GLU F 33 -6.46 -33.68 -38.76
CA GLU F 33 -6.34 -35.13 -39.09
C GLU F 33 -7.65 -35.91 -38.93
N ASP F 34 -7.76 -37.03 -39.66
CA ASP F 34 -8.61 -38.20 -39.29
C ASP F 34 -7.78 -39.12 -38.38
N VAL F 35 -8.36 -39.66 -37.30
CA VAL F 35 -7.64 -40.45 -36.25
C VAL F 35 -8.62 -41.39 -35.53
N GLU F 36 -8.34 -42.70 -35.51
CA GLU F 36 -9.03 -43.68 -34.63
C GLU F 36 -8.19 -43.84 -33.37
N LEU F 37 -8.84 -43.82 -32.20
CA LEU F 37 -8.25 -43.94 -30.85
C LEU F 37 -8.84 -45.15 -30.11
N ALA F 38 -8.06 -46.22 -29.95
CA ALA F 38 -8.45 -47.46 -29.23
C ALA F 38 -8.28 -47.24 -27.72
N PRO F 39 -9.09 -47.91 -26.88
CA PRO F 39 -9.03 -47.74 -25.43
C PRO F 39 -7.65 -47.60 -24.78
N GLY F 40 -7.44 -46.51 -24.01
CA GLY F 40 -6.27 -46.27 -23.18
C GLY F 40 -5.10 -45.77 -24.01
N ARG F 41 -5.24 -45.88 -25.33
CA ARG F 41 -4.23 -45.42 -26.30
C ARG F 41 -4.51 -43.93 -26.56
N ARG F 42 -3.46 -43.17 -26.87
CA ARG F 42 -3.49 -41.70 -27.06
C ARG F 42 -3.05 -41.37 -28.51
N ALA F 43 -2.75 -40.10 -28.76
CA ALA F 43 -2.38 -39.56 -30.09
C ALA F 43 -2.11 -38.06 -29.93
N LEU F 44 -1.13 -37.53 -30.68
CA LEU F 44 -0.83 -36.08 -30.67
C LEU F 44 -1.36 -35.49 -31.99
N VAL F 45 -2.53 -34.86 -31.95
CA VAL F 45 -3.28 -34.40 -33.16
C VAL F 45 -2.92 -32.95 -33.48
N ARG F 46 -2.79 -32.67 -34.76
CA ARG F 46 -2.44 -31.35 -35.36
C ARG F 46 -3.72 -30.53 -35.49
N THR F 47 -3.65 -29.22 -35.27
CA THR F 47 -4.82 -28.32 -35.30
C THR F 47 -4.76 -27.40 -36.53
N GLY F 48 -3.65 -27.39 -37.25
CA GLY F 48 -3.46 -26.52 -38.43
C GLY F 48 -3.36 -25.05 -38.06
N VAL F 49 -2.95 -24.73 -36.84
CA VAL F 49 -2.82 -23.30 -36.40
C VAL F 49 -1.59 -23.15 -35.50
N ALA F 50 -1.02 -21.96 -35.56
CA ALA F 50 0.08 -21.44 -34.72
C ALA F 50 -0.38 -20.10 -34.17
N VAL F 51 -0.06 -19.77 -32.93
CA VAL F 51 -0.55 -18.52 -32.28
C VAL F 51 0.66 -17.75 -31.74
N ALA F 52 0.50 -16.46 -31.53
CA ALA F 52 1.43 -15.60 -30.77
C ALA F 52 0.72 -15.13 -29.51
N VAL F 53 0.65 -16.01 -28.51
CA VAL F 53 0.23 -15.66 -27.12
C VAL F 53 1.08 -14.47 -26.69
N PRO F 54 0.51 -13.28 -26.46
CA PRO F 54 1.29 -12.13 -25.95
C PRO F 54 2.12 -12.41 -24.69
N PHE F 55 3.14 -11.59 -24.44
CA PHE F 55 3.99 -11.61 -23.22
C PHE F 55 3.17 -11.12 -22.01
N GLY F 56 3.30 -11.81 -20.87
CA GLY F 56 2.49 -11.58 -19.66
C GLY F 56 1.32 -12.55 -19.59
N MET F 57 1.11 -13.34 -20.64
CA MET F 57 -0.10 -14.19 -20.86
C MET F 57 0.33 -15.62 -21.17
N VAL F 58 -0.62 -16.56 -21.10
CA VAL F 58 -0.41 -18.00 -21.36
C VAL F 58 -1.64 -18.58 -22.08
N GLY F 59 -1.41 -19.36 -23.13
CA GLY F 59 -2.44 -20.13 -23.84
C GLY F 59 -2.66 -21.47 -23.16
N LEU F 60 -3.90 -21.93 -23.10
CA LEU F 60 -4.28 -23.16 -22.37
C LEU F 60 -5.27 -23.95 -23.21
N VAL F 61 -5.16 -25.28 -23.16
CA VAL F 61 -5.90 -26.19 -24.06
C VAL F 61 -6.66 -27.15 -23.16
N HIS F 62 -7.98 -27.01 -23.17
CA HIS F 62 -8.93 -27.81 -22.36
C HIS F 62 -9.71 -28.76 -23.26
N PRO F 63 -10.10 -29.92 -22.74
CA PRO F 63 -10.95 -30.83 -23.48
C PRO F 63 -12.42 -30.34 -23.43
N ARG F 64 -13.14 -30.55 -24.52
CA ARG F 64 -14.59 -30.24 -24.69
C ARG F 64 -15.37 -31.21 -23.81
N SER F 65 -16.47 -30.75 -23.20
CA SER F 65 -17.27 -31.49 -22.20
C SER F 65 -18.04 -32.63 -22.85
N GLY F 66 -18.64 -32.39 -24.03
CA GLY F 66 -19.43 -33.41 -24.73
C GLY F 66 -18.59 -34.65 -25.04
N LEU F 67 -17.47 -34.47 -25.72
CA LEU F 67 -16.53 -35.54 -26.09
C LEU F 67 -16.09 -36.30 -24.85
N ALA F 68 -15.79 -35.59 -23.75
CA ALA F 68 -15.34 -36.14 -22.46
C ALA F 68 -16.44 -36.99 -21.84
N THR F 69 -17.64 -36.41 -21.76
CA THR F 69 -18.84 -37.01 -21.15
C THR F 69 -19.24 -38.23 -21.98
N ARG F 70 -19.64 -37.96 -23.21
CA ARG F 70 -20.24 -38.92 -24.18
C ARG F 70 -19.28 -40.11 -24.43
N VAL F 71 -17.98 -39.90 -24.71
CA VAL F 71 -17.11 -41.03 -25.17
C VAL F 71 -15.78 -41.10 -24.41
N GLY F 72 -15.66 -40.42 -23.28
CA GLY F 72 -14.43 -40.43 -22.47
C GLY F 72 -13.20 -39.99 -23.25
N LEU F 73 -13.34 -39.06 -24.19
CA LEU F 73 -12.17 -38.37 -24.80
C LEU F 73 -11.61 -37.36 -23.80
N SER F 74 -10.30 -37.43 -23.53
CA SER F 74 -9.59 -36.45 -22.67
C SER F 74 -8.28 -36.01 -23.32
N ILE F 75 -7.49 -35.20 -22.60
CA ILE F 75 -6.16 -34.69 -23.04
C ILE F 75 -5.20 -35.02 -21.90
N VAL F 76 -4.03 -35.57 -22.25
CA VAL F 76 -3.09 -36.25 -21.32
C VAL F 76 -2.42 -35.19 -20.44
N ASN F 77 -1.97 -34.08 -21.05
CA ASN F 77 -1.25 -32.95 -20.40
C ASN F 77 -2.20 -31.79 -20.09
N SER F 78 -3.49 -32.05 -19.82
CA SER F 78 -4.49 -31.00 -19.53
C SER F 78 -4.19 -30.31 -18.21
N PRO F 79 -4.29 -28.96 -18.09
CA PRO F 79 -4.49 -28.07 -19.24
C PRO F 79 -3.19 -27.84 -20.05
N GLY F 80 -3.22 -28.18 -21.35
CA GLY F 80 -2.08 -28.03 -22.29
C GLY F 80 -1.56 -26.60 -22.30
N THR F 81 -0.28 -26.39 -22.02
CA THR F 81 0.35 -25.05 -21.80
C THR F 81 0.98 -24.57 -23.11
N ILE F 82 0.58 -23.39 -23.60
CA ILE F 82 1.21 -22.67 -24.74
C ILE F 82 1.96 -21.47 -24.16
N ASP F 83 3.29 -21.53 -24.12
CA ASP F 83 4.16 -20.45 -23.58
C ASP F 83 4.15 -19.31 -24.61
N ALA F 84 4.32 -18.06 -24.16
CA ALA F 84 4.26 -16.85 -25.01
C ALA F 84 5.26 -16.94 -26.18
N GLY F 85 6.34 -17.70 -26.04
CA GLY F 85 7.43 -17.69 -27.03
C GLY F 85 7.18 -18.66 -28.17
N TYR F 86 6.30 -19.65 -27.98
CA TYR F 86 6.07 -20.75 -28.96
C TYR F 86 5.39 -20.17 -30.21
N ARG F 87 5.91 -20.49 -31.40
CA ARG F 87 5.38 -20.02 -32.70
C ARG F 87 5.15 -21.21 -33.64
N GLY F 88 5.22 -22.43 -33.13
CA GLY F 88 4.96 -23.65 -33.92
C GLY F 88 3.49 -24.04 -33.92
N GLU F 89 3.17 -25.05 -34.73
CA GLU F 89 1.81 -25.61 -34.88
C GLU F 89 1.32 -26.02 -33.51
N ILE F 90 0.04 -25.77 -33.20
CA ILE F 90 -0.61 -26.24 -31.94
C ILE F 90 -1.12 -27.67 -32.15
N LYS F 91 -0.81 -28.52 -31.18
CA LYS F 91 -1.09 -29.98 -31.20
C LYS F 91 -1.77 -30.35 -29.89
N VAL F 92 -2.84 -31.13 -29.97
CA VAL F 92 -3.62 -31.57 -28.78
C VAL F 92 -3.21 -33.02 -28.51
N ALA F 93 -2.89 -33.35 -27.26
CA ALA F 93 -2.53 -34.70 -26.80
C ALA F 93 -3.79 -35.44 -26.40
N LEU F 94 -4.55 -35.97 -27.36
CA LEU F 94 -5.84 -36.66 -27.06
C LEU F 94 -5.57 -37.99 -26.37
N ILE F 95 -6.61 -38.62 -25.83
CA ILE F 95 -6.56 -39.99 -25.21
C ILE F 95 -7.97 -40.54 -25.07
N ASN F 96 -8.15 -41.84 -25.32
CA ASN F 96 -9.44 -42.54 -25.10
C ASN F 96 -9.45 -43.17 -23.69
N LEU F 97 -10.12 -42.53 -22.74
CA LEU F 97 -10.24 -42.99 -21.34
C LEU F 97 -11.45 -43.90 -21.20
N ASP F 98 -12.16 -44.20 -22.29
CA ASP F 98 -13.22 -45.25 -22.29
C ASP F 98 -12.51 -46.59 -22.16
N PRO F 99 -13.10 -47.58 -21.45
CA PRO F 99 -12.47 -48.90 -21.31
C PRO F 99 -12.65 -49.81 -22.54
N ALA F 100 -13.73 -49.62 -23.32
CA ALA F 100 -14.18 -50.54 -24.40
C ALA F 100 -14.12 -49.89 -25.80
N ALA F 101 -14.93 -48.86 -26.05
CA ALA F 101 -15.25 -48.36 -27.42
C ALA F 101 -14.11 -47.51 -28.00
N PRO F 102 -13.73 -47.71 -29.28
CA PRO F 102 -12.77 -46.83 -29.94
C PRO F 102 -13.40 -45.46 -30.25
N ILE F 103 -12.59 -44.40 -30.38
CA ILE F 103 -13.05 -43.01 -30.69
C ILE F 103 -12.55 -42.67 -32.09
N VAL F 104 -13.46 -42.30 -33.00
CA VAL F 104 -13.13 -41.74 -34.34
C VAL F 104 -13.27 -40.21 -34.32
N VAL F 105 -12.14 -39.51 -34.51
CA VAL F 105 -12.09 -38.05 -34.78
C VAL F 105 -11.88 -37.83 -36.28
N HIS F 106 -12.74 -37.04 -36.91
CA HIS F 106 -12.62 -36.64 -38.34
C HIS F 106 -11.92 -35.29 -38.46
N ARG F 107 -11.16 -35.09 -39.53
CA ARG F 107 -10.67 -33.75 -39.95
C ARG F 107 -11.86 -32.78 -39.92
N GLY F 108 -11.71 -31.62 -39.28
CA GLY F 108 -12.79 -30.62 -39.15
C GLY F 108 -13.64 -30.82 -37.91
N ASP F 109 -13.49 -31.93 -37.18
CA ASP F 109 -14.03 -32.07 -35.81
C ASP F 109 -13.38 -31.02 -34.91
N ARG F 110 -14.18 -30.34 -34.11
CA ARG F 110 -13.73 -29.52 -32.96
C ARG F 110 -13.33 -30.47 -31.81
N ILE F 111 -12.04 -30.53 -31.46
CA ILE F 111 -11.47 -31.55 -30.53
C ILE F 111 -10.92 -30.91 -29.25
N ALA F 112 -10.83 -29.58 -29.17
CA ALA F 112 -10.34 -28.90 -27.96
C ALA F 112 -10.74 -27.43 -27.99
N GLN F 113 -10.58 -26.74 -26.88
CA GLN F 113 -10.76 -25.27 -26.88
C GLN F 113 -9.54 -24.58 -26.27
N LEU F 114 -9.17 -23.43 -26.85
CA LEU F 114 -8.01 -22.59 -26.43
C LEU F 114 -8.53 -21.43 -25.57
N LEU F 115 -8.05 -21.31 -24.33
CA LEU F 115 -8.23 -20.09 -23.51
C LEU F 115 -6.96 -19.24 -23.58
N VAL F 116 -7.05 -17.99 -23.16
CA VAL F 116 -5.87 -17.12 -22.98
C VAL F 116 -6.03 -16.35 -21.67
N GLN F 117 -5.17 -16.65 -20.72
CA GLN F 117 -5.16 -15.96 -19.41
C GLN F 117 -3.86 -15.20 -19.26
N ARG F 118 -3.90 -14.14 -18.48
CA ARG F 118 -2.71 -13.52 -17.87
C ARG F 118 -2.06 -14.55 -16.95
N VAL F 119 -0.75 -14.53 -16.86
CA VAL F 119 0.03 -15.35 -15.89
C VAL F 119 0.99 -14.40 -15.16
N GLU F 120 1.17 -14.59 -13.85
CA GLU F 120 2.19 -13.86 -13.04
C GLU F 120 3.57 -14.45 -13.36
N LEU F 121 4.48 -13.57 -13.79
CA LEU F 121 5.88 -13.93 -14.13
C LEU F 121 6.73 -13.64 -12.90
N VAL F 122 6.52 -14.47 -11.88
CA VAL F 122 7.10 -14.34 -10.51
C VAL F 122 8.62 -14.53 -10.60
N GLU F 123 9.33 -13.71 -9.83
CA GLU F 123 10.76 -13.90 -9.45
C GLU F 123 10.77 -14.76 -8.18
N LEU F 124 11.39 -15.95 -8.25
CA LEU F 124 11.53 -16.88 -7.11
C LEU F 124 12.68 -16.41 -6.21
N VAL F 125 12.52 -16.59 -4.90
CA VAL F 125 13.42 -16.04 -3.85
C VAL F 125 13.58 -17.08 -2.74
N GLU F 126 14.61 -17.92 -2.86
CA GLU F 126 15.07 -18.88 -1.80
C GLU F 126 15.15 -18.12 -0.47
N VAL F 127 14.25 -18.48 0.46
CA VAL F 127 14.17 -18.00 1.86
C VAL F 127 14.53 -19.21 2.75
N SER F 128 15.03 -18.99 3.97
CA SER F 128 15.52 -20.05 4.89
C SER F 128 14.36 -20.91 5.38
N SER F 129 13.46 -20.30 6.16
CA SER F 129 12.14 -20.80 6.58
C SER F 129 11.13 -19.67 6.33
N PHE F 130 9.83 -19.93 6.55
CA PHE F 130 8.77 -18.92 6.32
C PHE F 130 8.78 -17.91 7.48
N ASP F 131 9.53 -18.22 8.55
CA ASP F 131 10.06 -17.24 9.53
C ASP F 131 11.39 -16.69 8.97
N GLU F 132 11.31 -15.57 8.23
CA GLU F 132 12.39 -14.94 7.41
C GLU F 132 11.81 -14.47 6.08
N ALA G 1 -5.44 -15.84 -49.07
CA ALA G 1 -5.75 -15.04 -47.83
C ALA G 1 -7.23 -14.63 -47.84
N GLU G 2 -8.01 -15.28 -48.69
CA GLU G 2 -9.23 -14.70 -49.31
C GLU G 2 -10.32 -15.78 -49.33
N LEU G 3 -11.55 -15.40 -48.99
CA LEU G 3 -12.71 -16.32 -48.94
C LEU G 3 -13.23 -16.54 -50.35
N PRO G 4 -13.82 -17.71 -50.65
CA PRO G 4 -14.53 -17.89 -51.90
C PRO G 4 -15.58 -16.79 -52.13
N THR G 5 -15.87 -16.56 -53.40
CA THR G 5 -16.78 -15.50 -53.91
C THR G 5 -18.21 -15.76 -53.44
N HIS G 6 -18.56 -16.98 -52.99
CA HIS G 6 -19.93 -17.33 -52.52
C HIS G 6 -20.26 -16.66 -51.17
N TYR G 7 -19.26 -16.30 -50.36
CA TYR G 7 -19.50 -15.62 -49.06
C TYR G 7 -20.21 -14.29 -49.31
N GLY G 8 -20.03 -13.71 -50.49
CA GLY G 8 -20.78 -12.52 -50.94
C GLY G 8 -22.27 -12.76 -50.95
N THR G 9 -22.71 -13.83 -51.61
CA THR G 9 -24.14 -14.21 -51.72
C THR G 9 -24.68 -14.48 -50.33
N ILE G 10 -23.90 -15.18 -49.50
CA ILE G 10 -24.24 -15.56 -48.09
C ILE G 10 -24.55 -14.27 -47.31
N ILE G 11 -23.58 -13.36 -47.29
CA ILE G 11 -23.69 -12.09 -46.53
C ILE G 11 -24.84 -11.26 -47.07
N LYS G 12 -25.09 -11.22 -48.39
CA LYS G 12 -26.21 -10.43 -48.93
C LYS G 12 -27.55 -11.03 -48.46
N THR G 13 -27.75 -12.33 -48.67
CA THR G 13 -28.98 -13.02 -48.22
C THR G 13 -29.17 -12.83 -46.71
N LEU G 14 -28.11 -12.78 -45.91
CA LEU G 14 -28.28 -12.71 -44.43
C LEU G 14 -28.54 -11.25 -44.06
N ARG G 15 -27.88 -10.30 -44.73
CA ARG G 15 -28.08 -8.85 -44.49
C ARG G 15 -29.56 -8.52 -44.68
N LYS G 16 -30.19 -9.15 -45.67
CA LYS G 16 -31.61 -8.96 -46.03
C LYS G 16 -32.48 -9.62 -44.95
N TYR G 17 -32.19 -10.87 -44.60
CA TYR G 17 -32.94 -11.61 -43.58
C TYR G 17 -32.96 -10.80 -42.27
N MET G 18 -31.85 -10.18 -41.90
CA MET G 18 -31.71 -9.36 -40.66
C MET G 18 -32.34 -7.97 -40.81
N LYS G 19 -32.89 -7.64 -41.99
CA LYS G 19 -33.53 -6.32 -42.28
C LYS G 19 -32.49 -5.20 -42.16
N LEU G 20 -31.35 -5.33 -42.82
CA LEU G 20 -30.27 -4.29 -42.81
C LEU G 20 -30.09 -3.71 -44.20
N THR G 21 -29.99 -2.39 -44.29
CA THR G 21 -29.57 -1.64 -45.49
C THR G 21 -28.05 -1.71 -45.57
N GLN G 22 -27.48 -1.46 -46.74
CA GLN G 22 -26.00 -1.39 -46.85
C GLN G 22 -25.47 -0.31 -45.90
N SER G 23 -26.18 0.81 -45.73
CA SER G 23 -25.71 1.98 -44.95
C SER G 23 -25.53 1.55 -43.49
N LYS G 24 -26.48 0.77 -42.96
CA LYS G 24 -26.48 0.30 -41.55
C LYS G 24 -25.31 -0.67 -41.34
N LEU G 25 -25.21 -1.72 -42.15
CA LEU G 25 -24.05 -2.65 -42.10
C LEU G 25 -22.79 -1.81 -42.20
N SER G 26 -22.74 -0.87 -43.13
CA SER G 26 -21.59 0.07 -43.28
C SER G 26 -21.29 0.74 -41.93
N GLU G 27 -22.30 1.22 -41.22
CA GLU G 27 -22.11 1.90 -39.91
C GLU G 27 -21.48 0.91 -38.92
N ARG G 28 -21.98 -0.33 -38.90
CA ARG G 28 -21.64 -1.37 -37.89
C ARG G 28 -20.28 -2.03 -38.12
N THR G 29 -19.85 -2.17 -39.38
CA THR G 29 -18.59 -2.85 -39.80
C THR G 29 -17.45 -1.84 -39.91
N GLY G 30 -17.72 -0.69 -40.52
CA GLY G 30 -16.67 0.29 -40.93
C GLY G 30 -16.36 0.15 -42.41
N PHE G 31 -16.97 -0.80 -43.10
CA PHE G 31 -16.86 -0.95 -44.58
C PHE G 31 -17.74 0.09 -45.25
N SER G 32 -17.25 0.74 -46.32
CA SER G 32 -18.03 1.64 -47.18
C SER G 32 -19.09 0.82 -47.94
N GLN G 33 -20.19 1.46 -48.34
CA GLN G 33 -21.24 0.83 -49.19
C GLN G 33 -20.58 0.21 -50.42
N ASN G 34 -19.69 0.95 -51.06
CA ASN G 34 -18.96 0.48 -52.28
C ASN G 34 -18.35 -0.90 -51.95
N THR G 35 -17.47 -0.94 -50.95
CA THR G 35 -16.80 -2.18 -50.43
C THR G 35 -17.83 -3.29 -50.24
N ILE G 36 -18.94 -3.01 -49.54
CA ILE G 36 -20.00 -4.01 -49.25
C ILE G 36 -20.62 -4.53 -50.57
N SER G 37 -20.94 -3.62 -51.51
CA SER G 37 -21.53 -3.94 -52.84
C SER G 37 -20.64 -4.93 -53.60
N ASN G 38 -19.34 -4.65 -53.61
CA ASN G 38 -18.32 -5.38 -54.41
C ASN G 38 -17.99 -6.73 -53.75
N HIS G 39 -18.08 -6.82 -52.41
CA HIS G 39 -18.11 -8.13 -51.69
C HIS G 39 -19.34 -8.93 -52.12
N GLU G 40 -20.51 -8.29 -52.10
CA GLU G 40 -21.83 -8.93 -52.27
C GLU G 40 -22.04 -9.37 -53.73
N ASN G 41 -21.34 -8.75 -54.68
CA ASN G 41 -21.61 -8.96 -56.14
C ASN G 41 -20.54 -9.90 -56.71
N GLY G 42 -19.46 -10.17 -55.96
CA GLY G 42 -18.43 -11.17 -56.32
C GLY G 42 -17.20 -10.57 -56.98
N ASN G 43 -17.25 -9.32 -57.41
CA ASN G 43 -16.10 -8.58 -58.01
C ASN G 43 -14.90 -8.52 -57.06
N ARG G 44 -15.09 -8.73 -55.77
CA ARG G 44 -14.02 -8.60 -54.75
C ARG G 44 -14.21 -9.67 -53.68
N ASN G 45 -13.18 -10.44 -53.37
CA ASN G 45 -13.28 -11.57 -52.41
C ASN G 45 -13.27 -11.01 -50.98
N ILE G 46 -14.00 -11.65 -50.06
CA ILE G 46 -14.02 -11.21 -48.64
C ILE G 46 -12.75 -11.72 -47.96
N GLY G 47 -12.09 -10.83 -47.22
CA GLY G 47 -10.89 -11.13 -46.41
C GLY G 47 -11.21 -12.17 -45.35
N VAL G 48 -10.24 -13.04 -45.06
CA VAL G 48 -10.35 -14.08 -44.00
C VAL G 48 -10.68 -13.40 -42.67
N ASN G 49 -10.19 -12.17 -42.45
CA ASN G 49 -10.44 -11.41 -41.20
C ASN G 49 -11.74 -10.60 -41.33
N GLU G 50 -12.08 -10.18 -42.55
CA GLU G 50 -13.23 -9.29 -42.81
C GLU G 50 -14.51 -10.03 -42.42
N ILE G 51 -14.63 -11.32 -42.77
CA ILE G 51 -15.84 -12.16 -42.50
C ILE G 51 -16.21 -12.12 -41.00
N GLU G 52 -15.22 -11.97 -40.11
CA GLU G 52 -15.47 -11.89 -38.66
C GLU G 52 -16.19 -10.56 -38.36
N ILE G 53 -15.84 -9.50 -39.09
CA ILE G 53 -16.44 -8.15 -38.92
C ILE G 53 -17.89 -8.19 -39.42
N TYR G 54 -18.12 -8.86 -40.55
CA TYR G 54 -19.48 -9.06 -41.13
C TYR G 54 -20.30 -9.89 -40.17
N GLY G 55 -19.75 -11.02 -39.74
CA GLY G 55 -20.27 -11.81 -38.61
C GLY G 55 -20.79 -10.94 -37.47
N LYS G 56 -19.96 -10.05 -36.92
CA LYS G 56 -20.33 -9.21 -35.74
C LYS G 56 -21.42 -8.23 -36.17
N GLY G 57 -21.38 -7.77 -37.43
CA GLY G 57 -22.31 -6.77 -38.02
C GLY G 57 -23.71 -7.32 -38.21
N LEU G 58 -23.83 -8.54 -38.73
CA LEU G 58 -25.11 -9.24 -39.00
C LEU G 58 -25.71 -9.77 -37.69
N GLY G 59 -24.93 -9.82 -36.62
CA GLY G 59 -25.32 -10.50 -35.36
C GLY G 59 -25.47 -12.00 -35.54
N ILE G 60 -24.58 -12.62 -36.33
CA ILE G 60 -24.55 -14.10 -36.55
C ILE G 60 -23.11 -14.58 -36.39
N PRO G 61 -22.88 -15.63 -35.57
CA PRO G 61 -21.55 -16.24 -35.47
C PRO G 61 -20.97 -16.70 -36.82
N SER G 62 -19.66 -16.51 -37.00
CA SER G 62 -18.90 -16.90 -38.20
C SER G 62 -19.00 -18.43 -38.44
N TYR G 63 -19.08 -19.26 -37.40
CA TYR G 63 -19.15 -20.74 -37.55
C TYR G 63 -20.31 -21.12 -38.48
N ILE G 64 -21.43 -20.38 -38.37
CA ILE G 64 -22.69 -20.62 -39.13
C ILE G 64 -22.51 -20.12 -40.58
N LEU G 65 -21.72 -19.05 -40.78
CA LEU G 65 -21.34 -18.59 -42.13
C LEU G 65 -20.45 -19.64 -42.78
N HIS G 66 -19.53 -20.27 -42.04
CA HIS G 66 -18.60 -21.29 -42.59
C HIS G 66 -19.37 -22.59 -42.93
N ARG G 67 -20.34 -22.98 -42.10
CA ARG G 67 -21.12 -24.22 -42.31
C ARG G 67 -22.07 -24.01 -43.50
N ILE G 68 -22.55 -22.79 -43.74
CA ILE G 68 -23.42 -22.50 -44.93
C ILE G 68 -22.56 -22.55 -46.19
N SER G 69 -21.31 -22.07 -46.15
CA SER G 69 -20.31 -22.21 -47.24
C SER G 69 -20.15 -23.70 -47.55
N ASP G 70 -19.97 -24.52 -46.52
CA ASP G 70 -19.80 -25.99 -46.68
C ASP G 70 -20.94 -26.59 -47.52
N GLU G 71 -22.16 -26.08 -47.40
CA GLU G 71 -23.35 -26.66 -48.08
C GLU G 71 -23.30 -26.30 -49.57
N PHE G 72 -22.93 -25.06 -49.92
CA PHE G 72 -22.70 -24.61 -51.33
C PHE G 72 -21.67 -25.51 -52.00
N LYS G 73 -20.55 -25.77 -51.30
CA LYS G 73 -19.35 -26.46 -51.83
C LYS G 73 -19.63 -27.92 -52.21
N GLU G 74 -20.61 -28.54 -51.54
CA GLU G 74 -20.91 -29.97 -51.76
C GLU G 74 -22.32 -30.20 -52.28
N LYS G 75 -23.13 -29.16 -52.48
CA LYS G 75 -24.47 -29.37 -53.06
C LYS G 75 -24.73 -28.35 -54.16
N GLY G 76 -24.12 -27.16 -54.07
CA GLY G 76 -24.36 -26.11 -55.06
C GLY G 76 -25.25 -25.04 -54.48
N TYR G 77 -25.94 -25.38 -53.41
CA TYR G 77 -26.87 -24.43 -52.77
C TYR G 77 -26.86 -24.70 -51.27
N SER G 78 -27.37 -23.74 -50.50
CA SER G 78 -27.51 -23.96 -49.04
C SER G 78 -28.98 -24.04 -48.69
N PRO G 79 -29.49 -25.24 -48.31
CA PRO G 79 -30.88 -25.38 -47.86
C PRO G 79 -31.14 -24.47 -46.64
N THR G 80 -30.21 -24.49 -45.69
CA THR G 80 -30.19 -23.60 -44.50
C THR G 80 -30.41 -22.15 -44.94
N LEU G 81 -29.57 -21.62 -45.83
CA LEU G 81 -29.64 -20.19 -46.25
C LEU G 81 -30.97 -19.91 -46.96
N ASN G 82 -31.39 -20.81 -47.85
CA ASN G 82 -32.62 -20.70 -48.66
C ASN G 82 -33.83 -20.60 -47.75
N ASP G 83 -33.85 -21.38 -46.66
CA ASP G 83 -34.94 -21.48 -45.66
C ASP G 83 -34.40 -21.03 -44.29
N PHE G 84 -33.72 -19.90 -44.22
CA PHE G 84 -32.95 -19.46 -43.02
C PHE G 84 -33.85 -19.10 -41.85
N GLY G 85 -35.05 -18.57 -42.11
CA GLY G 85 -35.99 -18.17 -41.05
C GLY G 85 -36.22 -19.32 -40.09
N LYS G 86 -36.40 -20.53 -40.61
CA LYS G 86 -36.65 -21.74 -39.79
C LYS G 86 -35.36 -22.11 -39.03
N PHE G 87 -34.20 -22.13 -39.69
CA PHE G 87 -32.90 -22.37 -39.02
C PHE G 87 -32.73 -21.33 -37.90
N ASP G 88 -32.99 -20.05 -38.15
CA ASP G 88 -32.83 -18.98 -37.14
C ASP G 88 -33.67 -19.30 -35.91
N LYS G 89 -34.90 -19.82 -36.09
CA LYS G 89 -35.85 -20.06 -34.98
C LYS G 89 -35.32 -21.20 -34.10
N MET G 90 -34.88 -22.30 -34.71
CA MET G 90 -34.45 -23.52 -33.98
C MET G 90 -33.13 -23.25 -33.26
N TYR G 91 -32.19 -22.57 -33.92
CA TYR G 91 -30.88 -22.17 -33.34
C TYR G 91 -31.09 -21.29 -32.11
N SER G 92 -32.03 -20.35 -32.15
CA SER G 92 -32.32 -19.50 -30.96
C SER G 92 -32.75 -20.41 -29.79
N TYR G 93 -33.45 -21.52 -30.07
CA TYR G 93 -33.90 -22.54 -29.10
C TYR G 93 -32.77 -23.47 -28.68
N VAL G 94 -31.99 -23.96 -29.64
CA VAL G 94 -30.79 -24.82 -29.39
C VAL G 94 -29.79 -24.04 -28.54
N ASN G 95 -29.54 -22.77 -28.85
CA ASN G 95 -28.62 -21.90 -28.08
C ASN G 95 -29.17 -21.72 -26.66
N LYS G 96 -30.48 -21.46 -26.53
CA LYS G 96 -31.13 -21.26 -25.21
C LYS G 96 -31.00 -22.55 -24.39
N ALA G 97 -31.19 -23.70 -25.03
CA ALA G 97 -31.05 -25.02 -24.37
C ALA G 97 -29.62 -25.13 -23.82
N TYR G 98 -28.63 -24.87 -24.67
CA TYR G 98 -27.18 -25.04 -24.40
C TYR G 98 -26.72 -24.18 -23.21
N TYR G 99 -27.13 -22.92 -23.11
CA TYR G 99 -26.68 -22.01 -22.02
C TYR G 99 -27.58 -22.12 -20.79
N ASN G 100 -28.65 -22.91 -20.81
CA ASN G 100 -29.61 -22.91 -19.67
C ASN G 100 -29.91 -24.31 -19.11
N ASP G 101 -29.48 -25.38 -19.79
CA ASP G 101 -29.84 -26.77 -19.40
C ASP G 101 -28.62 -27.69 -19.33
N GLY G 102 -28.45 -28.34 -18.17
CA GLY G 102 -27.29 -29.18 -17.80
C GLY G 102 -27.30 -30.54 -18.47
N ASP G 103 -28.44 -30.96 -19.02
CA ASP G 103 -28.41 -32.15 -19.91
C ASP G 103 -27.63 -31.76 -21.15
N ILE G 104 -28.02 -30.64 -21.78
CA ILE G 104 -27.50 -30.12 -23.08
C ILE G 104 -26.02 -29.69 -22.97
N TYR G 105 -25.68 -28.83 -22.00
CA TYR G 105 -24.38 -28.10 -21.93
C TYR G 105 -23.18 -29.06 -21.86
N TYR G 106 -23.30 -30.21 -21.20
CA TYR G 106 -22.16 -31.15 -21.02
C TYR G 106 -22.20 -32.24 -22.10
N SER G 107 -23.13 -32.16 -23.05
CA SER G 107 -23.45 -33.28 -23.98
C SER G 107 -23.51 -32.83 -25.45
N SER G 108 -23.41 -31.52 -25.73
CA SER G 108 -23.47 -30.99 -27.11
C SER G 108 -22.14 -31.27 -27.84
N TYR G 109 -22.22 -31.52 -29.15
CA TYR G 109 -21.06 -31.72 -30.05
C TYR G 109 -20.93 -30.51 -30.97
N ASP G 110 -22.04 -30.10 -31.58
CA ASP G 110 -22.09 -29.05 -32.63
C ASP G 110 -23.53 -28.52 -32.66
N LEU G 111 -23.73 -27.28 -32.19
CA LEU G 111 -25.05 -26.60 -32.20
C LEU G 111 -25.61 -26.53 -33.63
N TYR G 112 -24.77 -26.42 -34.66
CA TYR G 112 -25.26 -26.37 -36.07
C TYR G 112 -25.85 -27.72 -36.44
N ASP G 113 -25.08 -28.80 -36.27
CA ASP G 113 -25.52 -30.19 -36.56
C ASP G 113 -26.83 -30.47 -35.81
N GLU G 114 -26.89 -30.06 -34.54
CA GLU G 114 -27.99 -30.45 -33.62
C GLU G 114 -29.24 -29.64 -33.99
N THR G 115 -29.06 -28.44 -34.52
CA THR G 115 -30.18 -27.62 -35.06
C THR G 115 -30.75 -28.30 -36.30
N ILE G 116 -29.88 -28.65 -37.25
CA ILE G 116 -30.22 -29.40 -38.50
C ILE G 116 -31.00 -30.68 -38.13
N LYS G 117 -30.46 -31.52 -37.22
CA LYS G 117 -31.10 -32.82 -36.83
C LYS G 117 -32.50 -32.53 -36.27
N LEU G 118 -32.70 -31.44 -35.53
CA LEU G 118 -34.01 -31.13 -34.90
C LEU G 118 -35.01 -30.69 -35.97
N LEU G 119 -34.61 -29.86 -36.93
CA LEU G 119 -35.53 -29.38 -37.99
C LEU G 119 -36.03 -30.58 -38.79
N GLU G 120 -35.16 -31.58 -39.08
CA GLU G 120 -35.50 -32.85 -39.76
C GLU G 120 -36.63 -33.56 -39.00
N LEU G 121 -36.38 -33.94 -37.76
CA LEU G 121 -37.36 -34.70 -36.94
C LEU G 121 -38.70 -33.98 -36.90
N LEU G 122 -38.68 -32.66 -37.03
CA LEU G 122 -39.94 -31.90 -37.02
C LEU G 122 -40.63 -32.08 -38.37
N LYS G 123 -39.88 -32.01 -39.47
CA LYS G 123 -40.46 -32.21 -40.82
C LYS G 123 -40.93 -33.65 -40.94
N GLU G 124 -40.09 -34.60 -40.50
CA GLU G 124 -40.45 -36.03 -40.54
C GLU G 124 -41.77 -36.22 -39.82
N SER G 125 -41.99 -35.47 -38.75
CA SER G 125 -43.24 -35.64 -37.96
C SER G 125 -44.26 -34.58 -38.38
N LYS G 126 -44.10 -34.00 -39.57
CA LYS G 126 -45.01 -32.92 -40.07
C LYS G 126 -45.37 -31.97 -38.93
N ILE G 127 -44.37 -31.36 -38.28
CA ILE G 127 -44.53 -30.31 -37.23
C ILE G 127 -43.96 -29.00 -37.79
N ASN G 128 -44.61 -27.86 -37.46
CA ASN G 128 -44.20 -26.50 -37.90
C ASN G 128 -43.36 -25.86 -36.78
N VAL G 129 -42.07 -25.64 -37.05
CA VAL G 129 -41.13 -24.97 -36.11
C VAL G 129 -41.76 -23.69 -35.56
N ASN G 130 -42.57 -23.00 -36.37
CA ASN G 130 -43.24 -21.71 -36.01
C ASN G 130 -44.56 -21.99 -35.25
N ASP G 131 -44.86 -23.25 -34.92
CA ASP G 131 -46.06 -23.66 -34.14
C ASP G 131 -45.66 -24.20 -32.76
N ILE G 132 -44.56 -24.95 -32.65
CA ILE G 132 -44.07 -25.58 -31.38
C ILE G 132 -43.58 -24.52 -30.40
N ASP G 133 -43.39 -24.93 -29.14
CA ASP G 133 -42.81 -24.08 -28.06
C ASP G 133 -41.45 -24.64 -27.62
N TYR G 134 -40.60 -23.79 -27.03
CA TYR G 134 -39.25 -24.13 -26.49
C TYR G 134 -39.32 -25.45 -25.72
N ASP G 135 -40.22 -25.54 -24.73
CA ASP G 135 -40.29 -26.66 -23.74
C ASP G 135 -40.34 -27.99 -24.49
N TYR G 136 -41.08 -28.07 -25.61
CA TYR G 136 -41.14 -29.30 -26.46
C TYR G 136 -39.74 -29.58 -27.06
N VAL G 137 -39.10 -28.57 -27.67
CA VAL G 137 -37.82 -28.71 -28.43
C VAL G 137 -36.71 -29.15 -27.46
N LEU G 138 -36.57 -28.44 -26.33
CA LEU G 138 -35.69 -28.85 -25.21
C LEU G 138 -35.73 -30.37 -25.05
N LYS G 139 -36.92 -30.98 -24.97
CA LYS G 139 -37.07 -32.42 -24.59
C LYS G 139 -36.72 -33.28 -25.82
N LEU G 140 -37.09 -32.83 -27.02
CA LEU G 140 -36.60 -33.45 -28.27
C LEU G 140 -35.06 -33.38 -28.26
N TYR G 141 -34.49 -32.21 -27.94
CA TYR G 141 -33.02 -31.96 -27.94
C TYR G 141 -32.33 -32.90 -26.95
N LYS G 142 -32.82 -32.96 -25.71
CA LYS G 142 -32.26 -33.89 -24.68
C LYS G 142 -32.16 -35.30 -25.26
N GLN G 143 -33.26 -35.81 -25.81
CA GLN G 143 -33.36 -37.15 -26.45
C GLN G 143 -32.10 -37.48 -27.25
N ILE G 144 -31.72 -36.61 -28.20
CA ILE G 144 -30.73 -36.90 -29.29
C ILE G 144 -29.28 -36.83 -28.75
N LEU G 145 -29.07 -36.37 -27.51
CA LEU G 145 -27.72 -36.23 -26.88
C LEU G 145 -27.47 -37.30 -25.82
N SER G 146 -28.24 -38.40 -25.81
CA SER G 146 -28.13 -39.45 -24.76
C SER G 146 -27.05 -40.48 -25.13
N GLU H 2 -35.31 -19.45 3.73
CA GLU H 2 -34.90 -19.12 5.13
C GLU H 2 -34.42 -20.39 5.86
N LEU H 3 -33.68 -20.19 6.96
CA LEU H 3 -33.07 -21.27 7.78
C LEU H 3 -33.93 -21.54 9.01
N PRO H 4 -33.81 -22.74 9.64
CA PRO H 4 -34.54 -23.04 10.88
C PRO H 4 -34.12 -22.18 12.07
N THR H 5 -34.99 -22.11 13.10
CA THR H 5 -34.84 -21.18 14.26
C THR H 5 -33.53 -21.45 14.99
N HIS H 6 -32.98 -22.68 14.89
CA HIS H 6 -31.81 -23.16 15.67
C HIS H 6 -30.51 -22.49 15.22
N TYR H 7 -30.44 -21.95 14.00
CA TYR H 7 -29.27 -21.13 13.60
C TYR H 7 -29.11 -19.97 14.60
N GLY H 8 -30.24 -19.39 15.01
CA GLY H 8 -30.34 -18.38 16.09
C GLY H 8 -29.56 -18.84 17.31
N THR H 9 -29.90 -20.02 17.85
CA THR H 9 -29.20 -20.63 19.02
C THR H 9 -27.69 -20.73 18.76
N ILE H 10 -27.26 -21.18 17.57
CA ILE H 10 -25.83 -21.40 17.23
C ILE H 10 -25.07 -20.06 17.30
N ILE H 11 -25.67 -18.98 16.82
CA ILE H 11 -24.98 -17.65 16.75
C ILE H 11 -24.91 -17.08 18.15
N LYS H 12 -26.04 -17.11 18.88
CA LYS H 12 -26.10 -16.72 20.30
C LYS H 12 -24.93 -17.38 21.04
N THR H 13 -24.76 -18.70 20.87
CA THR H 13 -23.78 -19.48 21.66
C THR H 13 -22.35 -19.13 21.24
N LEU H 14 -22.03 -19.26 19.94
CA LEU H 14 -20.67 -19.06 19.39
C LEU H 14 -20.23 -17.60 19.62
N ARG H 15 -21.18 -16.67 19.70
CA ARG H 15 -20.87 -15.25 19.98
C ARG H 15 -20.36 -15.10 21.40
N LYS H 16 -21.01 -15.75 22.38
CA LYS H 16 -20.63 -15.77 23.82
C LYS H 16 -19.28 -16.48 23.95
N TYR H 17 -19.06 -17.59 23.23
CA TYR H 17 -17.76 -18.32 23.22
C TYR H 17 -16.64 -17.40 22.73
N MET H 18 -16.88 -16.67 21.63
CA MET H 18 -15.89 -15.78 20.97
C MET H 18 -15.73 -14.47 21.75
N LYS H 19 -16.42 -14.36 22.89
CA LYS H 19 -16.32 -13.25 23.88
C LYS H 19 -16.75 -11.92 23.25
N LEU H 20 -17.78 -11.91 22.39
CA LEU H 20 -18.27 -10.71 21.68
C LEU H 20 -19.62 -10.27 22.26
N THR H 21 -19.82 -8.96 22.44
CA THR H 21 -21.14 -8.35 22.74
C THR H 21 -21.88 -8.18 21.41
N GLN H 22 -23.20 -7.97 21.47
CA GLN H 22 -24.08 -7.80 20.28
C GLN H 22 -23.66 -6.54 19.50
N SER H 23 -23.27 -5.50 20.23
CA SER H 23 -22.79 -4.19 19.69
C SER H 23 -21.56 -4.44 18.80
N LYS H 24 -20.59 -5.24 19.25
CA LYS H 24 -19.36 -5.50 18.46
C LYS H 24 -19.74 -6.31 17.21
N LEU H 25 -20.51 -7.40 17.37
CA LEU H 25 -20.96 -8.25 16.24
C LEU H 25 -21.76 -7.39 15.26
N SER H 26 -22.58 -6.47 15.77
CA SER H 26 -23.33 -5.49 14.95
C SER H 26 -22.35 -4.63 14.16
N GLU H 27 -21.30 -4.13 14.82
CA GLU H 27 -20.26 -3.28 14.19
C GLU H 27 -19.61 -4.08 13.06
N ARG H 28 -19.35 -5.37 13.28
CA ARG H 28 -18.55 -6.24 12.37
C ARG H 28 -19.37 -6.72 11.16
N THR H 29 -20.68 -6.91 11.31
CA THR H 29 -21.58 -7.53 10.29
C THR H 29 -22.45 -6.51 9.55
N GLY H 30 -22.68 -5.34 10.14
CA GLY H 30 -23.63 -4.35 9.62
C GLY H 30 -25.06 -4.76 9.82
N PHE H 31 -25.31 -5.78 10.65
CA PHE H 31 -26.65 -6.11 11.21
C PHE H 31 -26.89 -5.20 12.41
N SER H 32 -28.13 -4.76 12.60
CA SER H 32 -28.57 -3.95 13.77
C SER H 32 -28.62 -4.84 15.01
N GLN H 33 -28.38 -4.25 16.19
CA GLN H 33 -28.48 -4.97 17.48
C GLN H 33 -29.87 -5.61 17.66
N ASN H 34 -30.95 -4.95 17.21
CA ASN H 34 -32.32 -5.51 17.29
C ASN H 34 -32.44 -6.71 16.31
N THR H 35 -31.83 -6.63 15.12
CA THR H 35 -31.91 -7.70 14.09
C THR H 35 -31.20 -8.94 14.62
N ILE H 36 -30.05 -8.75 15.28
CA ILE H 36 -29.25 -9.86 15.86
C ILE H 36 -30.07 -10.46 17.00
N SER H 37 -30.53 -9.63 17.93
CA SER H 37 -31.36 -10.07 19.08
C SER H 37 -32.51 -10.96 18.57
N ASN H 38 -33.24 -10.51 17.54
CA ASN H 38 -34.39 -11.26 16.95
C ASN H 38 -33.91 -12.51 16.22
N HIS H 39 -32.70 -12.53 15.67
CA HIS H 39 -32.08 -13.76 15.10
C HIS H 39 -31.84 -14.76 16.23
N GLU H 40 -31.17 -14.31 17.29
CA GLU H 40 -30.72 -15.19 18.40
C GLU H 40 -31.91 -15.77 19.16
N ASN H 41 -32.94 -14.96 19.43
CA ASN H 41 -34.08 -15.35 20.32
C ASN H 41 -35.17 -16.10 19.52
N GLY H 42 -35.08 -16.15 18.18
CA GLY H 42 -35.87 -17.05 17.32
C GLY H 42 -36.99 -16.35 16.59
N ASN H 43 -37.24 -15.07 16.91
CA ASN H 43 -38.36 -14.24 16.39
C ASN H 43 -38.25 -13.99 14.89
N ARG H 44 -37.04 -14.06 14.32
CA ARG H 44 -36.80 -14.02 12.85
C ARG H 44 -35.86 -15.16 12.47
N ASN H 45 -36.15 -15.79 11.33
CA ASN H 45 -35.30 -16.85 10.76
C ASN H 45 -34.17 -16.15 10.00
N ILE H 46 -33.01 -16.80 9.95
CA ILE H 46 -31.79 -16.23 9.32
C ILE H 46 -31.80 -16.56 7.82
N GLY H 47 -31.48 -15.58 6.97
CA GLY H 47 -31.34 -15.78 5.52
C GLY H 47 -30.08 -16.58 5.19
N VAL H 48 -30.10 -17.37 4.11
CA VAL H 48 -28.93 -18.18 3.64
C VAL H 48 -27.73 -17.26 3.44
N ASN H 49 -27.96 -16.07 2.88
CA ASN H 49 -26.92 -15.05 2.61
C ASN H 49 -26.47 -14.38 3.92
N GLU H 50 -27.33 -14.33 4.94
CA GLU H 50 -27.06 -13.66 6.24
C GLU H 50 -26.11 -14.54 7.07
N ILE H 51 -26.21 -15.85 6.92
CA ILE H 51 -25.33 -16.82 7.64
C ILE H 51 -23.87 -16.55 7.28
N GLU H 52 -23.58 -16.32 6.00
CA GLU H 52 -22.20 -16.04 5.52
C GLU H 52 -21.66 -14.82 6.26
N ILE H 53 -22.51 -13.83 6.52
CA ILE H 53 -22.10 -12.56 7.19
C ILE H 53 -21.73 -12.88 8.65
N TYR H 54 -22.59 -13.59 9.40
CA TYR H 54 -22.34 -14.00 10.82
C TYR H 54 -21.02 -14.77 10.91
N GLY H 55 -20.75 -15.65 9.95
CA GLY H 55 -19.47 -16.38 9.84
C GLY H 55 -18.27 -15.43 9.86
N LYS H 56 -18.07 -14.66 8.79
CA LYS H 56 -17.07 -13.57 8.72
C LYS H 56 -17.09 -12.77 10.04
N GLY H 57 -18.28 -12.60 10.65
CA GLY H 57 -18.53 -11.82 11.88
C GLY H 57 -17.95 -12.44 13.13
N LEU H 58 -18.06 -13.76 13.28
CA LEU H 58 -17.58 -14.54 14.46
C LEU H 58 -16.15 -15.02 14.23
N GLY H 59 -15.63 -14.87 13.02
CA GLY H 59 -14.31 -15.42 12.63
C GLY H 59 -14.34 -16.94 12.65
N ILE H 60 -15.41 -17.55 12.13
CA ILE H 60 -15.62 -19.02 12.09
C ILE H 60 -16.11 -19.41 10.69
N PRO H 61 -15.44 -20.31 9.95
CA PRO H 61 -15.92 -20.76 8.65
C PRO H 61 -17.38 -21.26 8.62
N SER H 62 -18.22 -20.62 7.82
CA SER H 62 -19.69 -20.82 7.68
C SER H 62 -20.09 -22.31 7.74
N TYR H 63 -19.40 -23.20 7.03
CA TYR H 63 -19.85 -24.61 6.88
C TYR H 63 -19.82 -25.33 8.23
N ILE H 64 -18.93 -24.91 9.14
CA ILE H 64 -18.92 -25.40 10.55
C ILE H 64 -20.28 -25.08 11.16
N LEU H 65 -20.85 -23.90 10.89
CA LEU H 65 -22.19 -23.49 11.39
C LEU H 65 -23.25 -24.43 10.84
N HIS H 66 -23.15 -24.75 9.55
CA HIS H 66 -24.05 -25.70 8.83
C HIS H 66 -23.93 -27.10 9.44
N ARG H 67 -22.72 -27.61 9.61
CA ARG H 67 -22.45 -28.94 10.23
C ARG H 67 -23.04 -28.99 11.65
N ILE H 68 -22.85 -27.94 12.45
CA ILE H 68 -23.46 -27.83 13.81
C ILE H 68 -24.99 -27.97 13.68
N SER H 69 -25.58 -27.34 12.66
CA SER H 69 -27.06 -27.36 12.40
C SER H 69 -27.50 -28.77 12.03
N ASP H 70 -26.64 -29.55 11.34
CA ASP H 70 -26.98 -30.91 10.88
C ASP H 70 -27.14 -31.81 12.11
N GLU H 71 -26.22 -31.69 13.08
CA GLU H 71 -26.32 -32.33 14.43
C GLU H 71 -27.71 -32.06 15.01
N PHE H 72 -28.13 -30.80 15.11
CA PHE H 72 -29.48 -30.40 15.60
C PHE H 72 -30.58 -31.11 14.80
N LYS H 73 -30.55 -30.99 13.47
CA LYS H 73 -31.63 -31.52 12.58
C LYS H 73 -31.79 -33.02 12.87
N GLU H 74 -30.71 -33.69 13.28
CA GLU H 74 -30.72 -35.11 13.70
C GLU H 74 -31.14 -35.20 15.18
N LYS H 75 -30.28 -34.73 16.11
CA LYS H 75 -30.30 -35.11 17.55
C LYS H 75 -31.22 -34.21 18.41
N GLY H 76 -31.71 -33.08 17.88
CA GLY H 76 -32.49 -32.08 18.66
C GLY H 76 -31.60 -31.12 19.43
N TYR H 77 -30.31 -31.43 19.54
CA TYR H 77 -29.25 -30.60 20.17
C TYR H 77 -27.95 -30.84 19.40
N SER H 78 -26.85 -30.17 19.78
CA SER H 78 -25.55 -30.30 19.08
C SER H 78 -24.44 -30.57 20.07
N PRO H 79 -23.95 -31.82 20.15
CA PRO H 79 -22.74 -32.14 20.92
C PRO H 79 -21.57 -31.17 20.73
N THR H 80 -21.28 -30.81 19.47
CA THR H 80 -20.09 -30.00 19.05
C THR H 80 -20.23 -28.56 19.56
N LEU H 81 -21.44 -28.01 19.48
CA LEU H 81 -21.78 -26.68 20.05
C LEU H 81 -21.66 -26.72 21.58
N ASN H 82 -22.08 -27.82 22.20
CA ASN H 82 -22.14 -27.93 23.69
C ASN H 82 -20.72 -28.04 24.26
N ASP H 83 -19.72 -28.45 23.47
CA ASP H 83 -18.33 -28.71 23.95
C ASP H 83 -17.33 -27.89 23.11
N PHE H 84 -17.82 -26.84 22.45
CA PHE H 84 -17.13 -26.11 21.36
C PHE H 84 -15.66 -25.81 21.71
N GLY H 85 -15.33 -25.57 22.98
CA GLY H 85 -13.95 -25.24 23.40
C GLY H 85 -12.97 -26.32 22.97
N LYS H 86 -13.39 -27.59 23.08
CA LYS H 86 -12.58 -28.76 22.67
C LYS H 86 -12.43 -28.70 21.14
N PHE H 87 -13.58 -28.62 20.44
CA PHE H 87 -13.66 -28.52 18.97
C PHE H 87 -12.73 -27.41 18.48
N ASP H 88 -12.85 -26.23 19.08
CA ASP H 88 -12.03 -25.05 18.71
C ASP H 88 -10.57 -25.46 18.77
N LYS H 89 -10.09 -25.85 19.95
CA LYS H 89 -8.67 -26.28 20.16
C LYS H 89 -8.33 -27.28 19.06
N MET H 90 -9.15 -28.32 18.91
CA MET H 90 -8.85 -29.43 17.97
C MET H 90 -8.81 -28.92 16.52
N TYR H 91 -9.82 -28.14 16.09
CA TYR H 91 -9.93 -27.64 14.70
C TYR H 91 -8.64 -26.91 14.32
N SER H 92 -8.20 -25.99 15.18
CA SER H 92 -6.99 -25.16 14.97
C SER H 92 -5.75 -26.03 14.75
N TYR H 93 -5.70 -27.23 15.35
CA TYR H 93 -4.61 -28.21 15.16
C TYR H 93 -4.73 -28.84 13.76
N VAL H 94 -5.88 -29.46 13.52
CA VAL H 94 -6.25 -30.01 12.19
C VAL H 94 -6.00 -28.93 11.11
N ASN H 95 -6.43 -27.70 11.37
CA ASN H 95 -6.32 -26.60 10.37
C ASN H 95 -4.84 -26.33 10.06
N LYS H 96 -3.98 -26.29 11.09
CA LYS H 96 -2.51 -26.11 10.96
C LYS H 96 -1.93 -27.29 10.18
N ALA H 97 -2.32 -28.52 10.52
CA ALA H 97 -1.86 -29.76 9.84
C ALA H 97 -2.08 -29.65 8.33
N TYR H 98 -3.32 -29.32 7.92
CA TYR H 98 -3.75 -29.15 6.50
C TYR H 98 -2.83 -28.14 5.79
N TYR H 99 -2.66 -26.93 6.34
CA TYR H 99 -1.99 -25.78 5.67
C TYR H 99 -0.46 -25.88 5.75
N ASN H 100 0.10 -26.88 6.47
CA ASN H 100 1.58 -26.94 6.73
C ASN H 100 2.18 -28.34 6.49
N ASP H 101 1.37 -29.41 6.49
CA ASP H 101 1.89 -30.80 6.36
C ASP H 101 1.36 -31.45 5.07
N GLY H 102 2.27 -31.70 4.12
CA GLY H 102 2.00 -32.39 2.84
C GLY H 102 1.29 -33.72 3.04
N ASP H 103 1.48 -34.37 4.20
CA ASP H 103 0.83 -35.69 4.47
C ASP H 103 -0.67 -35.45 4.71
N ILE H 104 -1.07 -34.23 5.10
CA ILE H 104 -2.48 -33.87 5.39
C ILE H 104 -3.12 -33.22 4.16
N TYR H 105 -2.48 -32.20 3.58
CA TYR H 105 -2.99 -31.36 2.46
C TYR H 105 -3.54 -32.24 1.33
N TYR H 106 -2.80 -33.28 0.93
CA TYR H 106 -3.11 -34.11 -0.26
C TYR H 106 -3.94 -35.34 0.13
N SER H 107 -4.31 -35.52 1.41
CA SER H 107 -5.04 -36.73 1.87
C SER H 107 -6.29 -36.43 2.70
N SER H 108 -6.47 -35.21 3.23
CA SER H 108 -7.72 -34.83 3.94
C SER H 108 -8.91 -34.93 2.98
N TYR H 109 -10.10 -35.17 3.53
CA TYR H 109 -11.41 -35.17 2.82
C TYR H 109 -12.26 -34.03 3.37
N ASP H 110 -12.41 -34.00 4.70
CA ASP H 110 -13.27 -33.03 5.41
C ASP H 110 -12.68 -32.75 6.79
N LEU H 111 -12.00 -31.62 6.92
CA LEU H 111 -11.45 -31.07 8.20
C LEU H 111 -12.49 -31.12 9.32
N TYR H 112 -13.79 -30.98 9.07
CA TYR H 112 -14.83 -31.02 10.14
C TYR H 112 -14.92 -32.45 10.68
N ASP H 113 -15.15 -33.43 9.79
CA ASP H 113 -15.28 -34.88 10.13
C ASP H 113 -14.01 -35.37 10.82
N GLU H 114 -12.86 -34.91 10.33
CA GLU H 114 -11.51 -35.29 10.84
C GLU H 114 -11.32 -34.73 12.26
N THR H 115 -11.87 -33.55 12.54
CA THR H 115 -11.80 -32.92 13.88
C THR H 115 -12.73 -33.70 14.81
N ILE H 116 -13.98 -33.91 14.40
CA ILE H 116 -14.98 -34.70 15.17
C ILE H 116 -14.33 -36.06 15.48
N LYS H 117 -13.65 -36.66 14.50
CA LYS H 117 -13.11 -38.05 14.58
C LYS H 117 -12.00 -38.11 15.64
N LEU H 118 -11.20 -37.06 15.79
CA LEU H 118 -10.09 -37.03 16.78
C LEU H 118 -10.65 -36.73 18.18
N LEU H 119 -11.75 -35.98 18.29
CA LEU H 119 -12.44 -35.71 19.59
C LEU H 119 -13.10 -37.00 20.09
N GLU H 120 -13.65 -37.82 19.19
CA GLU H 120 -14.22 -39.16 19.48
C GLU H 120 -13.10 -40.06 20.04
N LEU H 121 -12.08 -40.36 19.23
CA LEU H 121 -10.93 -41.21 19.64
C LEU H 121 -10.40 -40.78 21.02
N LEU H 122 -10.07 -39.50 21.19
CA LEU H 122 -9.51 -38.93 22.45
C LEU H 122 -10.46 -39.18 23.63
N LYS H 123 -11.77 -39.05 23.41
CA LYS H 123 -12.80 -39.16 24.49
C LYS H 123 -12.86 -40.60 25.03
N GLU H 124 -12.61 -41.60 24.17
CA GLU H 124 -12.75 -43.05 24.48
C GLU H 124 -11.43 -43.63 25.00
N SER H 125 -10.35 -42.83 24.99
CA SER H 125 -9.06 -43.11 25.67
C SER H 125 -9.00 -42.30 26.97
N LYS H 126 -10.14 -41.70 27.36
CA LYS H 126 -10.34 -40.85 28.55
C LYS H 126 -9.16 -39.85 28.65
N ILE H 127 -8.77 -39.25 27.52
CA ILE H 127 -7.69 -38.22 27.41
C ILE H 127 -8.31 -36.89 26.93
N ASN H 128 -7.81 -35.78 27.45
CA ASN H 128 -8.38 -34.40 27.32
C ASN H 128 -7.50 -33.58 26.39
N VAL H 129 -8.12 -32.84 25.44
CA VAL H 129 -7.40 -32.12 24.35
C VAL H 129 -6.62 -30.92 24.91
N ASN H 130 -7.01 -30.41 26.09
CA ASN H 130 -6.30 -29.29 26.78
C ASN H 130 -4.83 -29.67 26.97
N ASP H 131 -4.59 -30.83 27.61
CA ASP H 131 -3.25 -31.35 27.96
C ASP H 131 -2.47 -31.61 26.68
N ILE H 132 -3.09 -32.27 25.69
CA ILE H 132 -2.42 -32.85 24.49
C ILE H 132 -1.63 -31.75 23.75
N ASP H 133 -0.55 -32.12 23.06
CA ASP H 133 0.30 -31.17 22.27
C ASP H 133 -0.01 -31.39 20.78
N TYR H 134 0.41 -30.46 19.92
CA TYR H 134 0.18 -30.51 18.44
C TYR H 134 0.73 -31.82 17.86
N ASP H 135 2.01 -32.12 18.12
CA ASP H 135 2.80 -33.18 17.42
C ASP H 135 2.17 -34.55 17.68
N TYR H 136 1.47 -34.70 18.80
CA TYR H 136 0.72 -35.93 19.17
C TYR H 136 -0.54 -35.99 18.29
N VAL H 137 -1.26 -34.86 18.15
CA VAL H 137 -2.51 -34.79 17.32
C VAL H 137 -2.13 -35.06 15.86
N LEU H 138 -1.04 -34.45 15.37
CA LEU H 138 -0.54 -34.66 13.98
C LEU H 138 -0.40 -36.17 13.71
N LYS H 139 0.20 -36.91 14.64
CA LYS H 139 0.46 -38.37 14.53
C LYS H 139 -0.87 -39.10 14.46
N LEU H 140 -1.79 -38.82 15.41
CA LEU H 140 -3.14 -39.45 15.46
C LEU H 140 -3.89 -39.14 14.15
N TYR H 141 -3.74 -37.91 13.63
CA TYR H 141 -4.34 -37.42 12.36
C TYR H 141 -3.79 -38.26 11.20
N LYS H 142 -2.46 -38.25 10.99
CA LYS H 142 -1.78 -38.96 9.86
C LYS H 142 -2.25 -40.42 9.80
N GLN H 143 -2.47 -41.04 10.97
CA GLN H 143 -2.95 -42.44 11.10
C GLN H 143 -4.34 -42.57 10.46
N ILE H 144 -5.29 -41.70 10.87
CA ILE H 144 -6.72 -41.70 10.46
C ILE H 144 -6.86 -41.59 8.93
N LEU H 145 -5.85 -41.06 8.23
CA LEU H 145 -5.87 -40.92 6.74
C LEU H 145 -5.01 -42.02 6.09
N SER H 146 -5.26 -43.29 6.43
CA SER H 146 -4.43 -44.45 6.00
C SER H 146 -5.31 -45.59 5.44
N ALA I 1 17.50 -6.51 23.39
CA ALA I 1 18.82 -6.35 22.69
C ALA I 1 19.91 -6.03 23.73
N GLU I 2 21.13 -6.52 23.49
CA GLU I 2 22.27 -6.41 24.45
C GLU I 2 23.44 -5.68 23.78
N LEU I 3 24.14 -4.82 24.53
CA LEU I 3 25.38 -4.13 24.09
C LEU I 3 26.56 -5.11 24.21
N PRO I 4 27.60 -5.01 23.35
CA PRO I 4 28.60 -6.06 23.20
C PRO I 4 29.74 -6.27 24.22
N THR I 5 29.43 -6.40 25.52
CA THR I 5 30.40 -6.81 26.58
C THR I 5 31.41 -5.69 26.91
N HIS I 6 32.00 -4.99 25.93
CA HIS I 6 33.02 -3.94 26.22
C HIS I 6 32.42 -2.84 27.11
N TYR I 7 31.09 -2.71 27.17
CA TYR I 7 30.41 -1.74 28.06
C TYR I 7 30.67 -2.12 29.53
N GLY I 8 30.72 -3.43 29.79
CA GLY I 8 31.20 -4.00 31.07
C GLY I 8 32.50 -3.36 31.52
N THR I 9 33.57 -3.50 30.73
CA THR I 9 34.90 -2.87 31.00
C THR I 9 34.76 -1.35 31.17
N ILE I 10 33.93 -0.71 30.35
CA ILE I 10 33.73 0.76 30.36
C ILE I 10 33.09 1.16 31.68
N ILE I 11 32.03 0.48 32.10
CA ILE I 11 31.33 0.88 33.35
C ILE I 11 32.31 0.65 34.52
N LYS I 12 32.87 -0.55 34.67
CA LYS I 12 33.85 -0.87 35.75
C LYS I 12 34.92 0.23 35.82
N THR I 13 35.58 0.56 34.70
CA THR I 13 36.68 1.55 34.69
C THR I 13 36.16 2.92 35.14
N LEU I 14 34.97 3.29 34.69
CA LEU I 14 34.40 4.63 34.98
C LEU I 14 33.92 4.67 36.42
N ARG I 15 33.34 3.56 36.91
CA ARG I 15 32.89 3.40 38.32
C ARG I 15 34.07 3.59 39.28
N LYS I 16 35.24 3.09 38.89
CA LYS I 16 36.48 3.17 39.70
C LYS I 16 36.98 4.61 39.67
N TYR I 17 37.00 5.24 38.49
CA TYR I 17 37.37 6.67 38.30
C TYR I 17 36.41 7.58 39.08
N MET I 18 35.14 7.19 39.17
CA MET I 18 34.07 7.97 39.85
C MET I 18 34.14 7.73 41.37
N LYS I 19 35.18 7.05 41.85
CA LYS I 19 35.40 6.72 43.29
C LYS I 19 34.11 6.12 43.87
N LEU I 20 33.58 5.08 43.21
CA LEU I 20 32.29 4.42 43.56
C LEU I 20 32.52 2.94 43.85
N THR I 21 31.98 2.48 44.98
CA THR I 21 31.85 1.05 45.34
C THR I 21 30.66 0.47 44.59
N GLN I 22 30.61 -0.84 44.38
CA GLN I 22 29.44 -1.54 43.80
C GLN I 22 28.21 -1.27 44.66
N SER I 23 28.38 -1.05 45.96
CA SER I 23 27.28 -0.64 46.87
C SER I 23 26.67 0.70 46.41
N LYS I 24 27.49 1.75 46.28
CA LYS I 24 26.99 3.09 45.88
C LYS I 24 26.29 2.97 44.52
N LEU I 25 26.93 2.33 43.53
CA LEU I 25 26.33 2.18 42.17
C LEU I 25 25.09 1.30 42.24
N SER I 26 25.04 0.35 43.18
CA SER I 26 23.83 -0.50 43.43
C SER I 26 22.71 0.34 44.05
N GLU I 27 23.02 1.12 45.08
CA GLU I 27 22.00 1.91 45.83
C GLU I 27 21.50 3.07 44.95
N ARG I 28 22.14 3.34 43.81
CA ARG I 28 21.74 4.44 42.86
C ARG I 28 20.97 3.89 41.64
N THR I 29 21.38 2.76 41.04
CA THR I 29 20.82 2.27 39.76
C THR I 29 19.59 1.40 40.00
N GLY I 30 19.53 0.71 41.15
CA GLY I 30 18.53 -0.33 41.43
C GLY I 30 19.05 -1.73 41.12
N PHE I 31 20.17 -1.86 40.41
CA PHE I 31 20.79 -3.17 40.11
C PHE I 31 21.51 -3.69 41.36
N SER I 32 21.36 -4.99 41.66
CA SER I 32 22.04 -5.70 42.76
C SER I 32 23.54 -5.82 42.46
N GLN I 33 24.38 -5.90 43.50
CA GLN I 33 25.85 -6.12 43.36
C GLN I 33 26.08 -7.29 42.42
N ASN I 34 25.18 -8.27 42.43
CA ASN I 34 25.33 -9.49 41.60
C ASN I 34 25.30 -9.11 40.11
N THR I 35 24.28 -8.32 39.70
CA THR I 35 24.02 -7.98 38.28
C THR I 35 25.12 -7.03 37.77
N ILE I 36 25.55 -6.07 38.61
CA ILE I 36 26.69 -5.16 38.30
C ILE I 36 27.97 -5.97 38.06
N SER I 37 28.24 -6.98 38.89
CA SER I 37 29.44 -7.86 38.79
C SER I 37 29.36 -8.70 37.51
N ASN I 38 28.18 -9.19 37.16
CA ASN I 38 27.99 -10.05 35.96
C ASN I 38 28.03 -9.17 34.70
N HIS I 39 27.60 -7.90 34.77
CA HIS I 39 27.82 -6.89 33.71
C HIS I 39 29.32 -6.64 33.56
N GLU I 40 29.99 -6.27 34.65
CA GLU I 40 31.39 -5.77 34.69
C GLU I 40 32.41 -6.86 34.31
N ASN I 41 32.05 -8.14 34.32
CA ASN I 41 33.01 -9.24 34.04
C ASN I 41 32.77 -9.78 32.63
N GLY I 42 31.51 -9.81 32.18
CA GLY I 42 31.13 -10.21 30.81
C GLY I 42 30.15 -11.36 30.77
N ASN I 43 29.85 -11.97 31.92
CA ASN I 43 28.84 -13.05 32.04
C ASN I 43 27.52 -12.59 31.38
N ARG I 44 26.98 -11.46 31.81
CA ARG I 44 25.72 -10.90 31.27
C ARG I 44 26.02 -9.64 30.45
N ASN I 45 25.46 -9.53 29.25
CA ASN I 45 25.60 -8.33 28.37
C ASN I 45 24.63 -7.24 28.85
N ILE I 46 24.98 -5.98 28.63
CA ILE I 46 24.20 -4.83 29.16
C ILE I 46 23.13 -4.45 28.14
N GLY I 47 21.86 -4.65 28.48
CA GLY I 47 20.70 -4.25 27.66
C GLY I 47 20.79 -2.79 27.29
N VAL I 48 20.00 -2.34 26.30
CA VAL I 48 20.12 -0.98 25.69
C VAL I 48 19.56 0.07 26.67
N ASN I 49 18.55 -0.28 27.47
CA ASN I 49 17.98 0.63 28.50
C ASN I 49 18.78 0.53 29.80
N GLU I 50 19.71 -0.41 29.91
CA GLU I 50 20.55 -0.59 31.13
C GLU I 50 21.70 0.41 31.04
N ILE I 51 22.19 0.68 29.83
CA ILE I 51 23.32 1.63 29.63
C ILE I 51 22.86 3.05 30.01
N GLU I 52 21.57 3.34 29.85
CA GLU I 52 20.99 4.67 30.20
C GLU I 52 21.01 4.80 31.72
N ILE I 53 20.59 3.75 32.44
CA ILE I 53 20.52 3.72 33.93
C ILE I 53 21.93 3.82 34.52
N TYR I 54 22.90 3.13 33.92
CA TYR I 54 24.31 3.15 34.36
C TYR I 54 24.82 4.60 34.27
N GLY I 55 24.74 5.21 33.08
CA GLY I 55 25.15 6.61 32.84
C GLY I 55 24.68 7.53 33.97
N LYS I 56 23.39 7.46 34.32
CA LYS I 56 22.76 8.34 35.33
C LYS I 56 23.44 8.10 36.67
N GLY I 57 23.57 6.83 37.07
CA GLY I 57 24.27 6.39 38.30
C GLY I 57 25.72 6.88 38.38
N LEU I 58 26.48 6.71 37.29
CA LEU I 58 27.90 7.17 37.22
C LEU I 58 27.97 8.70 37.28
N GLY I 59 26.97 9.39 36.74
CA GLY I 59 27.01 10.84 36.53
C GLY I 59 27.68 11.19 35.20
N ILE I 60 27.65 10.27 34.23
CA ILE I 60 28.21 10.49 32.87
C ILE I 60 27.08 10.36 31.86
N PRO I 61 26.92 11.36 30.98
CA PRO I 61 26.03 11.25 29.83
C PRO I 61 26.35 10.03 28.98
N SER I 62 25.34 9.18 28.73
CA SER I 62 25.47 7.92 27.95
C SER I 62 26.20 8.14 26.61
N TYR I 63 26.15 9.35 26.01
CA TYR I 63 26.77 9.64 24.69
C TYR I 63 28.26 9.31 24.73
N ILE I 64 28.93 9.66 25.82
CA ILE I 64 30.38 9.39 26.05
C ILE I 64 30.60 7.88 26.17
N LEU I 65 29.71 7.16 26.88
CA LEU I 65 29.72 5.68 26.97
C LEU I 65 29.71 5.11 25.55
N HIS I 66 28.87 5.64 24.67
CA HIS I 66 28.70 5.17 23.26
C HIS I 66 29.92 5.51 22.40
N ARG I 67 30.58 6.65 22.65
CA ARG I 67 31.73 7.14 21.85
C ARG I 67 33.03 6.46 22.31
N ILE I 68 33.14 6.19 23.62
CA ILE I 68 34.24 5.35 24.17
C ILE I 68 34.12 3.95 23.54
N SER I 69 32.94 3.34 23.56
CA SER I 69 32.66 2.05 22.87
C SER I 69 33.25 2.09 21.46
N ASP I 70 32.93 3.16 20.71
CA ASP I 70 33.27 3.35 19.27
C ASP I 70 34.79 3.36 19.13
N GLU I 71 35.50 4.01 20.05
CA GLU I 71 36.99 3.96 20.14
C GLU I 71 37.46 2.49 20.09
N PHE I 72 36.98 1.66 21.02
CA PHE I 72 37.26 0.19 21.08
C PHE I 72 37.03 -0.46 19.70
N LYS I 73 35.82 -0.30 19.15
CA LYS I 73 35.38 -0.96 17.89
C LYS I 73 36.35 -0.68 16.75
N GLU I 74 37.10 0.42 16.79
CA GLU I 74 38.03 0.90 15.73
C GLU I 74 39.47 0.47 16.08
N LYS I 75 39.97 0.91 17.23
CA LYS I 75 41.41 0.85 17.62
C LYS I 75 41.71 -0.44 18.40
N GLY I 76 40.72 -1.04 19.08
CA GLY I 76 40.88 -2.23 19.96
C GLY I 76 40.94 -1.86 21.43
N TYR I 77 41.02 -0.55 21.73
CA TYR I 77 41.07 0.07 23.09
C TYR I 77 40.53 1.50 23.01
N SER I 78 40.44 2.22 24.13
CA SER I 78 39.97 3.63 24.20
C SER I 78 41.04 4.53 24.83
N PRO I 79 41.78 5.33 24.04
CA PRO I 79 42.63 6.39 24.59
C PRO I 79 41.93 7.28 25.61
N THR I 80 40.65 7.56 25.40
CA THR I 80 39.86 8.50 26.23
C THR I 80 39.63 7.83 27.59
N LEU I 81 39.20 6.56 27.60
CA LEU I 81 38.99 5.77 28.84
C LEU I 81 40.31 5.71 29.62
N ASN I 82 41.40 5.33 28.95
CA ASN I 82 42.76 5.23 29.53
C ASN I 82 43.09 6.51 30.31
N ASP I 83 42.67 7.67 29.80
CA ASP I 83 43.16 9.00 30.26
C ASP I 83 41.96 9.86 30.64
N PHE I 84 40.97 9.25 31.25
CA PHE I 84 39.61 9.84 31.40
C PHE I 84 39.62 11.02 32.38
N GLY I 85 40.69 11.17 33.17
CA GLY I 85 40.84 12.30 34.10
C GLY I 85 41.17 13.57 33.33
N LYS I 86 42.11 13.48 32.40
CA LYS I 86 42.45 14.62 31.49
C LYS I 86 41.17 15.03 30.73
N PHE I 87 40.36 14.06 30.27
CA PHE I 87 39.15 14.29 29.44
C PHE I 87 38.01 14.90 30.28
N ASP I 88 37.83 14.41 31.51
CA ASP I 88 36.73 14.87 32.41
C ASP I 88 36.94 16.34 32.75
N LYS I 89 38.19 16.76 32.98
CA LYS I 89 38.50 18.15 33.36
C LYS I 89 38.16 19.05 32.16
N MET I 90 38.66 18.71 30.98
CA MET I 90 38.49 19.50 29.73
C MET I 90 36.99 19.57 29.37
N TYR I 91 36.29 18.45 29.36
CA TYR I 91 34.83 18.38 29.07
C TYR I 91 34.03 19.28 30.02
N SER I 92 34.41 19.43 31.29
CA SER I 92 33.61 20.23 32.25
C SER I 92 33.70 21.72 31.89
N TYR I 93 34.86 22.16 31.38
CA TYR I 93 35.09 23.48 30.74
C TYR I 93 34.29 23.60 29.44
N VAL I 94 34.60 22.75 28.44
CA VAL I 94 33.83 22.68 27.17
C VAL I 94 32.34 22.80 27.50
N ASN I 95 31.87 22.04 28.48
CA ASN I 95 30.44 22.02 28.86
C ASN I 95 30.07 23.42 29.34
N LYS I 96 30.95 24.10 30.07
CA LYS I 96 30.68 25.42 30.72
C LYS I 96 30.75 26.49 29.64
N ALA I 97 31.65 26.37 28.67
CA ALA I 97 31.73 27.28 27.50
C ALA I 97 30.35 27.30 26.81
N TYR I 98 29.93 26.14 26.33
CA TYR I 98 28.69 25.90 25.53
C TYR I 98 27.50 26.59 26.20
N TYR I 99 27.27 26.30 27.46
CA TYR I 99 26.04 26.72 28.17
C TYR I 99 26.14 28.19 28.60
N ASN I 100 27.27 28.88 28.39
CA ASN I 100 27.46 30.24 28.95
C ASN I 100 28.06 31.24 27.95
N ASP I 101 28.34 30.86 26.71
CA ASP I 101 29.05 31.73 25.74
C ASP I 101 28.45 31.58 24.33
N GLY I 102 27.87 32.68 23.84
CA GLY I 102 27.29 32.81 22.48
C GLY I 102 28.19 32.28 21.38
N ASP I 103 29.50 32.50 21.46
CA ASP I 103 30.41 32.13 20.34
C ASP I 103 30.45 30.59 20.22
N ILE I 104 30.22 29.85 21.30
CA ILE I 104 30.31 28.35 21.34
C ILE I 104 28.93 27.71 21.12
N TYR I 105 27.93 28.20 21.85
CA TYR I 105 26.56 27.61 21.90
C TYR I 105 26.00 27.40 20.49
N TYR I 106 26.32 28.27 19.54
CA TYR I 106 25.63 28.34 18.22
C TYR I 106 26.52 27.80 17.10
N SER I 107 27.77 27.47 17.41
CA SER I 107 28.84 27.15 16.43
C SER I 107 29.39 25.73 16.64
N SER I 108 28.97 25.07 17.72
CA SER I 108 29.42 23.73 18.19
C SER I 108 28.74 22.62 17.37
N TYR I 109 29.54 21.62 16.95
CA TYR I 109 29.12 20.40 16.21
C TYR I 109 28.98 19.22 17.17
N ASP I 110 30.05 18.90 17.90
CA ASP I 110 30.16 17.72 18.82
C ASP I 110 31.01 18.12 20.03
N LEU I 111 30.38 18.22 21.21
CA LEU I 111 31.05 18.46 22.51
C LEU I 111 32.14 17.42 22.74
N TYR I 112 31.92 16.16 22.32
CA TYR I 112 32.90 15.06 22.49
C TYR I 112 34.14 15.39 21.66
N ASP I 113 33.99 15.57 20.34
CA ASP I 113 35.11 15.75 19.39
C ASP I 113 35.89 17.03 19.74
N GLU I 114 35.19 18.06 20.23
CA GLU I 114 35.80 19.38 20.51
C GLU I 114 36.69 19.27 21.75
N THR I 115 36.29 18.45 22.72
CA THR I 115 37.12 18.12 23.92
C THR I 115 38.36 17.36 23.47
N ILE I 116 38.23 16.41 22.54
CA ILE I 116 39.41 15.72 21.96
C ILE I 116 40.36 16.82 21.46
N LYS I 117 39.92 17.69 20.53
CA LYS I 117 40.79 18.66 19.81
C LYS I 117 41.57 19.52 20.81
N LEU I 118 40.88 20.03 21.84
CA LEU I 118 41.47 20.94 22.86
C LEU I 118 42.57 20.22 23.65
N LEU I 119 42.45 18.91 23.89
CA LEU I 119 43.55 18.13 24.51
C LEU I 119 44.76 18.06 23.56
N GLU I 120 44.55 17.64 22.31
CA GLU I 120 45.62 17.54 21.27
C GLU I 120 46.49 18.81 21.32
N LEU I 121 45.85 19.98 21.41
CA LEU I 121 46.51 21.33 21.31
C LEU I 121 47.25 21.65 22.61
N LEU I 122 46.67 21.35 23.76
CA LEU I 122 47.36 21.50 25.07
C LEU I 122 48.54 20.51 25.12
N LYS I 123 48.35 19.29 24.61
CA LYS I 123 49.40 18.22 24.53
C LYS I 123 50.53 18.74 23.63
N GLU I 124 50.23 19.10 22.38
CA GLU I 124 51.25 19.45 21.35
C GLU I 124 51.91 20.80 21.64
N SER I 125 51.43 21.57 22.63
CA SER I 125 52.11 22.78 23.16
C SER I 125 52.80 22.45 24.50
N LYS I 126 52.83 21.17 24.89
CA LYS I 126 53.49 20.64 26.11
C LYS I 126 52.88 21.27 27.37
N ILE I 127 51.58 21.56 27.38
CA ILE I 127 50.86 22.15 28.55
C ILE I 127 49.97 21.09 29.21
N ASN I 128 49.72 21.25 30.51
CA ASN I 128 48.88 20.35 31.34
C ASN I 128 47.47 20.94 31.43
N VAL I 129 46.43 20.10 31.26
CA VAL I 129 45.00 20.42 31.56
C VAL I 129 44.87 20.92 33.01
N ASN I 130 45.70 20.41 33.92
CA ASN I 130 45.67 20.71 35.38
C ASN I 130 46.24 22.11 35.65
N ASP I 131 46.99 22.68 34.69
CA ASP I 131 47.70 23.98 34.82
C ASP I 131 46.76 25.15 34.43
N ILE I 132 45.83 24.94 33.48
CA ILE I 132 45.13 26.03 32.72
C ILE I 132 43.78 26.37 33.35
N ASP I 133 43.29 27.58 33.09
CA ASP I 133 41.98 28.10 33.59
C ASP I 133 40.99 28.20 32.43
N TYR I 134 39.70 28.32 32.77
CA TYR I 134 38.53 28.37 31.87
C TYR I 134 38.80 29.33 30.69
N ASP I 135 39.41 30.48 30.99
CA ASP I 135 39.63 31.59 30.01
C ASP I 135 40.59 31.14 28.91
N TYR I 136 41.59 30.31 29.22
CA TYR I 136 42.57 29.84 28.22
C TYR I 136 41.92 28.83 27.29
N VAL I 137 41.13 27.91 27.86
CA VAL I 137 40.35 26.88 27.12
C VAL I 137 39.44 27.61 26.13
N LEU I 138 38.61 28.51 26.64
CA LEU I 138 37.60 29.28 25.86
C LEU I 138 38.24 29.96 24.64
N LYS I 139 39.30 30.77 24.86
CA LYS I 139 40.10 31.44 23.81
C LYS I 139 40.40 30.42 22.70
N LEU I 140 41.02 29.30 23.05
CA LEU I 140 41.37 28.22 22.09
C LEU I 140 40.09 27.57 21.59
N TYR I 141 39.06 27.45 22.43
CA TYR I 141 37.81 26.75 22.03
C TYR I 141 37.16 27.56 20.90
N LYS I 142 37.11 28.90 21.04
CA LYS I 142 36.53 29.82 20.03
C LYS I 142 37.31 29.73 18.71
N GLN I 143 38.61 29.44 18.77
CA GLN I 143 39.44 29.38 17.53
C GLN I 143 38.96 28.22 16.68
N ILE I 144 38.88 27.02 17.24
CA ILE I 144 38.64 25.76 16.45
C ILE I 144 37.23 25.78 15.88
N LEU I 145 36.30 26.51 16.50
CA LEU I 145 34.94 26.75 15.93
C LEU I 145 35.02 27.87 14.88
N SER I 146 36.23 28.17 14.39
CA SER I 146 36.56 29.15 13.32
C SER I 146 36.12 30.56 13.73
N ALA J 1 -26.11 30.77 5.05
CA ALA J 1 -25.56 29.86 3.99
C ALA J 1 -26.45 28.61 3.87
N GLU J 2 -26.72 28.17 2.64
CA GLU J 2 -27.50 26.94 2.31
C GLU J 2 -26.78 26.18 1.17
N LEU J 3 -26.58 24.86 1.32
CA LEU J 3 -25.89 24.01 0.31
C LEU J 3 -26.85 23.59 -0.79
N PRO J 4 -26.34 23.16 -1.96
CA PRO J 4 -27.17 22.58 -3.01
C PRO J 4 -27.97 21.36 -2.52
N THR J 5 -28.92 20.88 -3.34
CA THR J 5 -29.91 19.83 -2.97
C THR J 5 -29.28 18.43 -3.08
N HIS J 6 -28.26 18.22 -3.92
CA HIS J 6 -27.56 16.91 -4.12
C HIS J 6 -26.88 16.43 -2.81
N TYR J 7 -26.68 17.33 -1.84
CA TYR J 7 -26.11 16.98 -0.52
C TYR J 7 -27.05 16.00 0.22
N GLY J 8 -28.36 16.28 0.15
CA GLY J 8 -29.44 15.40 0.65
C GLY J 8 -29.38 14.01 0.03
N THR J 9 -29.06 13.90 -1.24
CA THR J 9 -28.87 12.59 -1.91
C THR J 9 -27.58 11.93 -1.37
N ILE J 10 -26.57 12.74 -1.03
CA ILE J 10 -25.28 12.24 -0.51
C ILE J 10 -25.52 11.65 0.88
N ILE J 11 -26.19 12.40 1.75
CA ILE J 11 -26.49 11.93 3.13
C ILE J 11 -27.38 10.68 3.03
N LYS J 12 -28.37 10.65 2.16
CA LYS J 12 -29.28 9.47 2.05
C LYS J 12 -28.39 8.25 1.74
N THR J 13 -27.65 8.29 0.65
CA THR J 13 -26.82 7.16 0.15
C THR J 13 -25.84 6.71 1.24
N LEU J 14 -25.28 7.65 2.02
CA LEU J 14 -24.19 7.34 3.01
C LEU J 14 -24.81 6.87 4.34
N ARG J 15 -25.97 7.39 4.73
CA ARG J 15 -26.76 6.80 5.85
C ARG J 15 -27.00 5.32 5.56
N LYS J 16 -27.48 4.98 4.36
CA LYS J 16 -27.89 3.59 4.00
C LYS J 16 -26.65 2.68 3.89
N TYR J 17 -25.50 3.18 3.43
CA TYR J 17 -24.24 2.41 3.32
C TYR J 17 -23.68 2.15 4.73
N MET J 18 -23.75 3.13 5.63
CA MET J 18 -23.26 3.00 7.04
C MET J 18 -24.30 2.24 7.87
N LYS J 19 -25.43 1.83 7.28
CA LYS J 19 -26.44 0.94 7.90
C LYS J 19 -27.04 1.63 9.13
N LEU J 20 -27.47 2.88 8.98
CA LEU J 20 -28.08 3.67 10.08
C LEU J 20 -29.52 4.00 9.70
N THR J 21 -30.44 3.95 10.66
CA THR J 21 -31.82 4.45 10.46
C THR J 21 -31.78 5.98 10.54
N GLN J 22 -32.84 6.63 10.05
CA GLN J 22 -33.07 8.07 10.27
C GLN J 22 -33.01 8.30 11.77
N SER J 23 -33.60 7.41 12.57
CA SER J 23 -33.69 7.52 14.04
C SER J 23 -32.29 7.47 14.63
N LYS J 24 -31.51 6.47 14.24
CA LYS J 24 -30.10 6.33 14.68
C LYS J 24 -29.33 7.58 14.22
N LEU J 25 -29.51 8.03 12.98
CA LEU J 25 -28.73 9.19 12.49
C LEU J 25 -29.11 10.41 13.32
N SER J 26 -30.36 10.49 13.76
CA SER J 26 -30.86 11.61 14.58
C SER J 26 -30.13 11.62 15.93
N GLU J 27 -30.15 10.49 16.64
CA GLU J 27 -29.51 10.33 17.98
C GLU J 27 -28.07 10.82 17.94
N ARG J 28 -27.34 10.57 16.84
CA ARG J 28 -25.92 10.95 16.69
C ARG J 28 -25.79 12.45 16.40
N THR J 29 -26.42 12.94 15.33
CA THR J 29 -26.30 14.36 14.90
C THR J 29 -26.95 15.28 15.95
N GLY J 30 -28.19 15.00 16.37
CA GLY J 30 -29.01 15.92 17.18
C GLY J 30 -30.21 16.43 16.40
N PHE J 31 -30.16 16.35 15.06
CA PHE J 31 -31.32 16.64 14.17
C PHE J 31 -32.45 15.64 14.45
N SER J 32 -33.69 16.11 14.41
CA SER J 32 -34.93 15.32 14.54
C SER J 32 -35.20 14.60 13.21
N GLN J 33 -35.93 13.48 13.28
CA GLN J 33 -36.24 12.65 12.09
C GLN J 33 -36.72 13.57 10.97
N ASN J 34 -37.63 14.50 11.31
CA ASN J 34 -38.30 15.40 10.34
C ASN J 34 -37.24 16.17 9.55
N THR J 35 -36.28 16.78 10.25
CA THR J 35 -35.14 17.54 9.66
C THR J 35 -34.45 16.66 8.62
N ILE J 36 -33.94 15.51 9.07
CA ILE J 36 -33.17 14.56 8.21
C ILE J 36 -34.07 14.17 7.05
N SER J 37 -35.34 13.93 7.35
CA SER J 37 -36.37 13.45 6.37
C SER J 37 -36.42 14.43 5.19
N ASN J 38 -36.62 15.70 5.49
CA ASN J 38 -36.78 16.78 4.48
C ASN J 38 -35.45 16.97 3.75
N HIS J 39 -34.34 16.94 4.51
CA HIS J 39 -32.96 17.05 3.96
C HIS J 39 -32.75 15.95 2.92
N GLU J 40 -33.21 14.73 3.20
CA GLU J 40 -32.91 13.55 2.34
C GLU J 40 -33.78 13.58 1.08
N ASN J 41 -34.85 14.40 1.06
CA ASN J 41 -35.91 14.50 0.00
CA ASN J 41 -35.81 14.39 -0.07
C ASN J 41 -35.73 15.73 -0.86
N GLY J 42 -35.15 16.79 -0.29
CA GLY J 42 -35.03 18.12 -0.91
C GLY J 42 -36.15 19.10 -0.52
N ASN J 43 -36.86 18.86 0.58
CA ASN J 43 -37.83 19.83 1.15
C ASN J 43 -37.07 21.04 1.71
N ARG J 44 -35.92 20.81 2.34
CA ARG J 44 -35.00 21.86 2.85
C ARG J 44 -33.58 21.55 2.37
N ASN J 45 -32.76 22.59 2.26
CA ASN J 45 -31.32 22.52 1.93
C ASN J 45 -30.53 22.41 3.23
N ILE J 46 -29.45 21.64 3.21
CA ILE J 46 -28.61 21.41 4.42
C ILE J 46 -27.83 22.72 4.66
N GLY J 47 -27.90 23.27 5.87
CA GLY J 47 -27.07 24.43 6.25
C GLY J 47 -25.59 24.10 6.12
N VAL J 48 -24.79 25.05 5.63
CA VAL J 48 -23.29 24.95 5.50
C VAL J 48 -22.71 24.52 6.84
N ASN J 49 -23.24 25.08 7.94
CA ASN J 49 -22.87 24.71 9.31
C ASN J 49 -23.05 23.19 9.52
N GLU J 50 -24.17 22.65 9.02
CA GLU J 50 -24.76 21.34 9.43
C GLU J 50 -23.94 20.17 8.88
N ILE J 51 -23.37 20.32 7.67
CA ILE J 51 -22.65 19.23 6.95
C ILE J 51 -21.53 18.66 7.83
N GLU J 52 -20.82 19.50 8.57
CA GLU J 52 -19.79 19.03 9.53
C GLU J 52 -20.44 18.05 10.51
N ILE J 53 -21.62 18.41 11.03
CA ILE J 53 -22.36 17.66 12.09
C ILE J 53 -22.79 16.30 11.52
N TYR J 54 -23.25 16.29 10.26
CA TYR J 54 -23.64 15.06 9.53
C TYR J 54 -22.43 14.13 9.36
N GLY J 55 -21.31 14.67 8.90
CA GLY J 55 -20.03 13.93 8.78
C GLY J 55 -19.66 13.19 10.04
N LYS J 56 -19.77 13.82 11.21
CA LYS J 56 -19.40 13.18 12.49
C LYS J 56 -20.44 12.09 12.81
N GLY J 57 -21.73 12.35 12.53
CA GLY J 57 -22.85 11.43 12.77
C GLY J 57 -22.72 10.13 11.98
N LEU J 58 -22.44 10.23 10.68
CA LEU J 58 -22.18 9.07 9.79
C LEU J 58 -20.86 8.40 10.17
N GLY J 59 -19.92 9.17 10.72
CA GLY J 59 -18.52 8.73 10.88
C GLY J 59 -17.79 8.74 9.54
N ILE J 60 -17.94 9.81 8.77
CA ILE J 60 -17.23 10.07 7.48
C ILE J 60 -16.71 11.49 7.51
N PRO J 61 -15.40 11.74 7.25
CA PRO J 61 -14.90 13.11 7.21
C PRO J 61 -15.69 14.04 6.27
N SER J 62 -16.10 15.19 6.78
CA SER J 62 -16.86 16.25 6.06
C SER J 62 -16.22 16.54 4.68
N TYR J 63 -14.89 16.54 4.56
CA TYR J 63 -14.23 16.91 3.28
C TYR J 63 -14.50 15.82 2.24
N ILE J 64 -14.73 14.57 2.66
CA ILE J 64 -15.15 13.49 1.73
C ILE J 64 -16.49 13.91 1.10
N LEU J 65 -17.43 14.37 1.93
CA LEU J 65 -18.77 14.81 1.47
C LEU J 65 -18.56 15.89 0.40
N HIS J 66 -17.80 16.94 0.75
N HIS J 66 -17.77 16.92 0.73
CA HIS J 66 -17.47 18.08 -0.14
CA HIS J 66 -17.50 18.09 -0.17
C HIS J 66 -16.92 17.56 -1.47
C HIS J 66 -16.87 17.61 -1.48
N ARG J 67 -15.88 16.72 -1.45
CA ARG J 67 -15.25 16.20 -2.69
C ARG J 67 -16.28 15.41 -3.51
N ILE J 68 -17.26 14.78 -2.86
CA ILE J 68 -18.32 13.94 -3.53
C ILE J 68 -19.37 14.89 -4.15
N SER J 69 -19.66 16.01 -3.48
CA SER J 69 -20.54 17.11 -3.94
C SER J 69 -19.91 17.82 -5.15
N ASP J 70 -18.58 17.91 -5.19
CA ASP J 70 -17.82 18.55 -6.30
C ASP J 70 -17.98 17.68 -7.55
N GLU J 71 -17.90 16.36 -7.40
CA GLU J 71 -18.18 15.39 -8.48
C GLU J 71 -19.57 15.69 -9.06
N PHE J 72 -20.58 15.92 -8.22
CA PHE J 72 -21.97 16.16 -8.67
C PHE J 72 -21.96 17.34 -9.63
N LYS J 73 -21.54 18.50 -9.11
CA LYS J 73 -21.46 19.80 -9.83
C LYS J 73 -20.79 19.63 -11.20
N GLU J 74 -19.77 18.76 -11.28
CA GLU J 74 -18.97 18.50 -12.51
C GLU J 74 -19.75 17.52 -13.40
N LYS J 75 -19.81 16.23 -13.04
CA LYS J 75 -20.25 15.12 -13.92
C LYS J 75 -21.77 14.93 -13.89
N GLY J 76 -22.48 15.60 -12.97
CA GLY J 76 -23.94 15.49 -12.80
C GLY J 76 -24.36 14.42 -11.79
N TYR J 77 -23.46 13.46 -11.51
CA TYR J 77 -23.57 12.41 -10.46
C TYR J 77 -22.21 12.30 -9.75
N SER J 78 -21.96 11.21 -8.99
CA SER J 78 -20.70 10.99 -8.23
C SER J 78 -20.22 9.54 -8.34
N PRO J 79 -19.13 9.24 -9.07
CA PRO J 79 -18.63 7.86 -9.17
C PRO J 79 -18.02 7.33 -7.87
N THR J 80 -17.58 8.23 -7.00
CA THR J 80 -17.00 7.88 -5.68
C THR J 80 -18.16 7.39 -4.80
N LEU J 81 -19.30 8.09 -4.79
CA LEU J 81 -20.51 7.69 -4.01
C LEU J 81 -21.09 6.36 -4.52
N ASN J 82 -21.04 6.12 -5.83
CA ASN J 82 -21.67 4.91 -6.42
C ASN J 82 -20.82 3.69 -6.08
N ASP J 83 -19.50 3.86 -5.94
CA ASP J 83 -18.57 2.77 -5.54
C ASP J 83 -17.97 3.06 -4.15
N PHE J 84 -18.78 3.48 -3.18
CA PHE J 84 -18.28 3.99 -1.87
C PHE J 84 -17.63 2.86 -1.05
N GLY J 85 -18.09 1.62 -1.17
CA GLY J 85 -17.47 0.48 -0.48
C GLY J 85 -16.01 0.29 -0.89
N LYS J 86 -15.72 0.45 -2.19
CA LYS J 86 -14.38 0.27 -2.78
C LYS J 86 -13.48 1.40 -2.29
N PHE J 87 -13.95 2.65 -2.40
CA PHE J 87 -13.22 3.84 -1.89
C PHE J 87 -12.93 3.63 -0.41
N ASP J 88 -13.90 3.13 0.33
CA ASP J 88 -13.78 2.93 1.79
C ASP J 88 -12.68 1.88 2.09
N LYS J 89 -12.66 0.75 1.38
CA LYS J 89 -11.63 -0.30 1.60
C LYS J 89 -10.26 0.30 1.34
N MET J 90 -10.07 0.88 0.15
CA MET J 90 -8.78 1.46 -0.29
C MET J 90 -8.34 2.60 0.65
N TYR J 91 -9.25 3.47 1.08
CA TYR J 91 -8.98 4.65 1.96
C TYR J 91 -8.42 4.20 3.31
N SER J 92 -8.86 3.04 3.84
CA SER J 92 -8.36 2.51 5.13
C SER J 92 -6.95 1.92 4.93
N TYR J 93 -6.69 1.22 3.83
CA TYR J 93 -5.31 0.85 3.43
C TYR J 93 -4.46 2.12 3.30
N VAL J 94 -4.95 3.13 2.58
CA VAL J 94 -4.15 4.35 2.29
C VAL J 94 -3.83 5.02 3.62
N ASN J 95 -4.82 5.10 4.48
CA ASN J 95 -4.71 5.73 5.81
C ASN J 95 -3.70 5.00 6.70
N LYS J 96 -3.72 3.67 6.70
CA LYS J 96 -2.82 2.84 7.53
C LYS J 96 -1.39 3.02 7.02
N ALA J 97 -1.16 3.04 5.71
CA ALA J 97 0.17 3.24 5.08
C ALA J 97 0.75 4.56 5.58
N TYR J 98 -0.05 5.63 5.57
CA TYR J 98 0.37 7.01 5.91
C TYR J 98 0.93 7.00 7.34
N TYR J 99 0.32 6.24 8.26
CA TYR J 99 0.65 6.31 9.71
C TYR J 99 1.68 5.27 10.14
N ASN J 100 2.14 4.40 9.24
CA ASN J 100 3.02 3.27 9.63
C ASN J 100 4.27 3.20 8.75
N ASP J 101 4.31 3.96 7.66
CA ASP J 101 5.42 3.89 6.67
C ASP J 101 5.98 5.28 6.40
N GLY J 102 7.30 5.41 6.49
CA GLY J 102 8.05 6.66 6.28
C GLY J 102 8.18 7.04 4.81
N ASP J 103 7.98 6.10 3.89
CA ASP J 103 8.00 6.42 2.44
C ASP J 103 6.67 7.06 2.05
N ILE J 104 5.70 7.12 2.97
CA ILE J 104 4.32 7.64 2.71
C ILE J 104 4.13 8.93 3.51
N TYR J 105 4.24 8.84 4.84
CA TYR J 105 4.05 9.97 5.80
C TYR J 105 4.69 11.26 5.24
N TYR J 106 5.92 11.17 4.72
CA TYR J 106 6.77 12.32 4.27
C TYR J 106 6.60 12.65 2.77
N SER J 107 5.68 12.00 2.04
CA SER J 107 5.53 12.16 0.56
C SER J 107 4.07 12.39 0.13
N SER J 108 3.07 12.21 0.97
CA SER J 108 1.64 12.32 0.56
C SER J 108 1.27 13.79 0.33
N TYR J 109 0.52 14.07 -0.74
CA TYR J 109 -0.15 15.37 -0.96
C TYR J 109 -1.56 15.27 -0.37
N ASP J 110 -2.33 14.26 -0.77
CA ASP J 110 -3.80 14.17 -0.55
C ASP J 110 -4.20 12.70 -0.49
N LEU J 111 -4.68 12.25 0.68
CA LEU J 111 -5.08 10.86 0.92
C LEU J 111 -6.22 10.50 -0.03
N TYR J 112 -7.15 11.44 -0.26
CA TYR J 112 -8.33 11.21 -1.14
C TYR J 112 -7.83 10.98 -2.57
N ASP J 113 -6.98 11.88 -3.10
CA ASP J 113 -6.52 11.82 -4.51
C ASP J 113 -5.75 10.50 -4.72
N GLU J 114 -4.94 10.12 -3.73
CA GLU J 114 -4.08 8.90 -3.75
C GLU J 114 -5.00 7.67 -3.68
N THR J 115 -6.04 7.74 -2.85
CA THR J 115 -7.06 6.67 -2.70
C THR J 115 -7.67 6.43 -4.09
N ILE J 116 -8.16 7.51 -4.71
CA ILE J 116 -8.78 7.49 -6.07
C ILE J 116 -7.79 6.96 -7.12
N LYS J 117 -6.50 7.26 -7.01
CA LYS J 117 -5.49 6.89 -8.05
C LYS J 117 -5.16 5.39 -7.91
N LEU J 118 -5.03 4.87 -6.69
CA LEU J 118 -4.78 3.43 -6.49
C LEU J 118 -5.96 2.66 -7.09
N LEU J 119 -7.19 3.07 -6.77
CA LEU J 119 -8.46 2.50 -7.29
C LEU J 119 -8.42 2.46 -8.83
N GLU J 120 -8.10 3.57 -9.49
CA GLU J 120 -8.08 3.68 -10.97
C GLU J 120 -7.06 2.66 -11.53
N LEU J 121 -5.89 2.48 -10.89
CA LEU J 121 -4.84 1.54 -11.36
C LEU J 121 -5.35 0.10 -11.29
N LEU J 122 -6.00 -0.25 -10.18
CA LEU J 122 -6.52 -1.61 -9.94
C LEU J 122 -7.58 -1.92 -11.02
N LYS J 123 -8.44 -0.97 -11.35
CA LYS J 123 -9.45 -1.09 -12.43
C LYS J 123 -8.71 -1.36 -13.77
N GLU J 124 -7.71 -0.55 -14.15
CA GLU J 124 -6.93 -0.77 -15.39
C GLU J 124 -6.45 -2.22 -15.37
N SER J 125 -5.93 -2.68 -14.22
CA SER J 125 -5.35 -4.02 -13.97
C SER J 125 -6.43 -5.09 -13.75
N LYS J 126 -7.71 -4.71 -13.73
CA LYS J 126 -8.85 -5.65 -13.57
C LYS J 126 -8.64 -6.46 -12.28
N ILE J 127 -8.33 -5.77 -11.18
CA ILE J 127 -8.11 -6.35 -9.82
C ILE J 127 -9.11 -5.74 -8.86
N ASN J 128 -9.77 -6.59 -8.08
CA ASN J 128 -10.77 -6.19 -7.06
C ASN J 128 -10.03 -5.82 -5.78
N VAL J 129 -10.50 -4.78 -5.07
CA VAL J 129 -9.81 -4.19 -3.89
C VAL J 129 -9.86 -5.18 -2.70
N ASN J 130 -10.80 -6.13 -2.72
CA ASN J 130 -10.91 -7.18 -1.66
C ASN J 130 -10.00 -8.38 -1.97
N ASP J 131 -9.41 -8.47 -3.16
CA ASP J 131 -8.57 -9.64 -3.53
C ASP J 131 -7.09 -9.24 -3.47
N ILE J 132 -6.74 -8.26 -2.64
CA ILE J 132 -5.33 -7.81 -2.38
C ILE J 132 -5.16 -7.59 -0.88
N ASP J 133 -3.92 -7.63 -0.42
CA ASP J 133 -3.53 -7.38 0.99
C ASP J 133 -2.82 -6.02 1.07
N TYR J 134 -2.76 -5.46 2.28
CA TYR J 134 -2.06 -4.19 2.61
C TYR J 134 -0.67 -4.16 1.99
N ASP J 135 0.10 -5.24 2.12
CA ASP J 135 1.49 -5.27 1.62
C ASP J 135 1.48 -4.92 0.13
N TYR J 136 0.51 -5.44 -0.63
CA TYR J 136 0.35 -5.19 -2.09
C TYR J 136 0.01 -3.70 -2.33
N VAL J 137 -0.89 -3.12 -1.55
CA VAL J 137 -1.31 -1.69 -1.69
C VAL J 137 -0.08 -0.82 -1.45
N LEU J 138 0.59 -1.02 -0.32
CA LEU J 138 1.80 -0.24 0.07
C LEU J 138 2.78 -0.17 -1.09
N LYS J 139 3.11 -1.31 -1.73
CA LYS J 139 4.13 -1.37 -2.82
C LYS J 139 3.66 -0.48 -3.98
N LEU J 140 2.34 -0.46 -4.23
CA LEU J 140 1.71 0.29 -5.35
C LEU J 140 1.64 1.78 -4.99
N TYR J 141 1.37 2.10 -3.73
CA TYR J 141 1.31 3.48 -3.21
C TYR J 141 2.69 4.14 -3.36
N LYS J 142 3.74 3.50 -2.83
CA LYS J 142 5.15 3.96 -2.94
C LYS J 142 5.47 4.39 -4.39
N GLN J 143 5.06 3.61 -5.40
CA GLN J 143 5.21 3.95 -6.85
C GLN J 143 4.64 5.35 -7.14
N ILE J 144 3.37 5.62 -6.78
CA ILE J 144 2.61 6.83 -7.22
C ILE J 144 3.15 8.08 -6.50
N LEU J 145 3.75 7.93 -5.33
CA LEU J 145 4.43 9.05 -4.64
C LEU J 145 5.86 9.23 -5.16
N SER J 146 6.39 8.22 -5.88
CA SER J 146 7.74 8.22 -6.52
C SER J 146 7.59 8.45 -8.03
N PRO K 4 15.91 57.38 34.39
CA PRO K 4 14.79 56.97 35.24
C PRO K 4 13.97 58.08 35.94
N THR K 5 14.47 59.32 35.96
CA THR K 5 13.74 60.51 36.48
C THR K 5 12.82 61.01 35.35
N HIS K 6 13.21 60.76 34.09
CA HIS K 6 12.46 61.15 32.86
C HIS K 6 11.03 60.60 32.94
N TYR K 7 10.86 59.45 33.62
CA TYR K 7 9.57 58.72 33.74
C TYR K 7 8.61 59.53 34.64
N GLY K 8 9.15 60.30 35.59
CA GLY K 8 8.38 61.21 36.46
C GLY K 8 7.56 62.17 35.62
N THR K 9 8.21 62.89 34.69
CA THR K 9 7.55 63.76 33.68
C THR K 9 6.44 62.95 33.00
N ILE K 10 6.80 61.76 32.50
CA ILE K 10 5.89 60.81 31.76
C ILE K 10 4.68 60.48 32.64
N ILE K 11 4.90 59.85 33.81
CA ILE K 11 3.85 59.43 34.78
C ILE K 11 2.95 60.65 35.11
N LYS K 12 3.56 61.79 35.44
CA LYS K 12 2.85 63.07 35.73
C LYS K 12 2.07 63.50 34.49
N THR K 13 2.77 63.78 33.38
CA THR K 13 2.14 64.25 32.11
C THR K 13 0.99 63.34 31.68
N LEU K 14 1.09 62.03 31.92
CA LEU K 14 0.03 61.04 31.59
C LEU K 14 -1.18 61.35 32.46
N ARG K 15 -0.94 61.62 33.76
CA ARG K 15 -1.97 62.03 34.76
C ARG K 15 -2.63 63.35 34.30
N LYS K 16 -1.84 64.42 34.19
CA LYS K 16 -2.30 65.75 33.72
C LYS K 16 -3.18 65.57 32.48
N TYR K 17 -2.72 64.80 31.49
CA TYR K 17 -3.47 64.42 30.27
C TYR K 17 -4.67 63.51 30.64
N MET K 18 -4.50 62.61 31.60
CA MET K 18 -5.51 61.56 31.91
C MET K 18 -6.77 62.18 32.56
N LYS K 19 -6.73 63.47 32.92
CA LYS K 19 -7.89 64.23 33.45
C LYS K 19 -8.29 63.63 34.81
N LEU K 20 -7.29 63.41 35.69
CA LEU K 20 -7.45 62.88 37.07
C LEU K 20 -6.39 63.53 37.97
N THR K 21 -6.80 64.00 39.16
CA THR K 21 -5.92 64.69 40.14
C THR K 21 -4.87 63.70 40.69
N GLN K 22 -3.91 64.22 41.48
CA GLN K 22 -2.91 63.39 42.20
C GLN K 22 -3.71 62.39 43.05
N SER K 23 -4.60 62.90 43.92
CA SER K 23 -5.54 62.12 44.76
C SER K 23 -6.28 61.08 43.90
N LYS K 24 -6.69 61.46 42.68
CA LYS K 24 -7.40 60.59 41.71
C LYS K 24 -6.55 59.33 41.40
N LEU K 25 -5.26 59.51 41.09
CA LEU K 25 -4.29 58.41 40.83
C LEU K 25 -3.56 58.02 42.12
N SER K 26 -3.54 58.91 43.13
CA SER K 26 -2.81 58.73 44.42
C SER K 26 -3.61 57.82 45.37
N GLU K 27 -4.84 57.47 45.00
CA GLU K 27 -5.67 56.45 45.72
C GLU K 27 -5.40 55.07 45.12
N ARG K 28 -4.86 55.03 43.90
CA ARG K 28 -4.72 53.78 43.09
C ARG K 28 -3.28 53.25 43.17
N THR K 29 -3.16 51.94 43.42
CA THR K 29 -1.87 51.19 43.55
C THR K 29 -0.98 52.01 44.48
N GLY K 30 -1.50 52.41 45.66
CA GLY K 30 -0.83 53.37 46.57
C GLY K 30 -0.63 54.72 45.87
N GLN K 33 3.63 63.39 48.70
CA GLN K 33 2.15 63.15 48.62
C GLN K 33 1.93 61.64 48.39
N ASN K 34 1.29 60.93 49.32
CA ASN K 34 1.30 59.43 49.32
C ASN K 34 2.79 59.02 49.25
N THR K 35 3.20 58.27 48.22
CA THR K 35 4.63 57.88 48.00
C THR K 35 5.11 58.43 46.64
N ILE K 36 4.60 59.59 46.22
CA ILE K 36 4.92 60.25 44.91
C ILE K 36 5.79 61.49 45.15
N SER K 37 7.11 61.38 44.94
CA SER K 37 8.10 62.48 45.09
C SER K 37 8.99 62.56 43.83
N ASN K 38 9.10 63.75 43.20
CA ASN K 38 9.64 63.93 41.81
C ASN K 38 8.78 63.13 40.81
N HIS K 39 7.77 62.39 41.32
CA HIS K 39 6.81 61.59 40.51
C HIS K 39 5.62 62.51 40.13
N ILE K 53 7.37 49.83 35.52
CA ILE K 53 6.93 50.90 36.47
C ILE K 53 5.76 50.43 37.38
N TYR K 54 5.43 49.11 37.37
CA TYR K 54 4.35 48.50 38.20
C TYR K 54 2.98 48.83 37.57
N GLY K 55 2.92 49.85 36.71
CA GLY K 55 1.65 50.30 36.15
C GLY K 55 0.95 51.23 37.12
N LYS K 56 0.44 52.36 36.61
CA LYS K 56 -0.42 53.30 37.37
C LYS K 56 -1.85 52.74 37.38
N GLY K 57 -2.03 51.52 37.91
CA GLY K 57 -3.26 50.71 37.78
C GLY K 57 -3.46 50.26 36.34
N LEU K 58 -2.37 49.96 35.65
CA LEU K 58 -2.32 49.77 34.16
C LEU K 58 -2.84 51.04 33.47
N GLY K 59 -2.78 52.20 34.15
CA GLY K 59 -3.34 53.48 33.70
C GLY K 59 -3.10 53.67 32.21
N ILE K 60 -1.86 53.39 31.80
CA ILE K 60 -1.42 53.23 30.38
C ILE K 60 -0.61 51.94 30.30
N PRO K 61 -0.79 51.06 29.28
CA PRO K 61 0.07 49.89 29.16
C PRO K 61 1.53 50.30 29.40
N SER K 62 2.27 49.59 30.27
CA SER K 62 3.69 49.89 30.59
C SER K 62 4.57 49.84 29.33
N TYR K 63 4.15 49.11 28.28
CA TYR K 63 4.82 49.03 26.96
C TYR K 63 5.11 50.46 26.43
N ILE K 64 4.07 51.31 26.44
CA ILE K 64 4.06 52.70 25.90
C ILE K 64 4.92 53.60 26.81
N LEU K 65 4.73 53.50 28.14
CA LEU K 65 5.54 54.25 29.15
C LEU K 65 7.01 53.96 28.87
N HIS K 66 7.38 52.68 28.64
CA HIS K 66 8.77 52.26 28.33
C HIS K 66 9.18 52.72 26.92
N ARG K 67 8.23 52.85 26.00
CA ARG K 67 8.51 53.27 24.60
C ARG K 67 8.82 54.77 24.56
N ILE K 68 8.05 55.57 25.32
CA ILE K 68 8.22 57.06 25.47
C ILE K 68 9.56 57.32 26.16
N SER K 69 9.87 56.54 27.20
CA SER K 69 11.19 56.52 27.89
C SER K 69 12.31 56.34 26.85
N ASP K 70 12.14 55.41 25.89
CA ASP K 70 13.18 55.03 24.89
C ASP K 70 13.44 56.22 23.94
N GLU K 71 12.43 57.06 23.67
CA GLU K 71 12.57 58.26 22.79
C GLU K 71 13.42 59.35 23.49
N PHE K 72 13.45 59.40 24.82
CA PHE K 72 14.30 60.30 25.64
C PHE K 72 15.78 59.98 25.39
N LYS K 73 16.11 58.69 25.28
CA LYS K 73 17.52 58.19 25.15
C LYS K 73 18.01 58.29 23.69
N GLU K 74 17.17 58.73 22.75
CA GLU K 74 17.54 58.87 21.31
C GLU K 74 17.50 60.36 20.93
N LYS K 75 16.35 61.02 21.14
CA LYS K 75 16.17 62.50 21.08
C LYS K 75 15.89 62.98 22.52
N GLY K 76 16.45 64.11 22.94
CA GLY K 76 16.38 64.62 24.33
C GLY K 76 14.98 64.57 24.94
N TYR K 77 13.95 64.74 24.09
CA TYR K 77 12.51 64.89 24.42
C TYR K 77 11.71 63.68 23.87
N SER K 78 10.39 63.69 24.06
CA SER K 78 9.40 62.77 23.44
C SER K 78 8.31 63.58 22.74
N PRO K 79 8.27 63.62 21.39
CA PRO K 79 7.16 64.26 20.67
C PRO K 79 5.82 63.52 20.88
N THR K 80 5.93 62.21 21.20
CA THR K 80 4.79 61.32 21.47
C THR K 80 4.07 61.80 22.73
N LEU K 81 4.80 62.00 23.83
CA LEU K 81 4.21 62.54 25.09
C LEU K 81 3.77 63.99 24.87
N ASN K 82 4.61 64.78 24.19
CA ASN K 82 4.33 66.21 23.86
C ASN K 82 2.94 66.32 23.25
N ASP K 83 2.48 65.30 22.52
CA ASP K 83 1.06 65.20 22.05
C ASP K 83 0.55 63.75 22.19
N PHE K 84 0.28 63.34 23.43
CA PHE K 84 -0.27 61.99 23.75
C PHE K 84 -1.74 61.93 23.33
N GLY K 85 -2.41 63.08 23.24
CA GLY K 85 -3.81 63.17 22.78
C GLY K 85 -3.95 62.55 21.41
N LYS K 86 -3.19 63.08 20.45
CA LYS K 86 -3.22 62.67 19.02
C LYS K 86 -2.79 61.19 18.91
N PHE K 87 -1.78 60.76 19.67
CA PHE K 87 -1.22 59.38 19.65
C PHE K 87 -2.31 58.36 20.02
N ASP K 88 -2.84 58.45 21.25
CA ASP K 88 -3.80 57.46 21.82
C ASP K 88 -4.90 57.14 20.81
N LYS K 89 -5.38 58.16 20.07
CA LYS K 89 -6.39 58.02 18.98
C LYS K 89 -5.80 57.13 17.87
N MET K 90 -4.61 57.49 17.38
CA MET K 90 -3.98 56.84 16.20
C MET K 90 -3.61 55.38 16.52
N TYR K 91 -2.96 55.14 17.66
CA TYR K 91 -2.58 53.79 18.14
C TYR K 91 -3.80 52.87 18.12
N SER K 92 -4.94 53.34 18.63
CA SER K 92 -6.20 52.55 18.71
C SER K 92 -6.63 52.14 17.31
N TYR K 93 -6.45 53.01 16.31
CA TYR K 93 -6.74 52.70 14.89
C TYR K 93 -5.72 51.68 14.38
N VAL K 94 -4.43 52.00 14.50
CA VAL K 94 -3.31 51.14 14.04
C VAL K 94 -3.50 49.75 14.63
N ASN K 95 -4.00 49.65 15.86
CA ASN K 95 -4.26 48.35 16.53
C ASN K 95 -5.43 47.66 15.83
N LYS K 96 -6.53 48.36 15.54
CA LYS K 96 -7.73 47.75 14.91
C LYS K 96 -7.30 47.13 13.57
N ALA K 97 -6.54 47.88 12.78
CA ALA K 97 -6.04 47.47 11.45
C ALA K 97 -5.17 46.22 11.57
N TYR K 98 -4.33 46.18 12.62
CA TYR K 98 -3.37 45.08 12.87
C TYR K 98 -4.13 43.78 13.13
N TYR K 99 -5.09 43.80 14.05
CA TYR K 99 -5.77 42.59 14.55
C TYR K 99 -6.94 42.22 13.62
N ASN K 100 -7.30 43.06 12.64
CA ASN K 100 -8.52 42.81 11.82
C ASN K 100 -8.22 42.80 10.33
N ASP K 101 -7.07 43.31 9.88
CA ASP K 101 -6.78 43.36 8.42
C ASP K 101 -5.55 42.51 8.08
N GLY K 102 -5.77 41.48 7.24
CA GLY K 102 -4.75 40.61 6.65
C GLY K 102 -3.67 41.40 5.94
N ASP K 103 -4.00 42.49 5.26
CA ASP K 103 -2.99 43.34 4.58
C ASP K 103 -2.02 43.88 5.64
N ILE K 104 -2.48 44.25 6.84
CA ILE K 104 -1.64 44.91 7.89
C ILE K 104 -0.86 43.86 8.68
N TYR K 105 -1.50 42.79 9.12
CA TYR K 105 -0.93 41.81 10.10
C TYR K 105 0.37 41.19 9.60
N TYR K 106 0.44 40.88 8.29
CA TYR K 106 1.57 40.12 7.71
C TYR K 106 2.63 41.08 7.20
N SER K 107 2.32 42.38 7.18
CA SER K 107 3.12 43.42 6.49
C SER K 107 3.66 44.49 7.47
N SER K 108 3.11 44.57 8.69
CA SER K 108 3.54 45.53 9.73
C SER K 108 4.97 45.20 10.14
N TYR K 109 5.71 46.20 10.64
CA TYR K 109 7.07 46.04 11.19
C TYR K 109 7.08 46.43 12.67
N ASP K 110 6.35 47.50 13.03
CA ASP K 110 6.24 48.00 14.43
C ASP K 110 5.13 49.05 14.56
N LEU K 111 4.05 48.72 15.28
CA LEU K 111 2.78 49.52 15.35
C LEU K 111 3.02 50.90 15.98
N TYR K 112 3.84 50.97 17.03
CA TYR K 112 4.24 52.25 17.68
C TYR K 112 4.83 53.17 16.61
N ASP K 113 5.96 52.79 16.00
CA ASP K 113 6.65 53.52 14.89
C ASP K 113 5.67 53.89 13.77
N GLU K 114 4.86 52.93 13.32
CA GLU K 114 3.91 53.14 12.19
C GLU K 114 2.88 54.19 12.59
N THR K 115 2.49 54.22 13.86
CA THR K 115 1.55 55.23 14.43
C THR K 115 2.19 56.62 14.32
N ILE K 116 3.40 56.76 14.86
CA ILE K 116 4.25 57.98 14.86
C ILE K 116 4.39 58.50 13.41
N LYS K 117 4.59 57.61 12.43
CA LYS K 117 4.76 57.93 11.00
C LYS K 117 3.46 58.52 10.43
N LEU K 118 2.30 57.93 10.78
CA LEU K 118 0.96 58.39 10.33
C LEU K 118 0.64 59.77 10.92
N LEU K 119 0.90 60.01 12.21
CA LEU K 119 0.78 61.34 12.86
C LEU K 119 1.67 62.36 12.15
N GLU K 120 2.88 61.95 11.75
CA GLU K 120 3.90 62.77 11.05
C GLU K 120 3.31 63.28 9.73
N LEU K 121 2.79 62.35 8.91
CA LEU K 121 2.21 62.65 7.57
C LEU K 121 0.99 63.56 7.72
N LEU K 122 0.09 63.27 8.67
CA LEU K 122 -1.15 64.05 8.95
C LEU K 122 -0.82 65.51 9.29
N LYS K 123 0.22 65.73 10.10
CA LYS K 123 0.66 67.06 10.57
C LYS K 123 1.15 67.91 9.39
N GLU K 124 1.80 67.30 8.40
CA GLU K 124 2.38 68.01 7.22
C GLU K 124 1.29 68.27 6.18
N SER K 125 0.23 67.45 6.20
CA SER K 125 -1.02 67.62 5.41
C SER K 125 -1.99 68.54 6.16
N LYS K 126 -1.57 69.05 7.33
CA LYS K 126 -2.37 69.94 8.22
C LYS K 126 -3.74 69.29 8.52
N ILE K 127 -3.80 67.95 8.68
CA ILE K 127 -5.03 67.18 9.03
C ILE K 127 -4.97 66.78 10.52
N ASN K 128 -6.11 66.87 11.22
CA ASN K 128 -6.24 66.54 12.67
C ASN K 128 -6.65 65.07 12.83
N VAL K 129 -6.08 64.39 13.82
CA VAL K 129 -6.34 62.95 14.16
C VAL K 129 -7.81 62.78 14.57
N ASN K 130 -8.31 63.66 15.44
CA ASN K 130 -9.67 63.60 16.06
C ASN K 130 -10.75 63.82 14.98
N ASP K 131 -10.43 64.50 13.88
CA ASP K 131 -11.37 64.84 12.77
C ASP K 131 -11.13 63.93 11.56
N ILE K 132 -10.84 62.63 11.79
CA ILE K 132 -10.55 61.62 10.74
C ILE K 132 -11.18 60.29 11.17
N ASP K 133 -11.59 59.45 10.20
CA ASP K 133 -12.21 58.13 10.47
C ASP K 133 -11.16 57.03 10.22
N TYR K 134 -11.45 55.80 10.65
CA TYR K 134 -10.56 54.62 10.52
C TYR K 134 -10.21 54.43 9.03
N ASP K 135 -11.23 54.36 8.18
CA ASP K 135 -11.09 54.04 6.73
C ASP K 135 -9.99 54.91 6.11
N TYR K 136 -10.00 56.23 6.37
CA TYR K 136 -8.96 57.16 5.85
C TYR K 136 -7.58 56.66 6.31
N VAL K 137 -7.41 56.49 7.62
CA VAL K 137 -6.12 56.12 8.27
C VAL K 137 -5.68 54.77 7.70
N LEU K 138 -6.59 53.79 7.62
CA LEU K 138 -6.34 52.43 7.06
C LEU K 138 -5.74 52.53 5.64
N LYS K 139 -6.29 53.39 4.77
CA LYS K 139 -5.79 53.61 3.38
C LYS K 139 -4.32 54.06 3.47
N LEU K 140 -4.07 55.16 4.20
CA LEU K 140 -2.71 55.72 4.42
C LEU K 140 -1.82 54.57 4.92
N TYR K 141 -2.24 53.93 6.02
CA TYR K 141 -1.50 52.81 6.65
C TYR K 141 -1.05 51.84 5.56
N LYS K 142 -2.00 51.29 4.78
CA LYS K 142 -1.69 50.31 3.72
C LYS K 142 -0.57 50.87 2.85
N GLN K 143 -0.66 52.16 2.46
CA GLN K 143 0.33 52.86 1.58
C GLN K 143 1.74 52.85 2.19
N ILE K 144 1.90 53.27 3.46
CA ILE K 144 3.25 53.40 4.11
C ILE K 144 3.87 52.00 4.25
N LEU K 145 3.06 50.95 4.33
CA LEU K 145 3.51 49.53 4.48
C LEU K 145 4.00 48.95 3.13
N SER K 146 3.65 49.57 2.00
CA SER K 146 4.00 49.12 0.62
C SER K 146 5.13 49.97 0.03
N ALA L 1 29.70 -19.26 3.50
CA ALA L 1 29.31 -19.35 2.06
C ALA L 1 27.94 -20.02 1.92
N GLU L 2 27.16 -19.63 0.90
CA GLU L 2 25.84 -20.23 0.55
C GLU L 2 26.06 -21.33 -0.49
N LEU L 3 26.91 -21.07 -1.50
CA LEU L 3 27.30 -22.02 -2.58
C LEU L 3 28.82 -22.07 -2.73
N PRO L 4 29.37 -23.12 -3.38
CA PRO L 4 30.81 -23.18 -3.67
C PRO L 4 31.27 -22.07 -4.62
N THR L 5 32.58 -21.99 -4.89
CA THR L 5 33.15 -21.19 -6.00
C THR L 5 33.47 -22.16 -7.16
N HIS L 6 32.59 -23.15 -7.37
CA HIS L 6 32.65 -24.21 -8.42
C HIS L 6 32.95 -23.58 -9.79
N GLY L 8 32.02 -18.87 -9.01
CA GLY L 8 32.91 -17.69 -9.15
C GLY L 8 33.82 -17.82 -10.35
N THR L 9 34.46 -18.98 -10.50
CA THR L 9 35.19 -19.38 -11.74
C THR L 9 34.21 -19.25 -12.92
N ILE L 10 33.09 -19.98 -12.90
CA ILE L 10 32.06 -20.02 -13.98
C ILE L 10 31.58 -18.59 -14.30
N ILE L 11 31.25 -17.77 -13.28
CA ILE L 11 30.79 -16.37 -13.49
C ILE L 11 31.95 -15.56 -14.11
N LYS L 12 33.16 -15.66 -13.56
CA LYS L 12 34.39 -14.94 -14.03
C LYS L 12 34.80 -15.47 -15.42
N THR L 13 34.76 -16.79 -15.63
CA THR L 13 35.05 -17.46 -16.93
C THR L 13 34.03 -17.01 -17.99
N LEU L 14 32.75 -16.94 -17.61
CA LEU L 14 31.60 -16.60 -18.50
C LEU L 14 31.62 -15.11 -18.80
N ARG L 15 31.85 -14.27 -17.77
CA ARG L 15 31.95 -12.79 -17.93
C ARG L 15 32.91 -12.49 -19.07
N LYS L 16 34.11 -13.09 -19.04
CA LYS L 16 35.24 -12.84 -19.98
C LYS L 16 34.89 -13.37 -21.38
N TYR L 17 34.15 -14.48 -21.47
CA TYR L 17 33.57 -14.99 -22.74
C TYR L 17 32.62 -13.95 -23.33
N MET L 18 31.62 -13.51 -22.54
CA MET L 18 30.57 -12.56 -22.98
C MET L 18 31.24 -11.28 -23.52
N LYS L 19 32.51 -11.05 -23.16
CA LYS L 19 33.27 -9.83 -23.52
C LYS L 19 32.65 -8.64 -22.77
N LEU L 20 32.14 -8.89 -21.56
CA LEU L 20 31.57 -7.88 -20.64
C LEU L 20 32.72 -7.22 -19.86
N THR L 21 32.66 -5.90 -19.69
CA THR L 21 33.73 -5.08 -19.06
C THR L 21 33.65 -5.20 -17.54
N GLN L 22 32.55 -5.79 -17.02
CA GLN L 22 32.27 -5.98 -15.57
C GLN L 22 32.41 -4.63 -14.85
N SER L 23 31.77 -3.59 -15.40
CA SER L 23 31.79 -2.20 -14.87
C SER L 23 30.40 -1.56 -14.97
N LYS L 24 29.46 -2.21 -15.67
CA LYS L 24 28.04 -1.77 -15.81
C LYS L 24 27.20 -2.44 -14.73
N LEU L 25 26.77 -1.68 -13.71
CA LEU L 25 25.85 -2.12 -12.64
C LEU L 25 26.44 -3.33 -11.91
N GLY L 47 25.83 -16.23 -3.59
CA GLY L 47 24.57 -16.66 -2.93
C GLY L 47 23.61 -17.35 -3.91
N VAL L 48 22.61 -18.07 -3.38
CA VAL L 48 21.56 -18.74 -4.22
C VAL L 48 20.73 -17.66 -4.94
N ASN L 49 20.34 -16.59 -4.22
CA ASN L 49 19.51 -15.51 -4.80
C ASN L 49 20.36 -14.63 -5.72
N GLU L 50 21.69 -14.61 -5.52
CA GLU L 50 22.65 -13.75 -6.27
C GLU L 50 23.03 -14.39 -7.62
N ILE L 51 22.62 -15.62 -7.91
CA ILE L 51 22.97 -16.39 -9.15
C ILE L 51 21.72 -16.59 -10.05
N GLY L 55 21.26 -10.46 -9.60
CA GLY L 55 22.08 -9.97 -10.72
C GLY L 55 22.28 -11.03 -11.79
N LYS L 56 23.09 -12.07 -11.49
CA LYS L 56 23.41 -13.22 -12.38
C LYS L 56 24.05 -12.75 -13.70
N GLY L 57 24.67 -11.56 -13.72
CA GLY L 57 25.35 -10.97 -14.89
C GLY L 57 24.36 -10.54 -15.97
N LEU L 58 24.61 -10.97 -17.21
CA LEU L 58 23.65 -10.70 -18.30
C LEU L 58 22.32 -11.33 -17.89
N GLY L 59 22.37 -12.27 -16.94
CA GLY L 59 21.16 -13.01 -16.53
C GLY L 59 20.95 -14.21 -17.42
N ILE L 60 21.99 -14.63 -18.17
CA ILE L 60 21.87 -15.76 -19.13
C ILE L 60 21.27 -16.95 -18.40
N PRO L 61 20.37 -17.75 -19.03
CA PRO L 61 19.68 -18.86 -18.36
C PRO L 61 20.40 -19.35 -17.11
N SER L 62 19.94 -18.90 -15.93
CA SER L 62 20.61 -19.23 -14.64
C SER L 62 20.69 -20.75 -14.40
N TYR L 63 19.80 -21.52 -15.02
CA TYR L 63 19.88 -23.00 -14.88
C TYR L 63 21.25 -23.47 -15.41
N LEU L 65 24.32 -22.62 -15.83
CA LEU L 65 25.15 -22.38 -14.61
C LEU L 65 25.09 -23.60 -13.66
N HIS L 66 23.91 -24.22 -13.52
CA HIS L 66 23.65 -25.34 -12.57
C HIS L 66 23.92 -26.68 -13.28
N ILE L 68 26.90 -27.12 -15.45
CA ILE L 68 28.20 -26.39 -15.30
C ILE L 68 28.68 -26.59 -13.84
N SER L 69 28.09 -25.90 -12.85
CA SER L 69 28.35 -26.12 -11.40
C SER L 69 28.21 -27.61 -11.07
N ASP L 70 27.38 -28.33 -11.83
CA ASP L 70 27.10 -29.80 -11.69
C ASP L 70 28.06 -30.61 -12.57
N GLU L 71 28.46 -30.06 -13.73
CA GLU L 71 29.51 -30.64 -14.62
C GLU L 71 30.85 -30.65 -13.85
N PHE L 72 31.16 -29.54 -13.17
CA PHE L 72 32.22 -29.42 -12.12
C PHE L 72 31.97 -30.47 -11.03
N LYS L 73 30.80 -30.39 -10.39
CA LYS L 73 30.48 -31.13 -9.12
C LYS L 73 30.94 -32.58 -9.24
N GLU L 74 30.82 -33.20 -10.43
CA GLU L 74 31.02 -34.66 -10.64
C GLU L 74 32.14 -34.95 -11.67
N LYS L 75 33.00 -33.98 -12.00
CA LYS L 75 34.22 -34.20 -12.84
C LYS L 75 35.37 -33.24 -12.46
N GLY L 76 35.19 -32.40 -11.44
CA GLY L 76 36.17 -31.39 -10.98
C GLY L 76 36.16 -30.14 -11.85
N TYR L 77 35.65 -30.23 -13.08
CA TYR L 77 35.61 -29.13 -14.09
C TYR L 77 34.44 -29.36 -15.07
N SER L 78 33.95 -28.29 -15.71
CA SER L 78 32.86 -28.32 -16.73
C SER L 78 33.45 -28.37 -18.14
N PRO L 79 33.23 -29.45 -18.93
CA PRO L 79 33.57 -29.42 -20.36
C PRO L 79 32.76 -28.38 -21.15
N THR L 80 31.45 -28.30 -20.89
CA THR L 80 30.51 -27.28 -21.44
C THR L 80 31.12 -25.88 -21.25
N LEU L 81 31.67 -25.59 -20.06
CA LEU L 81 32.22 -24.25 -19.69
C LEU L 81 33.49 -23.95 -20.48
N ASN L 82 34.20 -24.98 -20.98
CA ASN L 82 35.49 -24.81 -21.70
C ASN L 82 35.24 -24.65 -23.20
N ASP L 83 34.64 -25.66 -23.86
CA ASP L 83 34.17 -25.57 -25.28
C ASP L 83 32.76 -24.97 -25.29
N PHE L 84 32.59 -23.76 -24.73
CA PHE L 84 31.25 -23.13 -24.57
C PHE L 84 30.73 -22.48 -25.84
N GLY L 85 31.56 -21.74 -26.56
CA GLY L 85 31.11 -21.16 -27.83
C GLY L 85 30.28 -22.16 -28.60
N LYS L 86 30.76 -23.39 -28.73
CA LYS L 86 29.99 -24.45 -29.42
C LYS L 86 28.64 -24.61 -28.72
N PHE L 87 28.63 -24.91 -27.42
CA PHE L 87 27.36 -25.12 -26.67
C PHE L 87 26.38 -23.98 -26.99
N ASP L 88 26.80 -22.73 -26.79
CA ASP L 88 25.96 -21.50 -26.95
C ASP L 88 25.50 -21.35 -28.40
N LYS L 89 26.38 -21.62 -29.38
CA LYS L 89 26.09 -21.47 -30.84
C LYS L 89 25.30 -22.68 -31.35
N MET L 90 25.23 -23.76 -30.55
CA MET L 90 24.35 -24.93 -30.78
C MET L 90 23.04 -24.76 -29.99
N TYR L 91 23.13 -24.24 -28.76
CA TYR L 91 21.99 -24.01 -27.84
C TYR L 91 20.96 -23.11 -28.53
N SER L 92 21.44 -22.04 -29.18
CA SER L 92 20.70 -21.19 -30.15
C SER L 92 19.79 -22.07 -31.02
N TYR L 93 20.38 -23.00 -31.77
CA TYR L 93 19.67 -23.82 -32.79
C TYR L 93 18.66 -24.74 -32.09
N VAL L 94 18.92 -25.14 -30.84
CA VAL L 94 17.98 -25.97 -30.02
C VAL L 94 16.82 -25.08 -29.57
N ASN L 95 17.15 -24.04 -28.81
CA ASN L 95 16.19 -23.04 -28.27
C ASN L 95 15.30 -22.55 -29.40
N LYS L 96 15.87 -21.99 -30.49
CA LYS L 96 15.11 -21.55 -31.70
C LYS L 96 14.21 -22.69 -32.21
N ALA L 97 14.71 -23.92 -32.36
CA ALA L 97 13.94 -25.06 -32.89
C ALA L 97 12.78 -25.39 -31.94
N TYR L 98 13.00 -25.31 -30.63
CA TYR L 98 11.99 -25.61 -29.57
C TYR L 98 10.76 -24.69 -29.72
N TYR L 99 11.00 -23.39 -29.91
CA TYR L 99 9.95 -22.36 -29.94
C TYR L 99 9.32 -22.23 -31.33
N ASN L 100 9.63 -23.07 -32.31
CA ASN L 100 9.19 -22.81 -33.70
C ASN L 100 8.76 -24.08 -34.45
N ASP L 101 9.04 -25.27 -33.94
CA ASP L 101 8.60 -26.54 -34.57
C ASP L 101 7.84 -27.37 -33.53
N GLY L 102 6.74 -28.00 -33.97
CA GLY L 102 5.83 -28.80 -33.14
C GLY L 102 6.45 -30.12 -32.74
N ASP L 103 7.22 -30.73 -33.65
CA ASP L 103 7.83 -32.07 -33.43
C ASP L 103 8.86 -31.97 -32.30
N ILE L 104 9.32 -30.77 -31.94
CA ILE L 104 10.32 -30.55 -30.86
C ILE L 104 9.62 -30.17 -29.54
N TYR L 105 8.78 -29.13 -29.55
CA TYR L 105 8.13 -28.48 -28.37
C TYR L 105 7.39 -29.48 -27.48
N TYR L 106 6.69 -30.45 -28.08
CA TYR L 106 5.75 -31.39 -27.43
C TYR L 106 6.44 -32.69 -26.99
N SER L 107 7.72 -32.84 -27.38
CA SER L 107 8.53 -34.09 -27.26
C SER L 107 9.70 -33.88 -26.30
N SER L 108 10.41 -32.74 -26.40
CA SER L 108 11.61 -32.35 -25.59
C SER L 108 11.40 -32.69 -24.11
N TYR L 109 12.46 -33.19 -23.43
CA TYR L 109 12.49 -33.50 -21.97
C TYR L 109 13.35 -32.45 -21.25
N ASP L 110 14.53 -32.12 -21.80
CA ASP L 110 15.42 -31.05 -21.24
C ASP L 110 16.31 -30.49 -22.34
N LEU L 111 16.43 -29.17 -22.37
CA LEU L 111 17.06 -28.42 -23.49
C LEU L 111 18.59 -28.52 -23.40
N TYR L 112 19.15 -28.42 -22.19
CA TYR L 112 20.61 -28.57 -21.93
C TYR L 112 21.04 -29.95 -22.45
N ASP L 113 20.43 -31.00 -21.88
CA ASP L 113 20.72 -32.43 -22.21
C ASP L 113 20.70 -32.59 -23.73
N GLU L 114 19.67 -32.05 -24.39
CA GLU L 114 19.45 -32.25 -25.85
C GLU L 114 20.56 -31.54 -26.63
N THR L 115 20.96 -30.34 -26.21
CA THR L 115 22.13 -29.65 -26.78
C THR L 115 23.33 -30.60 -26.62
N ILE L 116 23.72 -30.89 -25.37
CA ILE L 116 24.90 -31.72 -24.98
C ILE L 116 24.90 -33.02 -25.79
N LYS L 117 23.78 -33.77 -25.80
CA LYS L 117 23.68 -35.12 -26.42
C LYS L 117 23.58 -35.01 -27.95
N LEU L 118 23.70 -33.81 -28.54
CA LEU L 118 23.77 -33.61 -30.00
C LEU L 118 25.15 -33.06 -30.40
N LEU L 119 25.81 -32.29 -29.53
CA LEU L 119 27.22 -31.86 -29.73
C LEU L 119 28.13 -33.06 -29.41
N GLU L 120 27.80 -33.84 -28.36
CA GLU L 120 28.46 -35.13 -27.97
C GLU L 120 28.16 -36.19 -29.04
N LEU L 121 27.37 -35.85 -30.04
CA LEU L 121 27.02 -36.71 -31.21
C LEU L 121 27.27 -35.88 -32.49
N LEU L 122 27.97 -34.76 -32.36
C LEU L 122 30.90 -33.99 -34.31
N LYS L 123 31.08 -34.21 -33.00
CA LYS L 123 32.20 -35.00 -32.43
C LYS L 123 32.22 -36.38 -33.05
N GLU L 124 31.05 -37.02 -33.18
CA GLU L 124 30.99 -38.41 -33.71
C GLU L 124 30.98 -38.39 -35.24
N SER L 125 31.45 -37.31 -35.88
CA SER L 125 31.53 -37.24 -37.35
C SER L 125 32.58 -36.19 -37.75
N ILE L 127 30.59 -30.63 -39.17
CA ILE L 127 30.53 -31.17 -37.78
C ILE L 127 31.48 -30.39 -36.85
N ASN L 128 31.65 -29.08 -37.10
CA ASN L 128 32.47 -28.15 -36.27
C ASN L 128 31.49 -27.31 -35.43
N VAL L 129 32.03 -26.48 -34.51
CA VAL L 129 31.21 -25.52 -33.72
C VAL L 129 30.34 -24.72 -34.70
N ASN L 130 30.85 -24.48 -35.92
CA ASN L 130 30.07 -23.92 -37.05
C ASN L 130 29.16 -25.04 -37.57
N ASP L 131 27.89 -25.04 -37.12
CA ASP L 131 26.82 -25.96 -37.59
C ASP L 131 26.46 -25.63 -39.04
N ILE L 132 26.46 -26.64 -39.91
CA ILE L 132 26.30 -26.49 -41.39
C ILE L 132 25.09 -25.60 -41.65
N ASP L 133 23.91 -26.06 -41.23
CA ASP L 133 22.62 -25.33 -41.37
C ASP L 133 21.71 -25.80 -40.22
N TYR L 134 20.90 -24.89 -39.67
CA TYR L 134 19.86 -25.19 -38.65
C TYR L 134 18.98 -26.35 -39.14
N ASP L 135 18.68 -26.42 -40.44
CA ASP L 135 17.75 -27.43 -41.03
C ASP L 135 18.34 -28.84 -40.91
N TYR L 136 19.68 -28.96 -40.75
CA TYR L 136 20.40 -30.24 -40.49
C TYR L 136 20.44 -30.49 -38.97
N VAL L 137 20.58 -29.41 -38.20
CA VAL L 137 20.52 -29.42 -36.70
C VAL L 137 19.13 -29.90 -36.25
N LEU L 138 18.08 -29.54 -37.01
CA LEU L 138 16.66 -29.89 -36.73
C LEU L 138 16.37 -31.34 -37.14
N LYS L 139 16.98 -31.83 -38.24
CA LYS L 139 16.87 -33.24 -38.70
C LYS L 139 17.54 -34.16 -37.67
N LEU L 140 18.68 -33.73 -37.11
CA LEU L 140 19.43 -34.50 -36.07
C LEU L 140 18.66 -34.44 -34.74
N TYR L 141 17.80 -33.44 -34.54
CA TYR L 141 17.09 -33.16 -33.26
C TYR L 141 15.84 -34.06 -33.12
N LYS L 142 15.11 -34.35 -34.21
CA LYS L 142 13.88 -35.19 -34.15
C LYS L 142 14.24 -36.69 -34.21
N GLN L 143 15.52 -37.00 -34.46
CA GLN L 143 16.06 -38.39 -34.36
C GLN L 143 16.39 -38.65 -32.89
N ILE L 144 16.96 -37.67 -32.18
CA ILE L 144 17.30 -37.80 -30.72
C ILE L 144 15.99 -37.90 -29.91
N LEU L 145 14.86 -37.43 -30.47
CA LEU L 145 13.51 -37.44 -29.82
C LEU L 145 12.55 -38.39 -30.55
N THR L 147 13.35 -42.86 -29.59
CA THR L 147 12.13 -43.44 -28.97
C THR L 147 12.38 -43.72 -27.47
#